data_1TKA
#
_entry.id   1TKA
#
_cell.length_a   76.300
_cell.length_b   113.300
_cell.length_c   160.900
_cell.angle_alpha   90.00
_cell.angle_beta   90.00
_cell.angle_gamma   90.00
#
_symmetry.space_group_name_H-M   'P 21 21 21'
#
loop_
_entity.id
_entity.type
_entity.pdbx_description
1 polymer TRANSKETOLASE
2 non-polymer 'CALCIUM ION'
3 non-polymer "3'-DEAZO-THIAMIN DIPHOSPHATE"
#
_entity_poly.entity_id   1
_entity_poly.type   'polypeptide(L)'
_entity_poly.pdbx_seq_one_letter_code
;QFTDIDKLAVSTIRILAVDTVSKANSGHPGAPLGMAPAAHVLWSQMRMNPTNPDWINRDRFVLSNGHAVALLYSMLHLTG
YDLSIEDLKQFRQLGSRTPGHPEFELPGVEVTTGPLGQGISNAVGMAMAQANLAATYNKPGFTLSDNYTYVFLGDGCLQE
GISSEASSLAGHLKLGNLIAIYDDNKITIDGATSISFDEDVAKRYEAYGWEVLYVENGNEDLAGIAKAIAQAKLSKDKPT
LIKMTTTIGYGSLHAGSHSVHGAPLKADDVKQLKSKFGFNPDKSFVVPQEVYDHYQKTILKPGVEANNKWNKLFSEYQKK
FPELGAELARRLSGQLPANWESKLPTYTAKDSAVATRKLSETVLEDVYNQLPELIGGSADLTPSNLTRWKEALDFQPPSS
GSGNYSGRYIRYGIREHAMGAIMNGISAFGANYKPYGGTFLNFVSYAAGAVRLSALSGHPVIWVATHDSIGVGEDGPTHQ
PIETLAHFRSLPNIQVWRPADGNEVSAAYKNSLESKHTPSIIALSRQNLPQLEGSSIESASKGGYVLQDVANPDIILVAT
GSEVSLSVEAAKTLAAKNIKARVVSLPDFFTFDKQPLEYRLSVLPDNVPIMSVEVLATTCWGKYAHQSFGIDRFGASGKA
PEVFKFFGFTPEGVAERAQKTIAFYKGDKLISPLKKAF
;
_entity_poly.pdbx_strand_id   A,B
#
loop_
_chem_comp.id
_chem_comp.type
_chem_comp.name
_chem_comp.formula
CA non-polymer 'CALCIUM ION' 'Ca 2'
N3T non-polymer '3'-DEAZO-THIAMIN DIPHOSPHATE' 'C13 H19 N3 O7 P2 S'
#
# COMPACT_ATOMS: atom_id res chain seq x y z
N GLN A 1 -36.81 -25.26 -8.87
CA GLN A 1 -37.72 -25.63 -7.81
C GLN A 1 -36.78 -26.34 -6.87
N PHE A 2 -36.77 -26.03 -5.58
CA PHE A 2 -35.85 -26.67 -4.66
C PHE A 2 -36.66 -27.65 -3.85
N THR A 3 -36.06 -28.83 -3.83
CA THR A 3 -36.55 -30.01 -3.15
C THR A 3 -35.62 -30.53 -2.04
N ASP A 4 -35.85 -31.76 -1.65
CA ASP A 4 -35.15 -32.37 -0.56
C ASP A 4 -33.70 -32.75 -0.76
N ILE A 5 -33.28 -32.90 -2.01
CA ILE A 5 -31.90 -33.22 -2.34
C ILE A 5 -31.11 -31.91 -2.37
N ASP A 6 -31.79 -30.75 -2.49
CA ASP A 6 -31.15 -29.46 -2.33
C ASP A 6 -30.87 -29.26 -0.88
N LYS A 7 -31.87 -29.64 -0.08
CA LYS A 7 -31.66 -29.72 1.34
C LYS A 7 -30.55 -30.75 1.65
N LEU A 8 -30.44 -32.00 1.13
CA LEU A 8 -29.29 -32.88 1.41
C LEU A 8 -27.95 -32.29 0.98
N ALA A 9 -27.94 -31.65 -0.20
CA ALA A 9 -26.75 -30.98 -0.74
C ALA A 9 -26.25 -29.84 0.16
N VAL A 10 -27.11 -29.00 0.78
CA VAL A 10 -26.61 -27.97 1.64
C VAL A 10 -26.03 -28.55 2.94
N SER A 11 -26.53 -29.65 3.50
CA SER A 11 -25.94 -30.24 4.70
C SER A 11 -24.64 -30.97 4.43
N THR A 12 -24.47 -31.51 3.23
CA THR A 12 -23.26 -32.19 2.91
C THR A 12 -22.17 -31.12 2.74
N ILE A 13 -22.42 -30.02 2.00
CA ILE A 13 -21.48 -28.91 1.82
C ILE A 13 -21.05 -28.43 3.19
N ARG A 14 -22.00 -28.23 4.10
CA ARG A 14 -21.73 -27.75 5.45
C ARG A 14 -20.91 -28.71 6.26
N ILE A 15 -21.33 -29.96 6.37
CA ILE A 15 -20.56 -30.83 7.22
C ILE A 15 -19.24 -31.26 6.59
N LEU A 16 -19.09 -31.22 5.28
CA LEU A 16 -17.84 -31.57 4.65
C LEU A 16 -16.85 -30.45 4.98
N ALA A 17 -17.24 -29.17 4.83
CA ALA A 17 -16.33 -28.08 5.14
C ALA A 17 -15.96 -28.07 6.65
N VAL A 18 -16.92 -28.50 7.49
CA VAL A 18 -16.66 -28.62 8.92
C VAL A 18 -15.63 -29.70 9.14
N ASP A 19 -15.78 -30.93 8.65
CA ASP A 19 -14.80 -32.00 8.84
C ASP A 19 -13.40 -31.58 8.39
N THR A 20 -13.24 -30.93 7.24
CA THR A 20 -11.97 -30.38 6.74
C THR A 20 -11.29 -29.42 7.71
N VAL A 21 -12.00 -28.48 8.33
CA VAL A 21 -11.44 -27.52 9.28
C VAL A 21 -10.97 -28.28 10.53
N SER A 22 -11.90 -29.07 11.03
CA SER A 22 -11.71 -29.77 12.28
C SER A 22 -10.62 -30.84 12.21
N LYS A 23 -10.43 -31.53 11.08
CA LYS A 23 -9.33 -32.44 10.92
C LYS A 23 -8.02 -31.65 10.77
N ALA A 24 -7.92 -30.50 10.05
CA ALA A 24 -6.69 -29.70 9.96
C ALA A 24 -6.30 -29.12 11.30
N ASN A 25 -7.37 -28.97 12.10
CA ASN A 25 -7.40 -28.42 13.43
C ASN A 25 -6.90 -26.99 13.40
N SER A 26 -7.39 -26.34 12.36
CA SER A 26 -6.93 -25.03 11.98
C SER A 26 -7.92 -24.56 10.95
N GLY A 27 -8.37 -23.31 10.86
CA GLY A 27 -9.23 -22.97 9.75
C GLY A 27 -10.45 -22.24 10.17
N HIS A 28 -11.27 -21.85 9.19
CA HIS A 28 -12.42 -20.99 9.46
C HIS A 28 -13.69 -21.73 9.08
N PRO A 29 -14.49 -22.11 10.10
CA PRO A 29 -15.83 -22.69 9.99
C PRO A 29 -17.06 -21.83 9.74
N GLY A 30 -17.03 -20.61 10.27
CA GLY A 30 -18.11 -19.65 10.31
C GLY A 30 -18.85 -19.39 9.02
N ALA A 31 -18.11 -18.70 8.15
CA ALA A 31 -18.56 -18.36 6.82
C ALA A 31 -18.82 -19.59 5.96
N PRO A 32 -18.05 -20.69 5.88
CA PRO A 32 -18.52 -21.87 5.12
C PRO A 32 -19.86 -22.44 5.58
N LEU A 33 -20.07 -22.51 6.88
CA LEU A 33 -21.36 -22.86 7.44
C LEU A 33 -22.46 -21.88 7.12
N GLY A 34 -22.31 -20.56 6.88
CA GLY A 34 -23.44 -19.64 6.60
C GLY A 34 -23.66 -19.38 5.11
N MET A 35 -22.58 -19.43 4.34
CA MET A 35 -22.60 -19.24 2.89
C MET A 35 -22.92 -20.49 2.05
N ALA A 36 -22.84 -21.69 2.68
CA ALA A 36 -23.18 -22.96 2.04
C ALA A 36 -24.55 -23.02 1.34
N PRO A 37 -25.74 -22.58 1.81
CA PRO A 37 -26.94 -22.38 1.00
C PRO A 37 -26.72 -21.65 -0.32
N ALA A 38 -26.00 -20.50 -0.30
CA ALA A 38 -25.72 -19.69 -1.49
C ALA A 38 -24.68 -20.31 -2.43
N ALA A 39 -23.74 -21.11 -1.89
CA ALA A 39 -22.78 -21.80 -2.74
C ALA A 39 -23.57 -22.82 -3.54
N HIS A 40 -24.47 -23.56 -2.86
CA HIS A 40 -25.30 -24.57 -3.52
C HIS A 40 -26.14 -23.89 -4.59
N VAL A 41 -27.00 -22.93 -4.27
CA VAL A 41 -27.90 -22.36 -5.26
C VAL A 41 -27.17 -21.78 -6.47
N LEU A 42 -26.12 -20.98 -6.23
CA LEU A 42 -25.40 -20.35 -7.30
C LEU A 42 -24.72 -21.40 -8.20
N TRP A 43 -23.91 -22.33 -7.66
CA TRP A 43 -23.19 -23.27 -8.50
C TRP A 43 -24.11 -24.11 -9.32
N SER A 44 -25.30 -24.42 -8.79
CA SER A 44 -26.32 -25.18 -9.49
C SER A 44 -26.79 -24.54 -10.77
N GLN A 45 -26.71 -23.22 -10.82
CA GLN A 45 -27.13 -22.53 -12.00
C GLN A 45 -25.97 -21.77 -12.67
N MET A 46 -24.72 -22.22 -12.52
CA MET A 46 -23.61 -21.55 -13.19
C MET A 46 -23.24 -22.44 -14.34
N ARG A 47 -22.76 -21.83 -15.41
CA ARG A 47 -22.48 -22.53 -16.64
C ARG A 47 -20.98 -22.65 -16.70
N MET A 48 -20.53 -23.88 -16.58
CA MET A 48 -19.15 -24.22 -16.34
C MET A 48 -18.99 -25.70 -16.70
N ASN A 49 -17.75 -26.08 -17.02
CA ASN A 49 -17.42 -27.45 -17.28
C ASN A 49 -16.38 -27.96 -16.26
N PRO A 50 -16.70 -28.65 -15.14
CA PRO A 50 -15.70 -29.21 -14.21
C PRO A 50 -14.48 -29.87 -14.86
N THR A 51 -14.70 -30.54 -16.01
CA THR A 51 -13.62 -31.24 -16.65
C THR A 51 -12.77 -30.29 -17.50
N ASN A 52 -13.27 -29.09 -17.83
CA ASN A 52 -12.38 -28.11 -18.44
C ASN A 52 -12.46 -26.75 -17.77
N PRO A 53 -11.59 -26.45 -16.82
CA PRO A 53 -11.50 -25.16 -16.15
C PRO A 53 -11.01 -23.99 -17.02
N ASP A 54 -10.71 -24.22 -18.28
CA ASP A 54 -10.13 -23.18 -19.08
C ASP A 54 -11.04 -22.69 -20.15
N TRP A 55 -12.29 -23.16 -20.16
CA TRP A 55 -13.22 -22.78 -21.20
C TRP A 55 -13.43 -21.26 -21.10
N ILE A 56 -13.12 -20.48 -22.17
CA ILE A 56 -13.14 -19.03 -21.99
C ILE A 56 -14.49 -18.45 -21.60
N ASN A 57 -15.57 -19.13 -22.00
CA ASN A 57 -16.87 -18.57 -21.77
C ASN A 57 -17.55 -19.23 -20.56
N ARG A 58 -16.67 -19.72 -19.68
CA ARG A 58 -17.15 -20.30 -18.44
C ARG A 58 -17.67 -19.11 -17.59
N ASP A 59 -18.73 -19.31 -16.79
CA ASP A 59 -19.10 -18.35 -15.77
C ASP A 59 -18.03 -18.35 -14.67
N ARG A 60 -17.43 -17.21 -14.32
CA ARG A 60 -16.42 -17.21 -13.30
C ARG A 60 -16.92 -16.89 -11.89
N PHE A 61 -16.25 -17.39 -10.87
CA PHE A 61 -16.66 -17.21 -9.48
C PHE A 61 -15.42 -16.93 -8.66
N VAL A 62 -15.44 -15.89 -7.83
CA VAL A 62 -14.31 -15.55 -7.00
C VAL A 62 -14.82 -15.58 -5.57
N LEU A 63 -14.10 -16.14 -4.64
CA LEU A 63 -14.47 -16.08 -3.23
C LEU A 63 -13.64 -14.89 -2.70
N SER A 64 -14.08 -13.63 -2.61
CA SER A 64 -13.19 -12.59 -2.13
C SER A 64 -12.77 -12.89 -0.66
N ASN A 65 -13.68 -13.43 0.13
CA ASN A 65 -13.33 -13.89 1.47
C ASN A 65 -12.60 -15.23 1.45
N GLY A 66 -11.36 -15.19 1.00
CA GLY A 66 -10.58 -16.37 0.76
C GLY A 66 -10.40 -17.20 1.98
N HIS A 67 -10.69 -16.63 3.15
CA HIS A 67 -10.53 -17.33 4.42
C HIS A 67 -11.58 -18.39 4.57
N ALA A 68 -12.66 -18.39 3.79
CA ALA A 68 -13.71 -19.44 3.77
C ALA A 68 -13.37 -20.52 2.72
N VAL A 69 -12.09 -20.74 2.34
CA VAL A 69 -11.58 -21.78 1.40
C VAL A 69 -12.31 -23.11 1.44
N ALA A 70 -12.45 -23.68 2.64
CA ALA A 70 -13.12 -24.94 2.87
C ALA A 70 -14.47 -24.96 2.19
N LEU A 71 -15.22 -23.85 2.04
CA LEU A 71 -16.49 -23.89 1.30
C LEU A 71 -16.14 -24.13 -0.15
N LEU A 72 -15.16 -23.39 -0.64
CA LEU A 72 -14.76 -23.54 -2.02
C LEU A 72 -14.22 -24.93 -2.37
N TYR A 73 -13.44 -25.53 -1.46
CA TYR A 73 -12.83 -26.83 -1.64
C TYR A 73 -13.90 -27.87 -1.58
N SER A 74 -14.86 -27.80 -0.64
CA SER A 74 -16.01 -28.66 -0.73
C SER A 74 -16.70 -28.55 -2.10
N MET A 75 -17.09 -27.34 -2.56
CA MET A 75 -17.81 -27.22 -3.83
C MET A 75 -17.04 -27.79 -5.00
N LEU A 76 -15.75 -27.50 -5.15
CA LEU A 76 -14.93 -28.07 -6.20
C LEU A 76 -14.87 -29.59 -6.14
N HIS A 77 -14.80 -30.19 -4.95
CA HIS A 77 -14.78 -31.64 -4.89
C HIS A 77 -16.10 -32.27 -5.35
N LEU A 78 -17.22 -31.76 -4.81
CA LEU A 78 -18.56 -32.27 -5.08
C LEU A 78 -19.07 -32.10 -6.52
N THR A 79 -18.80 -30.94 -7.14
CA THR A 79 -19.27 -30.69 -8.48
C THR A 79 -18.38 -31.29 -9.57
N GLY A 80 -17.29 -31.97 -9.20
CA GLY A 80 -16.51 -32.74 -10.17
C GLY A 80 -15.22 -32.13 -10.72
N TYR A 81 -14.63 -31.15 -10.00
CA TYR A 81 -13.32 -30.61 -10.33
C TYR A 81 -12.32 -31.62 -9.81
N ASP A 82 -11.07 -31.58 -10.28
CA ASP A 82 -10.05 -32.52 -9.78
C ASP A 82 -9.66 -32.14 -8.36
N LEU A 83 -10.36 -32.65 -7.38
CA LEU A 83 -10.02 -32.38 -6.00
C LEU A 83 -10.68 -33.48 -5.24
N SER A 84 -10.05 -34.10 -4.27
CA SER A 84 -10.68 -35.24 -3.66
C SER A 84 -10.79 -35.20 -2.15
N ILE A 85 -11.40 -36.21 -1.55
CA ILE A 85 -11.54 -36.35 -0.13
C ILE A 85 -10.17 -36.46 0.48
N GLU A 86 -9.21 -37.09 -0.20
CA GLU A 86 -7.93 -37.25 0.45
C GLU A 86 -7.19 -35.95 0.36
N ASP A 87 -7.47 -35.17 -0.68
CA ASP A 87 -6.88 -33.85 -0.80
C ASP A 87 -7.41 -33.01 0.31
N LEU A 88 -8.70 -33.16 0.58
CA LEU A 88 -9.35 -32.39 1.61
C LEU A 88 -8.80 -32.83 2.95
N LYS A 89 -8.58 -34.12 3.18
CA LYS A 89 -8.03 -34.63 4.43
C LYS A 89 -6.64 -34.07 4.70
N GLN A 90 -5.95 -33.57 3.66
CA GLN A 90 -4.67 -32.94 3.83
C GLN A 90 -4.77 -31.39 3.78
N PHE A 91 -5.87 -30.75 4.24
CA PHE A 91 -6.09 -29.30 4.29
C PHE A 91 -5.15 -28.67 5.28
N ARG A 92 -4.52 -27.56 4.84
CA ARG A 92 -3.54 -26.73 5.58
C ARG A 92 -2.22 -27.39 5.97
N GLN A 93 -1.93 -28.52 5.34
CA GLN A 93 -0.76 -29.32 5.61
C GLN A 93 0.32 -29.14 4.55
N LEU A 94 1.58 -29.06 4.99
CA LEU A 94 2.68 -28.77 4.11
C LEU A 94 2.78 -29.73 2.97
N GLY A 95 2.63 -29.14 1.78
CA GLY A 95 2.73 -29.88 0.54
C GLY A 95 1.42 -30.14 -0.19
N SER A 96 0.26 -30.03 0.44
CA SER A 96 -1.01 -30.30 -0.21
C SER A 96 -1.43 -29.26 -1.24
N ARG A 97 -2.45 -29.67 -1.98
CA ARG A 97 -3.15 -28.88 -2.97
C ARG A 97 -4.28 -28.18 -2.25
N THR A 98 -4.41 -28.30 -0.92
CA THR A 98 -5.46 -27.63 -0.18
C THR A 98 -4.90 -26.64 0.83
N PRO A 99 -4.18 -25.54 0.48
CA PRO A 99 -3.71 -24.50 1.40
C PRO A 99 -4.80 -23.70 2.14
N GLY A 100 -4.39 -23.07 3.25
CA GLY A 100 -5.30 -22.33 4.10
C GLY A 100 -6.01 -21.13 3.48
N HIS A 101 -5.70 -20.70 2.26
CA HIS A 101 -6.28 -19.59 1.53
C HIS A 101 -6.20 -20.00 0.07
N PRO A 102 -7.20 -19.77 -0.78
CA PRO A 102 -7.18 -20.20 -2.18
C PRO A 102 -6.05 -19.52 -2.96
N GLU A 103 -5.58 -20.27 -3.96
CA GLU A 103 -4.39 -19.98 -4.75
C GLU A 103 -4.64 -20.32 -6.20
N PHE A 104 -4.52 -19.35 -7.07
CA PHE A 104 -4.69 -19.34 -8.50
C PHE A 104 -4.40 -20.59 -9.28
N GLU A 105 -3.24 -21.11 -8.85
CA GLU A 105 -2.67 -22.35 -9.35
C GLU A 105 -3.61 -23.58 -9.31
N LEU A 106 -4.53 -23.78 -8.34
CA LEU A 106 -5.39 -24.96 -8.41
C LEU A 106 -6.43 -24.73 -9.52
N PRO A 107 -6.93 -25.81 -10.18
CA PRO A 107 -8.02 -25.68 -11.15
C PRO A 107 -9.30 -25.40 -10.38
N GLY A 108 -10.12 -24.49 -10.87
CA GLY A 108 -11.35 -24.18 -10.16
C GLY A 108 -11.18 -22.92 -9.34
N VAL A 109 -9.92 -22.68 -8.91
CA VAL A 109 -9.49 -21.49 -8.19
C VAL A 109 -8.96 -20.55 -9.25
N GLU A 110 -9.77 -19.48 -9.32
CA GLU A 110 -9.61 -18.34 -10.27
C GLU A 110 -8.54 -17.30 -10.02
N VAL A 111 -8.29 -16.98 -8.76
CA VAL A 111 -7.26 -16.03 -8.35
C VAL A 111 -6.97 -16.37 -6.89
N THR A 112 -5.81 -15.95 -6.36
CA THR A 112 -5.55 -16.32 -4.96
C THR A 112 -6.25 -15.26 -4.07
N THR A 113 -6.92 -15.62 -2.97
CA THR A 113 -7.52 -14.63 -2.12
C THR A 113 -7.23 -15.03 -0.69
N GLY A 114 -7.46 -14.07 0.17
CA GLY A 114 -7.14 -14.15 1.56
C GLY A 114 -6.74 -12.77 2.10
N PRO A 115 -6.10 -11.83 1.40
CA PRO A 115 -6.11 -10.40 1.66
C PRO A 115 -7.43 -9.77 1.26
N LEU A 116 -8.00 -8.97 2.13
CA LEU A 116 -9.37 -8.50 1.93
C LEU A 116 -9.46 -7.35 0.95
N GLY A 117 -10.52 -7.47 0.11
CA GLY A 117 -10.89 -6.47 -0.90
C GLY A 117 -10.31 -6.77 -2.28
N GLN A 118 -9.40 -7.77 -2.36
CA GLN A 118 -8.72 -8.24 -3.55
C GLN A 118 -9.59 -9.09 -4.47
N GLY A 119 -10.36 -10.10 -4.02
CA GLY A 119 -11.15 -10.93 -4.90
C GLY A 119 -12.24 -10.17 -5.63
N ILE A 120 -12.91 -9.30 -4.90
CA ILE A 120 -13.95 -8.47 -5.51
C ILE A 120 -13.35 -7.51 -6.59
N SER A 121 -12.22 -6.87 -6.32
CA SER A 121 -11.67 -5.95 -7.28
C SER A 121 -11.12 -6.66 -8.53
N ASN A 122 -10.67 -7.90 -8.38
CA ASN A 122 -10.25 -8.76 -9.50
C ASN A 122 -11.45 -9.03 -10.38
N ALA A 123 -12.58 -9.45 -9.79
CA ALA A 123 -13.83 -9.70 -10.50
C ALA A 123 -14.24 -8.58 -11.48
N VAL A 124 -13.95 -7.31 -11.14
CA VAL A 124 -14.22 -6.13 -11.96
C VAL A 124 -13.29 -6.17 -13.16
N GLY A 125 -12.01 -6.52 -13.02
CA GLY A 125 -11.08 -6.64 -14.12
C GLY A 125 -11.55 -7.73 -15.05
N MET A 126 -11.92 -8.88 -14.47
CA MET A 126 -12.47 -10.03 -15.19
C MET A 126 -13.74 -9.62 -15.97
N ALA A 127 -14.66 -8.85 -15.37
CA ALA A 127 -15.91 -8.42 -16.02
C ALA A 127 -15.70 -7.44 -17.19
N MET A 128 -14.64 -6.63 -17.08
CA MET A 128 -14.22 -5.72 -18.10
C MET A 128 -13.70 -6.55 -19.26
N ALA A 129 -12.79 -7.48 -18.97
CA ALA A 129 -12.24 -8.39 -19.95
C ALA A 129 -13.37 -9.18 -20.61
N GLN A 130 -14.45 -9.58 -19.95
CA GLN A 130 -15.55 -10.21 -20.69
C GLN A 130 -16.09 -9.19 -21.68
N ALA A 131 -16.57 -8.04 -21.17
CA ALA A 131 -17.14 -6.96 -21.96
C ALA A 131 -16.35 -6.67 -23.24
N ASN A 132 -15.02 -6.48 -23.06
CA ASN A 132 -14.10 -6.17 -24.15
C ASN A 132 -14.05 -7.26 -25.21
N LEU A 133 -13.81 -8.51 -24.80
CA LEU A 133 -13.72 -9.61 -25.71
C LEU A 133 -15.02 -9.79 -26.47
N ALA A 134 -16.15 -9.64 -25.79
CA ALA A 134 -17.47 -9.83 -26.42
C ALA A 134 -17.71 -8.77 -27.47
N ALA A 135 -17.24 -7.56 -27.20
CA ALA A 135 -17.33 -6.45 -28.12
C ALA A 135 -16.37 -6.58 -29.31
N THR A 136 -15.29 -7.34 -29.17
CA THR A 136 -14.32 -7.54 -30.23
C THR A 136 -14.70 -8.63 -31.23
N TYR A 137 -15.04 -9.77 -30.64
CA TYR A 137 -15.23 -10.91 -31.49
C TYR A 137 -16.66 -11.29 -31.73
N ASN A 138 -17.67 -10.89 -30.98
CA ASN A 138 -19.00 -11.39 -31.26
C ASN A 138 -19.52 -10.71 -32.49
N LYS A 139 -20.11 -11.58 -33.30
CA LYS A 139 -20.73 -11.22 -34.57
C LYS A 139 -22.18 -11.71 -34.50
N PRO A 140 -23.15 -11.13 -35.24
CA PRO A 140 -24.50 -11.68 -35.31
C PRO A 140 -24.46 -13.12 -35.82
N GLY A 141 -24.97 -13.95 -34.91
CA GLY A 141 -24.97 -15.36 -35.09
C GLY A 141 -23.77 -15.99 -34.41
N PHE A 142 -22.96 -15.27 -33.64
CA PHE A 142 -21.78 -15.82 -33.00
C PHE A 142 -21.52 -15.13 -31.66
N THR A 143 -22.33 -15.43 -30.66
CA THR A 143 -22.16 -14.92 -29.30
C THR A 143 -21.18 -15.88 -28.66
N LEU A 144 -19.92 -15.58 -28.88
CA LEU A 144 -18.87 -16.42 -28.34
C LEU A 144 -18.54 -16.08 -26.90
N SER A 145 -18.94 -14.89 -26.44
CA SER A 145 -18.66 -14.37 -25.11
C SER A 145 -19.92 -13.76 -24.54
N ASP A 146 -20.36 -14.31 -23.41
CA ASP A 146 -21.55 -13.79 -22.73
C ASP A 146 -21.63 -14.14 -21.26
N ASN A 147 -20.52 -14.46 -20.63
CA ASN A 147 -20.59 -14.96 -19.25
C ASN A 147 -20.65 -13.98 -18.09
N TYR A 148 -21.10 -14.44 -16.93
CA TYR A 148 -21.15 -13.66 -15.69
C TYR A 148 -19.93 -13.94 -14.81
N THR A 149 -19.72 -12.91 -13.97
CA THR A 149 -18.62 -12.93 -13.01
C THR A 149 -19.27 -12.79 -11.65
N TYR A 150 -19.29 -13.88 -10.89
CA TYR A 150 -19.86 -13.89 -9.55
C TYR A 150 -18.79 -13.86 -8.45
N VAL A 151 -19.08 -13.10 -7.39
CA VAL A 151 -18.17 -12.90 -6.27
C VAL A 151 -18.96 -13.23 -5.02
N PHE A 152 -18.29 -13.76 -3.98
CA PHE A 152 -18.79 -13.90 -2.61
C PHE A 152 -17.92 -12.99 -1.75
N LEU A 153 -18.47 -12.13 -0.93
CA LEU A 153 -17.63 -11.24 -0.12
C LEU A 153 -18.18 -10.95 1.26
N GLY A 154 -17.37 -10.53 2.23
CA GLY A 154 -17.83 -10.36 3.60
C GLY A 154 -17.77 -8.90 3.94
N ASP A 155 -17.84 -8.66 5.25
CA ASP A 155 -17.87 -7.30 5.79
C ASP A 155 -16.47 -6.73 5.71
N GLY A 156 -15.43 -7.56 5.83
CA GLY A 156 -14.06 -7.07 5.83
C GLY A 156 -13.56 -6.54 4.49
N CYS A 157 -14.03 -7.14 3.40
CA CYS A 157 -13.72 -6.66 2.05
C CYS A 157 -14.58 -5.42 1.87
N LEU A 158 -15.76 -5.31 2.52
CA LEU A 158 -16.54 -4.09 2.44
C LEU A 158 -15.99 -2.95 3.28
N GLN A 159 -15.02 -3.26 4.16
CA GLN A 159 -14.29 -2.28 4.93
C GLN A 159 -12.97 -1.81 4.31
N GLU A 160 -12.49 -2.46 3.26
CA GLU A 160 -11.22 -2.13 2.61
C GLU A 160 -11.35 -1.10 1.53
N GLY A 161 -10.42 -0.14 1.49
CA GLY A 161 -10.47 0.93 0.48
C GLY A 161 -10.47 0.47 -0.97
N ILE A 162 -9.72 -0.57 -1.32
CA ILE A 162 -9.62 -1.10 -2.67
C ILE A 162 -10.96 -1.51 -3.28
N SER A 163 -11.88 -2.06 -2.49
CA SER A 163 -13.16 -2.52 -3.03
C SER A 163 -14.00 -1.29 -3.21
N SER A 164 -13.79 -0.21 -2.44
CA SER A 164 -14.58 0.99 -2.68
C SER A 164 -14.10 1.53 -4.03
N GLU A 165 -12.77 1.59 -4.18
CA GLU A 165 -12.15 2.05 -5.40
C GLU A 165 -12.68 1.34 -6.62
N ALA A 166 -12.57 0.00 -6.67
CA ALA A 166 -13.15 -0.88 -7.68
C ALA A 166 -14.67 -0.76 -7.89
N SER A 167 -15.52 -0.69 -6.86
CA SER A 167 -16.97 -0.51 -7.00
C SER A 167 -17.35 0.81 -7.62
N SER A 168 -16.62 1.87 -7.26
CA SER A 168 -16.79 3.16 -7.87
C SER A 168 -16.51 3.05 -9.36
N LEU A 169 -15.40 2.41 -9.78
CA LEU A 169 -15.10 2.25 -11.20
C LEU A 169 -16.08 1.31 -11.88
N ALA A 170 -16.54 0.22 -11.24
CA ALA A 170 -17.47 -0.73 -11.84
C ALA A 170 -18.87 -0.16 -12.08
N GLY A 171 -19.30 0.77 -11.21
CA GLY A 171 -20.54 1.51 -11.39
C GLY A 171 -20.40 2.45 -12.59
N HIS A 172 -19.31 3.22 -12.68
CA HIS A 172 -19.10 4.11 -13.83
C HIS A 172 -19.16 3.33 -15.13
N LEU A 173 -18.45 2.21 -15.16
CA LEU A 173 -18.39 1.38 -16.35
C LEU A 173 -19.60 0.54 -16.65
N LYS A 174 -20.57 0.47 -15.74
CA LYS A 174 -21.86 -0.17 -15.96
C LYS A 174 -21.83 -1.66 -16.24
N LEU A 175 -21.02 -2.40 -15.50
CA LEU A 175 -20.78 -3.80 -15.79
C LEU A 175 -21.89 -4.66 -15.24
N GLY A 176 -23.05 -4.65 -15.90
CA GLY A 176 -24.28 -5.37 -15.56
C GLY A 176 -24.21 -6.87 -15.31
N ASN A 177 -23.26 -7.56 -15.94
CA ASN A 177 -22.97 -8.98 -15.72
C ASN A 177 -22.10 -9.29 -14.47
N LEU A 178 -21.73 -8.31 -13.63
CA LEU A 178 -20.94 -8.57 -12.43
C LEU A 178 -21.88 -8.59 -11.22
N ILE A 179 -22.09 -9.78 -10.66
CA ILE A 179 -22.99 -9.99 -9.52
C ILE A 179 -22.15 -10.36 -8.29
N ALA A 180 -22.26 -9.51 -7.24
CA ALA A 180 -21.57 -9.70 -5.99
C ALA A 180 -22.59 -10.10 -4.93
N ILE A 181 -22.31 -11.01 -3.96
CA ILE A 181 -23.27 -11.44 -2.92
C ILE A 181 -22.53 -11.28 -1.60
N TYR A 182 -23.04 -10.34 -0.81
CA TYR A 182 -22.47 -9.94 0.45
C TYR A 182 -23.04 -10.80 1.56
N ASP A 183 -22.13 -11.43 2.30
CA ASP A 183 -22.43 -12.22 3.48
C ASP A 183 -22.56 -11.28 4.70
N ASP A 184 -23.81 -10.93 4.89
CA ASP A 184 -24.17 -10.05 5.95
C ASP A 184 -24.40 -10.81 7.24
N ASN A 185 -23.30 -11.25 7.82
CA ASN A 185 -23.36 -12.06 9.01
C ASN A 185 -23.23 -11.37 10.36
N LYS A 186 -23.18 -10.02 10.38
CA LYS A 186 -22.92 -9.14 11.54
C LYS A 186 -21.65 -9.31 12.41
N ILE A 187 -20.85 -10.32 12.13
CA ILE A 187 -19.61 -10.58 12.81
C ILE A 187 -18.44 -10.32 11.91
N THR A 188 -17.38 -10.00 12.64
CA THR A 188 -16.04 -10.03 12.12
C THR A 188 -15.16 -10.53 13.31
N ILE A 189 -13.82 -10.41 13.20
CA ILE A 189 -12.93 -10.94 14.22
C ILE A 189 -13.03 -10.31 15.61
N ASP A 190 -13.08 -8.99 15.74
CA ASP A 190 -13.10 -8.38 17.06
C ASP A 190 -14.40 -8.60 17.78
N GLY A 191 -15.47 -8.71 16.99
CA GLY A 191 -16.79 -8.95 17.50
C GLY A 191 -17.78 -8.46 16.46
N ALA A 192 -18.89 -7.92 16.97
CA ALA A 192 -19.90 -7.32 16.11
C ALA A 192 -19.41 -6.12 15.28
N THR A 193 -20.17 -5.81 14.23
CA THR A 193 -19.82 -4.73 13.31
C THR A 193 -20.15 -3.36 13.84
N SER A 194 -21.19 -3.16 14.62
CA SER A 194 -21.56 -1.85 15.14
C SER A 194 -20.45 -1.09 15.89
N ILE A 195 -19.54 -1.92 16.35
CA ILE A 195 -18.35 -1.55 17.06
C ILE A 195 -17.48 -0.76 16.11
N SER A 196 -17.46 -0.96 14.80
CA SER A 196 -16.70 -0.15 13.86
C SER A 196 -17.40 0.07 12.54
N PHE A 197 -18.02 -0.91 11.97
CA PHE A 197 -18.67 -0.82 10.69
C PHE A 197 -20.16 -0.55 10.87
N ASP A 198 -20.71 0.65 10.76
CA ASP A 198 -22.18 0.70 10.80
C ASP A 198 -22.93 1.48 9.70
N GLU A 199 -22.21 1.85 8.65
CA GLU A 199 -22.73 2.55 7.47
C GLU A 199 -23.88 1.86 6.70
N ASP A 200 -24.56 2.56 5.79
CA ASP A 200 -25.58 1.98 4.97
C ASP A 200 -24.83 1.59 3.72
N VAL A 201 -24.58 0.28 3.65
CA VAL A 201 -23.86 -0.29 2.53
C VAL A 201 -24.68 -0.20 1.24
N ALA A 202 -25.96 -0.52 1.38
CA ALA A 202 -26.91 -0.52 0.30
C ALA A 202 -27.01 0.86 -0.40
N LYS A 203 -27.13 1.92 0.42
CA LYS A 203 -27.18 3.31 -0.03
C LYS A 203 -25.81 3.74 -0.59
N ARG A 204 -24.70 3.21 -0.11
CA ARG A 204 -23.42 3.50 -0.67
C ARG A 204 -23.23 2.90 -2.08
N TYR A 205 -23.60 1.62 -2.27
CA TYR A 205 -23.41 0.95 -3.56
C TYR A 205 -24.37 1.49 -4.60
N GLU A 206 -25.61 1.82 -4.18
CA GLU A 206 -26.53 2.53 -5.04
C GLU A 206 -25.90 3.84 -5.47
N ALA A 207 -25.26 4.62 -4.55
CA ALA A 207 -24.54 5.84 -4.93
C ALA A 207 -23.51 5.67 -6.05
N TYR A 208 -22.97 4.45 -6.22
CA TYR A 208 -22.00 4.06 -7.24
C TYR A 208 -22.68 3.76 -8.55
N GLY A 209 -23.94 3.37 -8.53
CA GLY A 209 -24.64 2.96 -9.73
C GLY A 209 -24.86 1.47 -9.73
N TRP A 210 -24.71 0.82 -8.57
CA TRP A 210 -24.94 -0.59 -8.49
C TRP A 210 -26.42 -0.78 -8.17
N GLU A 211 -27.03 -1.88 -8.59
CA GLU A 211 -28.36 -2.31 -8.22
C GLU A 211 -28.23 -3.09 -6.87
N VAL A 212 -29.04 -2.88 -5.83
CA VAL A 212 -28.93 -3.63 -4.58
C VAL A 212 -30.25 -4.40 -4.39
N LEU A 213 -30.06 -5.68 -4.17
CA LEU A 213 -31.13 -6.61 -3.93
C LEU A 213 -30.90 -7.09 -2.50
N TYR A 214 -31.89 -7.71 -1.90
CA TYR A 214 -31.79 -8.14 -0.51
C TYR A 214 -32.35 -9.54 -0.41
N VAL A 215 -31.77 -10.46 0.38
CA VAL A 215 -32.36 -11.76 0.69
C VAL A 215 -32.37 -11.61 2.20
N GLU A 216 -33.51 -11.69 2.89
CA GLU A 216 -33.47 -11.60 4.34
C GLU A 216 -33.22 -12.93 5.07
N ASN A 217 -33.55 -14.08 4.48
CA ASN A 217 -33.21 -15.34 5.13
C ASN A 217 -32.20 -16.15 4.35
N GLY A 218 -30.94 -15.76 4.41
CA GLY A 218 -29.92 -16.47 3.64
C GLY A 218 -29.54 -17.84 4.21
N ASN A 219 -30.05 -18.17 5.40
CA ASN A 219 -29.77 -19.43 6.12
C ASN A 219 -30.67 -20.58 5.68
N GLU A 220 -31.86 -20.26 5.21
CA GLU A 220 -32.82 -21.26 4.84
C GLU A 220 -33.47 -20.95 3.54
N ASP A 221 -33.41 -19.75 3.01
CA ASP A 221 -34.29 -19.51 1.91
C ASP A 221 -33.67 -19.63 0.55
N LEU A 222 -33.53 -20.89 0.20
CA LEU A 222 -33.00 -21.21 -1.12
C LEU A 222 -33.68 -20.56 -2.35
N ALA A 223 -34.97 -20.35 -2.27
CA ALA A 223 -35.75 -19.74 -3.34
C ALA A 223 -35.59 -18.25 -3.43
N GLY A 224 -35.35 -17.66 -2.28
CA GLY A 224 -35.12 -16.24 -2.18
C GLY A 224 -33.76 -15.93 -2.79
N ILE A 225 -32.76 -16.75 -2.42
CA ILE A 225 -31.45 -16.62 -3.01
C ILE A 225 -31.58 -16.77 -4.53
N ALA A 226 -32.29 -17.81 -4.97
CA ALA A 226 -32.46 -18.08 -6.37
C ALA A 226 -33.09 -16.90 -7.09
N LYS A 227 -34.11 -16.29 -6.50
CA LYS A 227 -34.78 -15.19 -7.15
C LYS A 227 -33.89 -13.95 -7.27
N ALA A 228 -33.05 -13.61 -6.31
CA ALA A 228 -32.12 -12.49 -6.40
C ALA A 228 -31.10 -12.68 -7.50
N ILE A 229 -30.45 -13.83 -7.63
CA ILE A 229 -29.51 -14.13 -8.70
C ILE A 229 -30.24 -13.91 -10.06
N ALA A 230 -31.49 -14.36 -10.19
CA ALA A 230 -32.31 -14.15 -11.39
C ALA A 230 -32.62 -12.68 -11.73
N GLN A 231 -33.06 -11.92 -10.74
CA GLN A 231 -33.36 -10.53 -10.88
C GLN A 231 -32.10 -9.79 -11.29
N ALA A 232 -31.05 -10.15 -10.56
CA ALA A 232 -29.71 -9.64 -10.79
C ALA A 232 -29.32 -9.84 -12.24
N LYS A 233 -29.36 -11.02 -12.83
CA LYS A 233 -29.02 -11.20 -14.24
C LYS A 233 -29.82 -10.31 -15.16
N LEU A 234 -31.00 -9.83 -14.75
CA LEU A 234 -31.77 -8.96 -15.61
C LEU A 234 -31.19 -7.54 -15.63
N SER A 235 -30.48 -7.04 -14.58
CA SER A 235 -29.80 -5.75 -14.46
C SER A 235 -28.77 -5.59 -15.59
N LYS A 236 -29.04 -5.52 -16.88
CA LYS A 236 -27.99 -5.48 -17.91
C LYS A 236 -27.06 -4.25 -17.97
N ASP A 237 -27.40 -3.20 -17.24
CA ASP A 237 -26.63 -1.94 -17.26
C ASP A 237 -26.06 -1.52 -15.88
N LYS A 238 -26.41 -2.26 -14.82
CA LYS A 238 -26.04 -1.93 -13.46
C LYS A 238 -25.35 -3.16 -12.89
N PRO A 239 -24.16 -3.14 -12.27
CA PRO A 239 -23.70 -4.32 -11.55
C PRO A 239 -24.56 -4.47 -10.27
N THR A 240 -24.70 -5.67 -9.69
CA THR A 240 -25.62 -5.92 -8.59
C THR A 240 -24.90 -6.41 -7.38
N LEU A 241 -25.39 -5.95 -6.24
CA LEU A 241 -24.97 -6.47 -4.97
C LEU A 241 -26.25 -7.08 -4.39
N ILE A 242 -26.16 -8.27 -3.82
CA ILE A 242 -27.26 -8.95 -3.16
C ILE A 242 -26.74 -8.99 -1.73
N LYS A 243 -27.48 -8.29 -0.87
CA LYS A 243 -27.14 -8.20 0.51
C LYS A 243 -27.99 -9.31 1.09
N MET A 244 -27.34 -10.47 1.30
CA MET A 244 -27.97 -11.67 1.83
C MET A 244 -27.53 -11.98 3.27
N THR A 245 -28.44 -11.86 4.21
CA THR A 245 -28.13 -11.98 5.63
C THR A 245 -28.06 -13.45 6.02
N THR A 246 -27.00 -13.79 6.76
CA THR A 246 -26.81 -15.15 7.23
C THR A 246 -26.49 -15.05 8.72
N THR A 247 -26.25 -16.23 9.35
CA THR A 247 -25.82 -16.34 10.74
C THR A 247 -24.47 -17.05 10.65
N ILE A 248 -23.40 -16.39 11.13
CA ILE A 248 -22.05 -16.96 11.12
C ILE A 248 -22.10 -18.24 11.92
N GLY A 249 -21.57 -19.32 11.38
CA GLY A 249 -21.51 -20.55 12.13
C GLY A 249 -22.83 -21.26 12.21
N TYR A 250 -23.86 -20.85 11.43
CA TYR A 250 -25.18 -21.47 11.37
C TYR A 250 -25.14 -23.01 11.52
N GLY A 251 -25.90 -23.48 12.51
CA GLY A 251 -25.94 -24.90 12.81
C GLY A 251 -25.18 -25.23 14.09
N SER A 252 -24.12 -24.45 14.31
CA SER A 252 -23.31 -24.57 15.50
C SER A 252 -24.07 -24.15 16.74
N LEU A 253 -23.54 -24.70 17.80
CA LEU A 253 -23.89 -24.41 19.19
C LEU A 253 -23.46 -22.98 19.58
N HIS A 254 -22.57 -22.38 18.76
CA HIS A 254 -22.04 -21.05 18.93
C HIS A 254 -22.30 -20.24 17.66
N ALA A 255 -23.42 -20.50 16.98
CA ALA A 255 -23.79 -19.76 15.79
C ALA A 255 -23.94 -18.33 16.23
N GLY A 256 -23.67 -17.37 15.36
CA GLY A 256 -23.76 -15.98 15.73
C GLY A 256 -22.62 -15.50 16.61
N SER A 257 -21.82 -16.38 17.21
CA SER A 257 -20.71 -15.95 17.99
C SER A 257 -19.59 -15.71 17.00
N HIS A 258 -18.65 -14.95 17.52
CA HIS A 258 -17.46 -14.62 16.76
C HIS A 258 -16.36 -15.65 17.05
N SER A 259 -16.54 -16.61 17.96
CA SER A 259 -15.56 -17.69 18.15
C SER A 259 -15.72 -18.82 17.15
N VAL A 260 -16.72 -18.66 16.29
CA VAL A 260 -17.01 -19.57 15.21
C VAL A 260 -16.34 -19.00 13.94
N HIS A 261 -15.65 -17.86 13.93
CA HIS A 261 -15.04 -17.35 12.72
C HIS A 261 -13.76 -18.02 12.24
N GLY A 262 -12.89 -18.52 13.11
CA GLY A 262 -11.60 -18.96 12.66
C GLY A 262 -10.84 -19.88 13.55
N ALA A 263 -11.64 -20.76 14.14
CA ALA A 263 -11.11 -21.82 14.97
C ALA A 263 -11.91 -23.08 14.64
N PRO A 264 -11.44 -24.34 14.76
CA PRO A 264 -12.26 -25.54 14.61
C PRO A 264 -13.42 -25.64 15.63
N LEU A 265 -14.58 -26.12 15.17
CA LEU A 265 -15.69 -26.32 16.10
C LEU A 265 -15.26 -27.45 17.06
N LYS A 266 -15.68 -27.32 18.32
CA LYS A 266 -15.36 -28.35 19.30
C LYS A 266 -16.02 -29.67 18.91
N ALA A 267 -15.36 -30.77 19.26
CA ALA A 267 -15.74 -32.11 18.85
C ALA A 267 -17.16 -32.57 19.06
N ASP A 268 -17.69 -32.12 20.18
CA ASP A 268 -19.04 -32.46 20.53
C ASP A 268 -19.99 -31.54 19.84
N ASP A 269 -19.55 -30.33 19.46
CA ASP A 269 -20.38 -29.38 18.72
C ASP A 269 -20.57 -29.93 17.29
N VAL A 270 -19.50 -30.54 16.78
CA VAL A 270 -19.54 -31.11 15.45
C VAL A 270 -20.53 -32.28 15.41
N LYS A 271 -20.60 -33.08 16.49
CA LYS A 271 -21.54 -34.19 16.54
C LYS A 271 -22.98 -33.74 16.67
N GLN A 272 -23.28 -32.69 17.43
CA GLN A 272 -24.65 -32.26 17.61
C GLN A 272 -25.24 -31.79 16.32
N LEU A 273 -24.48 -31.02 15.50
CA LEU A 273 -24.97 -30.58 14.21
C LEU A 273 -24.93 -31.69 13.18
N LYS A 274 -24.00 -32.66 13.08
CA LYS A 274 -24.18 -33.75 12.12
C LYS A 274 -25.52 -34.41 12.40
N SER A 275 -25.79 -34.77 13.67
CA SER A 275 -27.07 -35.33 14.08
C SER A 275 -28.24 -34.43 13.69
N LYS A 276 -28.20 -33.14 14.02
CA LYS A 276 -29.22 -32.18 13.63
C LYS A 276 -29.49 -32.25 12.13
N PHE A 277 -28.45 -32.34 11.30
CA PHE A 277 -28.59 -32.36 9.86
C PHE A 277 -28.73 -33.76 9.22
N GLY A 278 -29.01 -34.69 10.16
CA GLY A 278 -29.40 -36.05 9.87
C GLY A 278 -28.27 -36.93 9.39
N PHE A 279 -27.06 -36.59 9.82
CA PHE A 279 -25.87 -37.37 9.52
C PHE A 279 -25.45 -38.02 10.83
N ASN A 280 -24.55 -38.99 10.71
CA ASN A 280 -24.09 -39.76 11.86
C ASN A 280 -22.93 -39.03 12.51
N PRO A 281 -23.10 -38.62 13.76
CA PRO A 281 -22.08 -38.14 14.64
C PRO A 281 -20.69 -38.67 14.53
N ASP A 282 -20.56 -39.98 14.42
CA ASP A 282 -19.25 -40.59 14.50
C ASP A 282 -18.60 -40.97 13.16
N LYS A 283 -19.07 -40.49 12.00
CA LYS A 283 -18.38 -40.74 10.74
C LYS A 283 -17.99 -39.42 10.04
N SER A 284 -16.90 -39.31 9.27
CA SER A 284 -16.54 -38.04 8.61
C SER A 284 -16.03 -38.07 7.14
N PHE A 285 -16.14 -36.93 6.42
CA PHE A 285 -15.83 -36.77 5.01
C PHE A 285 -16.68 -37.78 4.24
N VAL A 286 -18.00 -37.69 4.52
CA VAL A 286 -19.04 -38.61 4.04
C VAL A 286 -19.92 -37.93 3.01
N VAL A 287 -19.87 -38.36 1.76
CA VAL A 287 -20.74 -37.76 0.77
C VAL A 287 -21.74 -38.84 0.31
N PRO A 288 -23.03 -38.60 0.54
CA PRO A 288 -24.10 -39.42 -0.02
C PRO A 288 -24.06 -39.43 -1.56
N GLN A 289 -24.19 -40.61 -2.13
CA GLN A 289 -24.22 -40.79 -3.56
C GLN A 289 -25.19 -39.85 -4.24
N GLU A 290 -26.34 -39.65 -3.63
CA GLU A 290 -27.38 -38.80 -4.19
C GLU A 290 -26.90 -37.38 -4.39
N VAL A 291 -25.91 -36.87 -3.63
CA VAL A 291 -25.39 -35.52 -3.86
C VAL A 291 -24.48 -35.60 -5.08
N TYR A 292 -23.58 -36.58 -5.11
CA TYR A 292 -22.68 -36.76 -6.26
C TYR A 292 -23.51 -36.82 -7.55
N ASP A 293 -24.59 -37.63 -7.52
CA ASP A 293 -25.48 -37.87 -8.64
C ASP A 293 -26.18 -36.63 -9.14
N HIS A 294 -26.62 -35.85 -8.16
CA HIS A 294 -27.31 -34.60 -8.35
C HIS A 294 -26.50 -33.59 -9.13
N TYR A 295 -25.27 -33.37 -8.66
CA TYR A 295 -24.37 -32.46 -9.32
C TYR A 295 -23.94 -32.97 -10.68
N GLN A 296 -23.92 -34.27 -10.88
CA GLN A 296 -23.66 -34.81 -12.19
C GLN A 296 -24.71 -34.32 -13.20
N LYS A 297 -25.99 -34.54 -12.91
CA LYS A 297 -26.99 -34.08 -13.84
C LYS A 297 -27.11 -32.57 -13.87
N THR A 298 -27.22 -31.94 -12.72
CA THR A 298 -27.38 -30.51 -12.60
C THR A 298 -26.25 -29.66 -13.17
N ILE A 299 -24.99 -30.12 -13.01
CA ILE A 299 -23.87 -29.25 -13.40
C ILE A 299 -22.92 -29.89 -14.38
N LEU A 300 -22.33 -31.05 -14.11
CA LEU A 300 -21.26 -31.48 -14.99
C LEU A 300 -21.74 -31.80 -16.39
N LYS A 301 -22.73 -32.66 -16.55
CA LYS A 301 -23.17 -33.05 -17.87
C LYS A 301 -23.72 -31.89 -18.71
N PRO A 302 -24.50 -30.92 -18.21
CA PRO A 302 -24.92 -29.75 -18.98
C PRO A 302 -23.77 -28.87 -19.42
N GLY A 303 -22.85 -28.53 -18.51
CA GLY A 303 -21.69 -27.70 -18.83
C GLY A 303 -20.83 -28.35 -19.90
N VAL A 304 -20.58 -29.67 -19.82
CA VAL A 304 -19.85 -30.39 -20.86
C VAL A 304 -20.54 -30.18 -22.20
N GLU A 305 -21.84 -30.44 -22.26
CA GLU A 305 -22.67 -30.25 -23.43
C GLU A 305 -22.52 -28.83 -23.97
N ALA A 306 -22.73 -27.82 -23.13
CA ALA A 306 -22.60 -26.40 -23.47
C ALA A 306 -21.22 -26.02 -23.96
N ASN A 307 -20.16 -26.62 -23.42
CA ASN A 307 -18.80 -26.33 -23.83
C ASN A 307 -18.59 -26.87 -25.22
N ASN A 308 -19.07 -28.08 -25.39
CA ASN A 308 -19.02 -28.78 -26.67
C ASN A 308 -19.76 -28.00 -27.77
N LYS A 309 -20.93 -27.43 -27.46
CA LYS A 309 -21.66 -26.63 -28.41
C LYS A 309 -20.82 -25.39 -28.62
N TRP A 310 -20.14 -24.83 -27.62
CA TRP A 310 -19.33 -23.63 -27.83
C TRP A 310 -18.26 -23.91 -28.88
N ASN A 311 -17.65 -25.07 -28.79
CA ASN A 311 -16.63 -25.44 -29.74
C ASN A 311 -17.12 -25.55 -31.16
N LYS A 312 -18.36 -25.97 -31.42
CA LYS A 312 -18.82 -26.06 -32.78
C LYS A 312 -19.13 -24.68 -33.31
N LEU A 313 -19.77 -23.84 -32.52
CA LEU A 313 -20.02 -22.46 -32.93
C LEU A 313 -18.72 -21.76 -33.25
N PHE A 314 -17.69 -22.01 -32.44
CA PHE A 314 -16.39 -21.40 -32.72
C PHE A 314 -15.75 -21.96 -34.00
N SER A 315 -15.76 -23.24 -34.33
CA SER A 315 -15.29 -23.68 -35.63
C SER A 315 -15.99 -23.05 -36.81
N GLU A 316 -17.29 -22.81 -36.71
CA GLU A 316 -18.02 -22.13 -37.78
C GLU A 316 -17.62 -20.66 -37.77
N TYR A 317 -17.28 -20.05 -36.62
CA TYR A 317 -16.85 -18.66 -36.58
C TYR A 317 -15.60 -18.51 -37.45
N GLN A 318 -14.67 -19.43 -37.28
CA GLN A 318 -13.40 -19.44 -37.98
C GLN A 318 -13.57 -19.62 -39.49
N LYS A 319 -14.64 -20.32 -39.94
CA LYS A 319 -14.95 -20.41 -41.36
C LYS A 319 -15.48 -19.05 -41.83
N LYS A 320 -16.48 -18.52 -41.16
CA LYS A 320 -17.11 -17.26 -41.49
C LYS A 320 -16.26 -16.01 -41.42
N PHE A 321 -15.45 -15.84 -40.37
CA PHE A 321 -14.71 -14.59 -40.15
C PHE A 321 -13.26 -14.98 -39.99
N PRO A 322 -12.62 -15.46 -41.05
CA PRO A 322 -11.44 -16.28 -40.97
C PRO A 322 -10.28 -15.62 -40.25
N GLU A 323 -10.18 -14.32 -40.43
CA GLU A 323 -9.09 -13.56 -39.85
C GLU A 323 -9.27 -13.20 -38.37
N LEU A 324 -10.55 -12.97 -37.98
CA LEU A 324 -10.90 -12.71 -36.60
C LEU A 324 -10.92 -14.00 -35.76
N GLY A 325 -11.34 -15.07 -36.43
CA GLY A 325 -11.28 -16.41 -35.87
C GLY A 325 -9.84 -16.81 -35.60
N ALA A 326 -8.99 -16.52 -36.58
CA ALA A 326 -7.57 -16.83 -36.51
C ALA A 326 -6.92 -16.23 -35.27
N GLU A 327 -7.14 -14.93 -35.15
CA GLU A 327 -6.72 -14.11 -34.04
C GLU A 327 -7.20 -14.64 -32.69
N LEU A 328 -8.50 -14.78 -32.41
CA LEU A 328 -8.97 -15.23 -31.10
C LEU A 328 -8.37 -16.59 -30.76
N ALA A 329 -8.21 -17.47 -31.75
CA ALA A 329 -7.60 -18.78 -31.60
C ALA A 329 -6.13 -18.66 -31.14
N ARG A 330 -5.38 -17.66 -31.61
CA ARG A 330 -4.00 -17.41 -31.20
C ARG A 330 -3.97 -17.02 -29.73
N ARG A 331 -4.84 -16.07 -29.41
CA ARG A 331 -4.94 -15.56 -28.06
C ARG A 331 -5.31 -16.70 -27.12
N LEU A 332 -6.28 -17.55 -27.54
CA LEU A 332 -6.70 -18.66 -26.70
C LEU A 332 -5.66 -19.80 -26.67
N SER A 333 -4.63 -19.79 -27.54
CA SER A 333 -3.56 -20.74 -27.37
C SER A 333 -2.49 -20.03 -26.56
N GLY A 334 -2.65 -18.72 -26.39
CA GLY A 334 -1.76 -17.94 -25.56
C GLY A 334 -0.47 -17.63 -26.27
N GLN A 335 -0.58 -17.57 -27.59
CA GLN A 335 0.58 -17.23 -28.39
C GLN A 335 0.50 -15.76 -28.73
N LEU A 336 1.70 -15.21 -28.77
CA LEU A 336 1.90 -13.82 -29.12
C LEU A 336 2.25 -13.82 -30.61
N PRO A 337 1.77 -12.86 -31.44
CA PRO A 337 1.99 -12.83 -32.88
C PRO A 337 3.43 -13.09 -33.26
N ALA A 338 3.60 -14.06 -34.13
CA ALA A 338 4.90 -14.43 -34.65
C ALA A 338 5.64 -13.19 -35.15
N ASN A 339 6.84 -13.15 -34.62
CA ASN A 339 7.80 -12.10 -34.91
C ASN A 339 7.34 -10.66 -34.67
N TRP A 340 6.42 -10.47 -33.70
CA TRP A 340 6.01 -9.15 -33.24
C TRP A 340 7.20 -8.25 -32.89
N GLU A 341 8.28 -8.86 -32.34
CA GLU A 341 9.45 -8.13 -31.85
C GLU A 341 10.09 -7.26 -32.89
N SER A 342 9.84 -7.54 -34.15
CA SER A 342 10.38 -6.75 -35.23
C SER A 342 9.85 -5.34 -35.18
N LYS A 343 8.62 -5.10 -34.68
CA LYS A 343 8.14 -3.73 -34.58
C LYS A 343 8.71 -2.94 -33.39
N LEU A 344 9.61 -3.55 -32.60
CA LEU A 344 10.18 -2.88 -31.47
C LEU A 344 11.28 -2.03 -32.00
N PRO A 345 11.30 -0.78 -31.58
CA PRO A 345 12.32 0.22 -31.92
C PRO A 345 13.76 -0.08 -31.62
N THR A 346 14.70 0.38 -32.47
CA THR A 346 16.12 0.39 -32.12
C THR A 346 16.73 1.78 -32.39
N TYR A 347 17.74 2.18 -31.61
CA TYR A 347 18.36 3.48 -31.72
C TYR A 347 19.87 3.33 -31.72
N THR A 348 20.68 4.35 -32.06
CA THR A 348 22.13 4.30 -32.00
C THR A 348 22.54 5.54 -31.23
N ALA A 349 23.82 5.69 -30.86
CA ALA A 349 24.24 6.89 -30.17
C ALA A 349 24.04 8.13 -31.02
N LYS A 350 23.60 8.02 -32.28
CA LYS A 350 23.28 9.12 -33.16
C LYS A 350 22.01 9.88 -32.85
N ASP A 351 21.02 9.12 -32.36
CA ASP A 351 19.67 9.64 -32.23
C ASP A 351 19.56 10.45 -30.95
N SER A 352 18.57 11.33 -30.96
CA SER A 352 18.43 12.28 -29.87
C SER A 352 18.20 11.68 -28.51
N ALA A 353 18.55 12.47 -27.52
CA ALA A 353 18.32 12.14 -26.14
C ALA A 353 16.83 12.39 -25.90
N VAL A 354 16.16 11.40 -25.35
CA VAL A 354 14.71 11.34 -25.20
C VAL A 354 14.57 10.85 -23.77
N ALA A 355 13.52 11.26 -23.05
CA ALA A 355 13.20 10.68 -21.75
C ALA A 355 12.78 9.26 -21.99
N THR A 356 13.03 8.37 -21.04
CA THR A 356 12.66 6.98 -21.22
C THR A 356 11.13 6.92 -21.31
N ARG A 357 10.42 7.77 -20.56
CA ARG A 357 8.97 7.94 -20.65
C ARG A 357 8.52 8.18 -22.10
N LYS A 358 9.10 9.09 -22.89
CA LYS A 358 8.71 9.27 -24.29
C LYS A 358 9.09 8.04 -25.11
N LEU A 359 10.24 7.40 -24.90
CA LEU A 359 10.58 6.19 -25.63
C LEU A 359 9.58 5.02 -25.47
N SER A 360 8.98 5.01 -24.27
CA SER A 360 7.94 4.08 -23.83
C SER A 360 6.70 4.25 -24.70
N GLU A 361 6.29 5.53 -24.85
CA GLU A 361 5.14 6.00 -25.61
C GLU A 361 5.21 5.52 -27.08
N THR A 362 6.45 5.61 -27.55
CA THR A 362 6.81 5.13 -28.86
C THR A 362 6.66 3.62 -29.06
N VAL A 363 7.00 2.77 -28.07
CA VAL A 363 6.83 1.31 -28.14
C VAL A 363 5.36 1.03 -28.14
N LEU A 364 4.58 1.81 -27.39
CA LEU A 364 3.14 1.66 -27.42
C LEU A 364 2.65 2.02 -28.81
N GLU A 365 3.13 3.06 -29.49
CA GLU A 365 2.65 3.34 -30.85
C GLU A 365 2.96 2.24 -31.84
N ASP A 366 4.12 1.64 -31.71
CA ASP A 366 4.49 0.61 -32.65
C ASP A 366 3.86 -0.73 -32.37
N VAL A 367 3.48 -1.08 -31.14
CA VAL A 367 2.96 -2.42 -30.93
C VAL A 367 1.45 -2.59 -30.83
N TYR A 368 0.61 -1.66 -30.35
CA TYR A 368 -0.82 -1.90 -30.16
C TYR A 368 -1.52 -2.48 -31.39
N ASN A 369 -1.04 -2.13 -32.58
CA ASN A 369 -1.63 -2.64 -33.83
C ASN A 369 -1.34 -4.13 -34.05
N GLN A 370 -0.17 -4.58 -33.58
CA GLN A 370 0.32 -5.94 -33.65
C GLN A 370 -0.37 -6.84 -32.65
N LEU A 371 -0.61 -6.22 -31.48
CA LEU A 371 -1.12 -6.94 -30.33
C LEU A 371 -2.56 -6.57 -29.94
N PRO A 372 -3.59 -7.16 -30.56
CA PRO A 372 -4.98 -6.89 -30.27
C PRO A 372 -5.36 -6.99 -28.83
N GLU A 373 -4.60 -7.71 -28.02
CA GLU A 373 -4.92 -7.95 -26.62
C GLU A 373 -4.21 -7.04 -25.63
N LEU A 374 -3.53 -5.99 -26.10
CA LEU A 374 -2.78 -5.07 -25.26
C LEU A 374 -3.81 -4.06 -24.80
N ILE A 375 -4.24 -4.09 -23.54
CA ILE A 375 -5.21 -3.09 -23.10
C ILE A 375 -4.52 -2.35 -21.94
N GLY A 376 -4.50 -1.03 -22.04
CA GLY A 376 -3.73 -0.19 -21.13
C GLY A 376 -4.46 0.94 -20.47
N GLY A 377 -3.83 1.72 -19.58
CA GLY A 377 -4.53 2.79 -18.88
C GLY A 377 -3.61 3.62 -18.00
N SER A 378 -4.25 4.42 -17.15
CA SER A 378 -3.57 5.31 -16.27
C SER A 378 -4.48 5.54 -15.10
N ALA A 379 -3.92 5.82 -13.91
CA ALA A 379 -4.69 6.22 -12.74
C ALA A 379 -4.51 7.76 -12.64
N ASP A 380 -5.33 8.43 -13.48
CA ASP A 380 -5.46 9.85 -13.81
C ASP A 380 -4.18 10.54 -14.24
N LEU A 381 -3.26 9.86 -14.93
CA LEU A 381 -2.03 10.52 -15.32
C LEU A 381 -1.68 10.40 -16.80
N THR A 382 -2.63 10.21 -17.70
CA THR A 382 -2.36 9.98 -19.11
C THR A 382 -1.41 10.94 -19.80
N PRO A 383 -1.48 12.26 -19.60
CA PRO A 383 -0.52 13.15 -20.18
C PRO A 383 0.87 13.08 -19.54
N SER A 384 1.04 12.49 -18.34
CA SER A 384 2.33 12.43 -17.64
C SER A 384 3.04 11.13 -17.85
N ASN A 385 2.25 10.06 -17.85
CA ASN A 385 2.79 8.73 -18.10
C ASN A 385 2.95 8.47 -19.57
N LEU A 386 2.24 9.22 -20.44
CA LEU A 386 2.28 9.03 -21.90
C LEU A 386 1.92 7.58 -22.33
N THR A 387 0.77 7.16 -21.85
CA THR A 387 0.44 5.75 -21.92
C THR A 387 -0.66 5.46 -22.95
N ARG A 388 -1.06 6.42 -23.77
CA ARG A 388 -2.15 6.18 -24.71
C ARG A 388 -1.60 6.36 -26.12
N TRP A 389 -2.01 5.51 -27.04
CA TRP A 389 -1.56 5.65 -28.41
C TRP A 389 -2.52 6.64 -29.03
N LYS A 390 -2.13 7.29 -30.11
CA LYS A 390 -2.93 8.33 -30.71
C LYS A 390 -4.17 7.80 -31.42
N GLU A 391 -4.13 6.62 -32.06
CA GLU A 391 -5.32 6.06 -32.69
C GLU A 391 -6.16 5.26 -31.67
N ALA A 392 -6.19 5.62 -30.37
CA ALA A 392 -6.89 4.82 -29.37
C ALA A 392 -8.34 5.16 -29.21
N LEU A 393 -9.04 4.27 -28.51
CA LEU A 393 -10.45 4.41 -28.21
C LEU A 393 -10.57 3.89 -26.79
N ASP A 394 -11.20 4.68 -25.92
CA ASP A 394 -11.38 4.32 -24.52
C ASP A 394 -12.33 3.16 -24.26
N PHE A 395 -12.05 2.40 -23.20
CA PHE A 395 -12.94 1.34 -22.81
C PHE A 395 -14.09 2.02 -22.08
N GLN A 396 -15.32 2.24 -22.57
CA GLN A 396 -16.37 2.93 -21.79
C GLN A 396 -17.72 2.39 -22.18
N PRO A 397 -18.87 2.54 -21.50
CA PRO A 397 -20.19 2.11 -21.99
C PRO A 397 -20.61 2.84 -23.24
N PRO A 398 -21.14 2.20 -24.30
CA PRO A 398 -22.01 2.77 -25.34
C PRO A 398 -22.66 4.13 -25.14
N SER A 399 -23.30 4.30 -24.01
CA SER A 399 -24.00 5.50 -23.66
C SER A 399 -23.09 6.69 -23.48
N SER A 400 -21.86 6.49 -23.01
CA SER A 400 -20.96 7.58 -22.67
C SER A 400 -20.71 8.58 -23.78
N GLY A 401 -20.80 8.15 -25.03
CA GLY A 401 -20.41 8.99 -26.15
C GLY A 401 -18.90 9.22 -26.19
N SER A 402 -18.10 8.72 -25.22
CA SER A 402 -16.67 8.96 -25.14
C SER A 402 -15.82 7.72 -25.40
N GLY A 403 -16.47 6.57 -25.60
CA GLY A 403 -15.78 5.36 -26.01
C GLY A 403 -16.75 4.21 -26.00
N ASN A 404 -16.26 3.00 -26.23
CA ASN A 404 -17.16 1.87 -26.08
C ASN A 404 -16.39 0.69 -25.51
N TYR A 405 -17.09 -0.41 -25.26
CA TYR A 405 -16.50 -1.61 -24.70
C TYR A 405 -15.47 -2.32 -25.58
N SER A 406 -15.28 -2.01 -26.87
CA SER A 406 -14.16 -2.58 -27.60
C SER A 406 -12.92 -1.67 -27.42
N GLY A 407 -13.08 -0.56 -26.68
CA GLY A 407 -11.97 0.33 -26.44
C GLY A 407 -10.95 -0.43 -25.62
N ARG A 408 -9.70 0.01 -25.79
CA ARG A 408 -8.57 -0.63 -25.15
C ARG A 408 -7.71 0.31 -24.29
N TYR A 409 -8.32 1.43 -23.85
CA TYR A 409 -7.66 2.38 -23.00
C TYR A 409 -8.60 2.78 -21.87
N ILE A 410 -8.23 2.37 -20.66
CA ILE A 410 -9.02 2.55 -19.47
C ILE A 410 -8.61 3.81 -18.73
N ARG A 411 -9.62 4.57 -18.36
CA ARG A 411 -9.39 5.73 -17.53
C ARG A 411 -9.67 5.27 -16.10
N TYR A 412 -8.64 4.95 -15.29
CA TYR A 412 -8.88 4.44 -13.94
C TYR A 412 -9.25 5.42 -12.85
N GLY A 413 -9.00 6.72 -13.01
CA GLY A 413 -9.28 7.68 -11.95
C GLY A 413 -8.15 7.62 -10.98
N ILE A 414 -8.21 8.26 -9.84
CA ILE A 414 -7.06 8.19 -8.96
C ILE A 414 -7.36 6.98 -8.07
N ARG A 415 -7.05 5.82 -8.60
CA ARG A 415 -7.35 4.55 -7.95
C ARG A 415 -6.24 3.56 -8.31
N GLU A 416 -4.99 3.83 -7.87
CA GLU A 416 -3.84 2.92 -8.00
C GLU A 416 -4.08 1.48 -7.50
N HIS A 417 -4.45 1.22 -6.20
CA HIS A 417 -4.54 -0.17 -5.74
C HIS A 417 -5.63 -0.91 -6.49
N ALA A 418 -6.79 -0.32 -6.74
CA ALA A 418 -7.81 -0.91 -7.64
C ALA A 418 -7.21 -1.27 -9.01
N MET A 419 -6.58 -0.34 -9.76
CA MET A 419 -5.95 -0.64 -11.04
C MET A 419 -5.00 -1.86 -10.94
N GLY A 420 -4.09 -2.01 -9.98
CA GLY A 420 -3.29 -3.24 -9.92
C GLY A 420 -4.10 -4.54 -9.74
N ALA A 421 -5.15 -4.55 -8.91
CA ALA A 421 -6.02 -5.68 -8.75
C ALA A 421 -6.94 -5.92 -9.95
N ILE A 422 -7.43 -4.86 -10.59
CA ILE A 422 -8.35 -4.97 -11.71
C ILE A 422 -7.51 -5.56 -12.84
N MET A 423 -6.24 -5.11 -12.96
CA MET A 423 -5.28 -5.64 -13.93
C MET A 423 -5.03 -7.14 -13.77
N ASN A 424 -4.86 -7.61 -12.54
CA ASN A 424 -4.77 -9.03 -12.26
C ASN A 424 -6.03 -9.73 -12.73
N GLY A 425 -7.22 -9.13 -12.54
CA GLY A 425 -8.48 -9.70 -13.00
C GLY A 425 -8.50 -9.87 -14.51
N ILE A 426 -8.12 -8.84 -15.28
CA ILE A 426 -8.05 -8.85 -16.75
C ILE A 426 -7.12 -9.95 -17.28
N SER A 427 -5.93 -10.00 -16.68
CA SER A 427 -4.97 -10.98 -17.00
C SER A 427 -5.56 -12.34 -16.67
N ALA A 428 -6.05 -12.58 -15.44
CA ALA A 428 -6.49 -13.90 -15.00
C ALA A 428 -7.66 -14.53 -15.78
N PHE A 429 -8.38 -13.69 -16.54
CA PHE A 429 -9.47 -14.03 -17.42
C PHE A 429 -9.01 -14.98 -18.54
N GLY A 430 -7.92 -14.65 -19.23
CA GLY A 430 -7.39 -15.49 -20.28
C GLY A 430 -7.38 -14.74 -21.58
N ALA A 431 -7.52 -15.47 -22.70
CA ALA A 431 -7.49 -14.94 -24.06
C ALA A 431 -6.28 -14.03 -24.30
N ASN A 432 -5.15 -14.48 -23.79
CA ASN A 432 -3.89 -13.75 -23.85
C ASN A 432 -3.96 -12.24 -23.55
N TYR A 433 -4.86 -11.79 -22.66
CA TYR A 433 -5.01 -10.39 -22.31
C TYR A 433 -3.72 -9.93 -21.70
N LYS A 434 -3.22 -8.84 -22.23
CA LYS A 434 -2.00 -8.27 -21.71
C LYS A 434 -2.34 -6.87 -21.17
N PRO A 435 -2.70 -6.74 -19.86
CA PRO A 435 -2.94 -5.45 -19.22
C PRO A 435 -1.73 -4.62 -18.77
N TYR A 436 -1.82 -3.29 -18.88
CA TYR A 436 -0.86 -2.41 -18.23
C TYR A 436 -1.62 -1.17 -17.78
N GLY A 437 -0.91 -0.42 -16.93
CA GLY A 437 -1.41 0.83 -16.39
C GLY A 437 -0.25 1.59 -15.78
N GLY A 438 -0.30 2.90 -15.95
CA GLY A 438 0.74 3.74 -15.41
C GLY A 438 0.33 4.59 -14.21
N THR A 439 1.40 4.92 -13.50
CA THR A 439 1.30 5.90 -12.46
C THR A 439 2.72 6.42 -12.26
N PHE A 440 2.89 7.17 -11.18
CA PHE A 440 4.19 7.63 -10.81
C PHE A 440 4.77 6.49 -10.00
N LEU A 441 6.04 6.12 -10.17
CA LEU A 441 6.66 5.07 -9.40
C LEU A 441 6.36 5.18 -7.89
N ASN A 442 6.32 6.38 -7.33
CA ASN A 442 6.12 6.51 -5.90
C ASN A 442 4.79 5.98 -5.43
N PHE A 443 3.78 6.04 -6.29
CA PHE A 443 2.44 5.68 -5.86
C PHE A 443 2.08 4.26 -6.27
N VAL A 444 3.01 3.51 -6.85
CA VAL A 444 2.83 2.09 -7.05
C VAL A 444 2.84 1.47 -5.65
N SER A 445 3.57 2.06 -4.70
CA SER A 445 3.54 1.70 -3.29
C SER A 445 2.13 1.76 -2.66
N TYR A 446 1.26 2.61 -3.18
CA TYR A 446 -0.13 2.61 -2.81
C TYR A 446 -0.82 1.31 -3.30
N ALA A 447 -0.25 0.57 -4.25
CA ALA A 447 -0.91 -0.62 -4.77
C ALA A 447 -0.27 -1.90 -4.30
N ALA A 448 0.67 -1.75 -3.34
CA ALA A 448 1.53 -2.80 -2.86
C ALA A 448 0.76 -4.06 -2.49
N GLY A 449 -0.51 -3.91 -2.09
CA GLY A 449 -1.32 -5.08 -1.83
C GLY A 449 -1.49 -5.92 -3.10
N ALA A 450 -2.01 -5.29 -4.16
CA ALA A 450 -2.31 -5.93 -5.41
C ALA A 450 -1.01 -6.39 -6.03
N VAL A 451 0.04 -5.56 -5.97
CA VAL A 451 1.30 -5.93 -6.60
C VAL A 451 1.88 -7.21 -5.96
N ARG A 452 1.85 -7.46 -4.64
CA ARG A 452 2.38 -8.72 -4.10
C ARG A 452 1.65 -9.93 -4.64
N LEU A 453 0.35 -9.77 -4.85
CA LEU A 453 -0.42 -10.91 -5.34
C LEU A 453 -0.13 -11.17 -6.81
N SER A 454 0.30 -10.16 -7.60
CA SER A 454 0.74 -10.36 -8.98
C SER A 454 1.95 -11.31 -9.05
N ALA A 455 2.84 -11.10 -8.09
CA ALA A 455 4.01 -11.92 -7.87
C ALA A 455 3.65 -13.26 -7.29
N LEU A 456 2.84 -13.38 -6.23
CA LEU A 456 2.50 -14.68 -5.65
C LEU A 456 1.79 -15.64 -6.59
N SER A 457 0.84 -15.07 -7.36
CA SER A 457 0.09 -15.83 -8.35
C SER A 457 0.88 -15.96 -9.64
N GLY A 458 1.67 -14.97 -10.04
CA GLY A 458 2.31 -15.04 -11.32
C GLY A 458 1.37 -14.40 -12.33
N HIS A 459 0.77 -13.23 -12.08
CA HIS A 459 -0.06 -12.60 -13.10
C HIS A 459 0.95 -11.60 -13.70
N PRO A 460 1.38 -11.81 -14.96
CA PRO A 460 2.29 -10.96 -15.67
C PRO A 460 1.74 -9.58 -16.06
N VAL A 461 1.23 -8.81 -15.08
CA VAL A 461 0.75 -7.47 -15.38
C VAL A 461 1.94 -6.48 -15.53
N ILE A 462 1.78 -5.35 -16.22
CA ILE A 462 2.88 -4.41 -16.40
C ILE A 462 2.49 -3.04 -15.89
N TRP A 463 3.43 -2.57 -15.07
CA TRP A 463 3.33 -1.27 -14.46
C TRP A 463 4.30 -0.43 -15.21
N VAL A 464 3.73 0.71 -15.56
CA VAL A 464 4.45 1.72 -16.30
C VAL A 464 4.59 2.80 -15.22
N ALA A 465 5.77 2.86 -14.62
CA ALA A 465 5.97 3.77 -13.54
C ALA A 465 6.96 4.89 -13.91
N THR A 466 6.38 5.98 -14.39
CA THR A 466 7.21 7.07 -14.80
C THR A 466 7.61 7.80 -13.53
N HIS A 467 8.51 8.79 -13.68
CA HIS A 467 8.94 9.69 -12.61
C HIS A 467 9.70 8.95 -11.49
N ASP A 468 10.72 8.25 -11.95
CA ASP A 468 11.46 7.33 -11.11
C ASP A 468 12.44 7.79 -10.04
N SER A 469 12.56 9.09 -9.72
CA SER A 469 13.57 9.60 -8.80
C SER A 469 13.32 11.06 -8.58
N ILE A 470 14.28 11.64 -7.86
CA ILE A 470 14.50 13.06 -7.64
C ILE A 470 14.53 13.83 -8.96
N GLY A 471 14.76 13.14 -10.10
CA GLY A 471 14.74 13.70 -11.43
C GLY A 471 13.40 14.35 -11.70
N VAL A 472 12.37 14.03 -10.89
CA VAL A 472 11.08 14.72 -10.78
C VAL A 472 11.17 16.23 -10.40
N GLY A 473 12.04 16.53 -9.42
CA GLY A 473 12.39 17.89 -9.07
C GLY A 473 11.53 18.60 -8.05
N GLU A 474 10.73 19.54 -8.58
CA GLU A 474 10.01 20.51 -7.75
C GLU A 474 8.77 20.10 -6.96
N ASP A 475 8.11 19.01 -7.32
CA ASP A 475 7.11 18.44 -6.45
C ASP A 475 7.74 17.93 -5.15
N GLY A 476 9.02 17.58 -5.26
CA GLY A 476 9.84 17.18 -4.15
C GLY A 476 9.48 15.84 -3.55
N PRO A 477 9.67 15.76 -2.23
CA PRO A 477 9.97 14.54 -1.47
C PRO A 477 8.85 13.52 -1.43
N THR A 478 7.63 14.05 -1.38
CA THR A 478 6.40 13.31 -1.40
C THR A 478 6.16 12.58 -2.72
N HIS A 479 6.87 12.97 -3.78
CA HIS A 479 6.73 12.40 -5.11
C HIS A 479 8.03 11.75 -5.60
N GLN A 480 9.17 11.85 -4.92
CA GLN A 480 10.41 11.26 -5.41
C GLN A 480 10.51 9.90 -4.72
N PRO A 481 10.77 8.74 -5.35
CA PRO A 481 10.93 7.48 -4.64
C PRO A 481 12.37 7.36 -4.14
N ILE A 482 12.58 6.74 -2.95
CA ILE A 482 13.90 6.46 -2.37
C ILE A 482 14.02 4.95 -2.19
N GLU A 483 13.05 4.42 -1.44
CA GLU A 483 12.90 3.01 -1.16
C GLU A 483 12.30 2.14 -2.27
N THR A 484 11.41 2.66 -3.14
CA THR A 484 10.55 1.83 -3.99
C THR A 484 11.16 0.64 -4.73
N LEU A 485 12.24 0.75 -5.49
CA LEU A 485 12.83 -0.36 -6.22
C LEU A 485 13.47 -1.35 -5.27
N ALA A 486 14.11 -0.92 -4.21
CA ALA A 486 14.71 -1.78 -3.21
C ALA A 486 13.73 -2.75 -2.65
N HIS A 487 12.57 -2.19 -2.31
CA HIS A 487 11.43 -2.97 -1.82
C HIS A 487 10.98 -4.01 -2.84
N PHE A 488 10.72 -3.55 -4.06
CA PHE A 488 10.17 -4.43 -5.07
C PHE A 488 11.23 -5.41 -5.58
N ARG A 489 12.51 -5.10 -5.40
CA ARG A 489 13.57 -6.06 -5.71
C ARG A 489 13.75 -7.11 -4.58
N SER A 490 13.12 -6.87 -3.42
CA SER A 490 13.07 -7.81 -2.31
C SER A 490 11.92 -8.80 -2.45
N LEU A 491 10.98 -8.54 -3.40
CA LEU A 491 9.79 -9.35 -3.58
C LEU A 491 10.00 -10.45 -4.65
N PRO A 492 9.81 -11.77 -4.36
CA PRO A 492 10.00 -12.85 -5.34
C PRO A 492 9.09 -12.71 -6.58
N ASN A 493 9.61 -13.12 -7.72
CA ASN A 493 8.85 -13.16 -8.96
C ASN A 493 8.27 -11.88 -9.53
N ILE A 494 8.95 -10.76 -9.52
CA ILE A 494 8.45 -9.55 -10.18
C ILE A 494 9.71 -8.95 -10.75
N GLN A 495 9.69 -8.61 -12.05
CA GLN A 495 10.79 -7.94 -12.74
C GLN A 495 10.67 -6.42 -12.48
N VAL A 496 11.74 -5.73 -12.10
CA VAL A 496 11.71 -4.30 -11.83
C VAL A 496 12.67 -3.62 -12.81
N TRP A 497 12.21 -3.42 -14.05
CA TRP A 497 13.06 -2.86 -15.07
C TRP A 497 13.38 -1.39 -14.88
N ARG A 498 14.59 -0.92 -15.13
CA ARG A 498 14.87 0.50 -15.11
C ARG A 498 15.85 0.74 -16.28
N PRO A 499 15.31 0.93 -17.52
CA PRO A 499 16.04 1.23 -18.72
C PRO A 499 16.73 2.56 -18.70
N ALA A 500 17.90 2.50 -19.32
CA ALA A 500 18.77 3.64 -19.53
C ALA A 500 18.49 4.39 -20.84
N ASP A 501 17.81 3.73 -21.79
CA ASP A 501 17.62 4.31 -23.09
C ASP A 501 16.71 3.48 -23.98
N GLY A 502 16.62 3.89 -25.28
CA GLY A 502 15.83 3.37 -26.38
C GLY A 502 15.78 1.88 -26.47
N ASN A 503 16.97 1.37 -26.74
CA ASN A 503 17.26 -0.06 -26.77
C ASN A 503 16.98 -0.83 -25.48
N GLU A 504 17.22 -0.19 -24.35
CA GLU A 504 16.95 -0.76 -23.04
C GLU A 504 15.44 -0.75 -22.75
N VAL A 505 14.66 0.23 -23.24
CA VAL A 505 13.19 0.24 -23.10
C VAL A 505 12.64 -0.92 -23.94
N SER A 506 13.12 -1.10 -25.19
CA SER A 506 12.64 -2.19 -26.03
C SER A 506 12.98 -3.52 -25.40
N ALA A 507 14.15 -3.73 -24.81
CA ALA A 507 14.43 -4.97 -24.10
C ALA A 507 13.46 -5.23 -22.94
N ALA A 508 13.11 -4.15 -22.21
CA ALA A 508 12.13 -4.18 -21.12
C ALA A 508 10.75 -4.59 -21.65
N TYR A 509 10.18 -3.94 -22.65
CA TYR A 509 8.90 -4.36 -23.20
C TYR A 509 8.91 -5.73 -23.85
N LYS A 510 9.92 -6.21 -24.58
CA LYS A 510 9.81 -7.55 -25.06
C LYS A 510 9.88 -8.55 -23.89
N ASN A 511 10.86 -8.57 -22.99
CA ASN A 511 10.84 -9.46 -21.82
C ASN A 511 9.57 -9.38 -21.00
N SER A 512 9.03 -8.16 -20.79
CA SER A 512 7.80 -7.97 -20.04
C SER A 512 6.61 -8.56 -20.76
N LEU A 513 6.51 -8.41 -22.09
CA LEU A 513 5.37 -8.94 -22.83
C LEU A 513 5.47 -10.43 -23.14
N GLU A 514 6.69 -10.93 -23.22
CA GLU A 514 6.93 -12.35 -23.46
C GLU A 514 6.65 -13.18 -22.22
N SER A 515 6.59 -12.50 -21.08
CA SER A 515 6.40 -13.13 -19.81
C SER A 515 5.07 -13.83 -19.67
N LYS A 516 5.19 -15.07 -19.21
CA LYS A 516 4.00 -15.79 -18.88
C LYS A 516 3.72 -15.85 -17.38
N HIS A 517 4.72 -15.66 -16.49
CA HIS A 517 4.52 -15.88 -15.06
C HIS A 517 5.00 -14.78 -14.14
N THR A 518 5.75 -13.79 -14.60
CA THR A 518 6.29 -12.78 -13.72
C THR A 518 5.69 -11.46 -14.12
N PRO A 519 5.06 -10.67 -13.24
CA PRO A 519 4.73 -9.26 -13.51
C PRO A 519 5.95 -8.34 -13.67
N SER A 520 5.74 -7.09 -14.12
CA SER A 520 6.81 -6.12 -14.28
C SER A 520 6.44 -4.71 -13.83
N ILE A 521 7.51 -3.96 -13.53
CA ILE A 521 7.44 -2.55 -13.26
C ILE A 521 8.51 -2.02 -14.21
N ILE A 522 8.22 -1.01 -15.06
CA ILE A 522 9.24 -0.36 -15.85
C ILE A 522 9.31 1.08 -15.27
N ALA A 523 10.45 1.43 -14.65
CA ALA A 523 10.73 2.73 -14.08
C ALA A 523 11.31 3.61 -15.20
N LEU A 524 10.65 4.70 -15.53
CA LEU A 524 10.94 5.48 -16.72
C LEU A 524 11.26 6.88 -16.32
N SER A 525 12.13 7.62 -17.02
CA SER A 525 12.52 8.95 -16.60
C SER A 525 11.57 10.07 -17.08
N ARG A 526 11.50 11.14 -16.30
CA ARG A 526 10.82 12.35 -16.72
C ARG A 526 11.79 13.02 -17.68
N GLN A 527 13.03 13.17 -17.25
CA GLN A 527 14.03 13.86 -18.00
C GLN A 527 14.63 13.06 -19.16
N ASN A 528 15.09 13.88 -20.12
CA ASN A 528 15.77 13.41 -21.29
C ASN A 528 17.01 12.70 -20.91
N LEU A 529 17.30 11.64 -21.63
CA LEU A 529 18.49 10.88 -21.39
C LEU A 529 19.02 10.44 -22.78
N PRO A 530 20.35 10.57 -22.98
CA PRO A 530 21.12 10.12 -24.15
C PRO A 530 21.15 8.67 -24.54
N GLN A 531 21.08 8.41 -25.85
CA GLN A 531 21.22 7.03 -26.32
C GLN A 531 22.71 6.67 -26.06
N LEU A 532 22.95 5.44 -25.61
CA LEU A 532 24.26 4.99 -25.19
C LEU A 532 24.95 4.18 -26.27
N GLU A 533 26.22 4.43 -26.56
CA GLU A 533 26.86 3.61 -27.54
C GLU A 533 27.34 2.37 -26.78
N GLY A 534 26.64 1.29 -27.17
CA GLY A 534 26.87 -0.01 -26.60
C GLY A 534 25.59 -0.74 -26.20
N SER A 535 24.49 -0.03 -25.93
CA SER A 535 23.23 -0.66 -25.54
C SER A 535 22.66 -1.40 -26.72
N SER A 536 21.94 -2.49 -26.51
CA SER A 536 21.36 -3.28 -27.59
C SER A 536 20.23 -4.02 -26.95
N ILE A 537 19.10 -4.29 -27.65
CA ILE A 537 17.99 -5.06 -27.08
C ILE A 537 18.46 -6.45 -26.63
N GLU A 538 19.27 -7.11 -27.45
CA GLU A 538 19.89 -8.39 -27.11
C GLU A 538 20.58 -8.37 -25.73
N SER A 539 21.52 -7.44 -25.50
CA SER A 539 22.16 -7.32 -24.21
C SER A 539 21.27 -6.96 -23.05
N ALA A 540 20.42 -5.95 -23.22
CA ALA A 540 19.59 -5.51 -22.13
C ALA A 540 18.60 -6.59 -21.70
N SER A 541 18.18 -7.47 -22.64
CA SER A 541 17.37 -8.63 -22.36
C SER A 541 18.01 -9.62 -21.41
N LYS A 542 19.33 -9.60 -21.25
CA LYS A 542 20.00 -10.48 -20.33
C LYS A 542 19.93 -9.93 -18.91
N GLY A 543 19.39 -8.71 -18.75
CA GLY A 543 19.15 -8.14 -17.44
C GLY A 543 20.31 -7.33 -16.97
N GLY A 544 21.55 -7.72 -17.23
CA GLY A 544 22.71 -6.94 -16.89
C GLY A 544 23.77 -7.29 -17.92
N TYR A 545 24.54 -6.36 -18.50
CA TYR A 545 25.53 -6.64 -19.54
C TYR A 545 26.65 -5.59 -19.48
N VAL A 546 27.85 -5.83 -20.06
CA VAL A 546 28.94 -4.86 -20.03
C VAL A 546 28.62 -3.84 -21.12
N LEU A 547 28.50 -2.57 -20.79
CA LEU A 547 28.16 -1.60 -21.81
C LEU A 547 29.47 -1.04 -22.35
N GLN A 548 30.44 -0.74 -21.46
CA GLN A 548 31.74 -0.22 -21.85
C GLN A 548 32.71 -1.14 -21.17
N ASP A 549 33.75 -1.55 -21.86
CA ASP A 549 34.74 -2.47 -21.34
C ASP A 549 36.14 -1.90 -21.58
N VAL A 550 37.09 -2.38 -20.78
CA VAL A 550 38.49 -2.06 -20.89
C VAL A 550 39.24 -3.34 -20.58
N ALA A 551 40.48 -3.42 -21.05
CA ALA A 551 41.34 -4.53 -20.78
C ALA A 551 42.07 -4.11 -19.52
N ASN A 552 41.70 -4.85 -18.47
CA ASN A 552 42.17 -4.76 -17.08
C ASN A 552 41.65 -3.52 -16.36
N PRO A 553 40.41 -3.53 -15.83
CA PRO A 553 39.79 -2.38 -15.20
C PRO A 553 40.33 -2.16 -13.81
N ASP A 554 40.46 -0.88 -13.51
CA ASP A 554 40.83 -0.49 -12.18
C ASP A 554 39.64 -0.61 -11.25
N ILE A 555 38.46 -0.44 -11.85
CA ILE A 555 37.21 -0.50 -11.11
C ILE A 555 36.11 -0.84 -12.11
N ILE A 556 35.00 -1.47 -11.70
CA ILE A 556 33.78 -1.68 -12.48
C ILE A 556 32.71 -0.76 -11.85
N LEU A 557 32.01 -0.04 -12.70
CA LEU A 557 30.92 0.84 -12.31
C LEU A 557 29.57 0.27 -12.73
N VAL A 558 28.72 -0.16 -11.80
CA VAL A 558 27.43 -0.76 -12.10
C VAL A 558 26.31 0.25 -11.78
N ALA A 559 25.62 0.65 -12.85
CA ALA A 559 24.56 1.64 -12.73
C ALA A 559 23.29 1.04 -13.33
N THR A 560 22.20 1.80 -13.11
CA THR A 560 20.89 1.49 -13.67
C THR A 560 20.22 2.77 -14.15
N GLY A 561 19.21 2.75 -14.99
CA GLY A 561 18.46 3.93 -15.45
C GLY A 561 19.28 5.13 -15.87
N SER A 562 18.87 6.28 -15.34
CA SER A 562 19.55 7.55 -15.60
C SER A 562 20.99 7.63 -15.14
N GLU A 563 21.52 6.73 -14.28
CA GLU A 563 22.89 6.84 -13.83
C GLU A 563 23.84 6.10 -14.70
N VAL A 564 23.44 5.35 -15.72
CA VAL A 564 24.34 4.63 -16.61
C VAL A 564 25.04 5.72 -17.39
N SER A 565 24.31 6.68 -17.96
CA SER A 565 24.84 7.88 -18.62
C SER A 565 25.85 8.62 -17.75
N LEU A 566 25.46 8.94 -16.51
CA LEU A 566 26.30 9.60 -15.52
C LEU A 566 27.61 8.82 -15.36
N SER A 567 27.53 7.48 -15.25
CA SER A 567 28.66 6.59 -15.15
C SER A 567 29.52 6.57 -16.40
N VAL A 568 29.02 6.84 -17.60
CA VAL A 568 29.89 6.91 -18.76
C VAL A 568 30.73 8.22 -18.70
N GLU A 569 30.11 9.28 -18.24
CA GLU A 569 30.77 10.55 -18.07
C GLU A 569 31.85 10.44 -16.99
N ALA A 570 31.53 9.75 -15.91
CA ALA A 570 32.47 9.48 -14.84
C ALA A 570 33.66 8.67 -15.39
N ALA A 571 33.37 7.79 -16.34
CA ALA A 571 34.43 6.98 -16.90
C ALA A 571 35.33 7.84 -17.78
N LYS A 572 34.86 8.82 -18.57
CA LYS A 572 35.75 9.69 -19.35
C LYS A 572 36.75 10.41 -18.45
N THR A 573 36.21 11.04 -17.43
CA THR A 573 36.97 11.70 -16.37
C THR A 573 38.00 10.77 -15.73
N LEU A 574 37.65 9.53 -15.36
CA LEU A 574 38.61 8.65 -14.75
C LEU A 574 39.71 8.31 -15.74
N ALA A 575 39.39 8.15 -17.02
CA ALA A 575 40.34 7.80 -18.08
C ALA A 575 41.42 8.84 -18.20
N ALA A 576 41.04 10.11 -18.29
CA ALA A 576 41.97 11.22 -18.20
C ALA A 576 42.95 11.03 -17.02
N LYS A 577 42.59 10.79 -15.76
CA LYS A 577 43.56 10.59 -14.67
C LYS A 577 44.16 9.17 -14.69
N ASN A 578 44.07 8.48 -15.82
CA ASN A 578 44.47 7.11 -16.10
C ASN A 578 43.90 5.92 -15.33
N ILE A 579 42.65 5.98 -14.88
CA ILE A 579 41.99 4.86 -14.25
C ILE A 579 41.13 4.31 -15.38
N LYS A 580 41.06 2.97 -15.46
CA LYS A 580 40.29 2.22 -16.46
C LYS A 580 39.07 1.64 -15.77
N ALA A 581 37.94 2.10 -16.22
CA ALA A 581 36.70 1.72 -15.61
C ALA A 581 35.91 1.02 -16.69
N ARG A 582 35.30 -0.10 -16.35
CA ARG A 582 34.41 -0.79 -17.22
C ARG A 582 33.07 -0.30 -16.69
N VAL A 583 32.08 -0.02 -17.53
CA VAL A 583 30.78 0.48 -17.07
C VAL A 583 29.81 -0.64 -17.47
N VAL A 584 28.99 -1.09 -16.51
CA VAL A 584 28.04 -2.20 -16.65
C VAL A 584 26.64 -1.65 -16.50
N SER A 585 25.75 -2.02 -17.41
CA SER A 585 24.37 -1.61 -17.29
C SER A 585 23.60 -2.81 -16.73
N LEU A 586 22.78 -2.65 -15.70
CA LEU A 586 22.04 -3.77 -15.07
C LEU A 586 20.53 -3.47 -15.01
N PRO A 587 19.79 -3.31 -16.13
CA PRO A 587 18.37 -2.96 -16.19
C PRO A 587 17.39 -3.79 -15.39
N ASP A 588 17.61 -5.08 -15.15
CA ASP A 588 16.76 -5.81 -14.22
C ASP A 588 17.57 -6.83 -13.43
N PHE A 589 17.63 -6.64 -12.09
CA PHE A 589 18.30 -7.57 -11.16
C PHE A 589 17.74 -8.99 -11.31
N PHE A 590 16.41 -9.14 -11.49
CA PHE A 590 15.71 -10.42 -11.69
C PHE A 590 16.21 -11.24 -12.89
N THR A 591 15.97 -10.68 -14.07
CA THR A 591 16.39 -11.21 -15.35
C THR A 591 17.87 -11.44 -15.32
N PHE A 592 18.63 -10.64 -14.59
CA PHE A 592 20.05 -10.87 -14.49
C PHE A 592 20.25 -12.12 -13.62
N ASP A 593 19.69 -12.23 -12.43
CA ASP A 593 19.83 -13.42 -11.61
C ASP A 593 19.33 -14.68 -12.25
N LYS A 594 18.50 -14.56 -13.28
CA LYS A 594 18.09 -15.73 -14.04
C LYS A 594 19.16 -16.25 -15.03
N GLN A 595 20.29 -15.54 -15.13
CA GLN A 595 21.32 -15.88 -16.07
C GLN A 595 22.15 -16.99 -15.47
N PRO A 596 22.80 -17.84 -16.27
CA PRO A 596 23.85 -18.72 -15.80
C PRO A 596 24.91 -17.94 -15.05
N LEU A 597 25.26 -18.45 -13.86
CA LEU A 597 26.28 -17.84 -13.02
C LEU A 597 27.55 -17.50 -13.78
N GLU A 598 27.95 -18.43 -14.61
CA GLU A 598 29.03 -18.34 -15.58
C GLU A 598 29.00 -17.06 -16.41
N TYR A 599 27.82 -16.67 -16.85
CA TYR A 599 27.61 -15.39 -17.50
C TYR A 599 27.72 -14.20 -16.51
N ARG A 600 27.01 -14.30 -15.40
CA ARG A 600 26.95 -13.22 -14.46
C ARG A 600 28.36 -12.86 -13.99
N LEU A 601 29.16 -13.88 -13.70
CA LEU A 601 30.54 -13.72 -13.27
C LEU A 601 31.43 -13.10 -14.36
N SER A 602 31.01 -13.04 -15.62
CA SER A 602 31.84 -12.42 -16.61
C SER A 602 31.56 -10.93 -16.58
N VAL A 603 30.30 -10.60 -16.25
CA VAL A 603 29.88 -9.23 -16.08
C VAL A 603 30.56 -8.73 -14.80
N LEU A 604 30.40 -9.42 -13.67
CA LEU A 604 31.00 -8.95 -12.43
C LEU A 604 32.11 -9.85 -11.89
N PRO A 605 33.33 -9.78 -12.42
CA PRO A 605 34.42 -10.60 -11.96
C PRO A 605 35.02 -10.34 -10.57
N ASP A 606 35.67 -11.41 -10.09
CA ASP A 606 36.45 -11.40 -8.87
C ASP A 606 37.68 -10.60 -9.21
N ASN A 607 38.07 -10.03 -8.10
CA ASN A 607 39.27 -9.26 -7.93
C ASN A 607 39.22 -7.91 -8.64
N VAL A 608 38.07 -7.29 -8.86
CA VAL A 608 38.08 -5.90 -9.27
C VAL A 608 37.12 -5.34 -8.24
N PRO A 609 37.36 -4.16 -7.62
CA PRO A 609 36.34 -3.42 -6.90
C PRO A 609 35.25 -3.04 -7.88
N ILE A 610 34.03 -3.22 -7.37
CA ILE A 610 32.81 -2.96 -8.11
C ILE A 610 32.14 -1.87 -7.29
N MET A 611 31.61 -0.79 -7.87
CA MET A 611 30.93 0.26 -7.15
C MET A 611 29.64 0.51 -7.93
N SER A 612 28.52 0.67 -7.24
CA SER A 612 27.22 0.84 -7.88
C SER A 612 26.79 2.30 -7.75
N VAL A 613 26.13 2.81 -8.79
CA VAL A 613 25.73 4.22 -8.92
C VAL A 613 24.22 4.24 -9.16
N GLU A 614 23.39 4.81 -8.29
CA GLU A 614 21.94 4.97 -8.53
C GLU A 614 21.33 5.95 -7.52
N VAL A 615 20.45 6.88 -7.92
CA VAL A 615 19.95 7.92 -7.01
C VAL A 615 18.76 7.48 -6.14
N LEU A 616 18.88 6.27 -5.59
CA LEU A 616 17.87 5.66 -4.72
C LEU A 616 18.66 4.85 -3.67
N ALA A 617 17.95 4.26 -2.72
CA ALA A 617 18.54 3.52 -1.63
C ALA A 617 19.58 2.46 -1.97
N THR A 618 20.68 2.47 -1.25
CA THR A 618 21.75 1.50 -1.46
C THR A 618 21.50 0.11 -0.88
N THR A 619 20.56 -0.05 0.03
CA THR A 619 20.39 -1.31 0.71
C THR A 619 20.24 -2.57 -0.18
N CYS A 620 19.84 -2.55 -1.46
CA CYS A 620 19.73 -3.77 -2.27
C CYS A 620 21.04 -4.18 -3.02
N TRP A 621 21.99 -3.22 -3.04
CA TRP A 621 23.19 -3.28 -3.88
C TRP A 621 24.40 -4.03 -3.36
N GLY A 622 24.19 -4.49 -2.15
CA GLY A 622 25.15 -5.26 -1.48
C GLY A 622 25.33 -6.54 -2.23
N LYS A 623 24.38 -6.98 -3.05
CA LYS A 623 24.55 -8.28 -3.71
C LYS A 623 25.35 -8.27 -4.98
N TYR A 624 25.70 -7.07 -5.46
CA TYR A 624 26.48 -6.99 -6.68
C TYR A 624 27.72 -6.15 -6.52
N ALA A 625 27.79 -5.22 -5.56
CA ALA A 625 28.92 -4.31 -5.45
C ALA A 625 29.74 -4.39 -4.17
N HIS A 626 30.88 -3.73 -4.13
CA HIS A 626 31.70 -3.61 -2.92
C HIS A 626 31.39 -2.25 -2.24
N GLN A 627 31.32 -1.13 -2.98
CA GLN A 627 30.96 0.12 -2.40
C GLN A 627 29.72 0.61 -3.19
N SER A 628 28.92 1.52 -2.65
CA SER A 628 27.71 1.97 -3.31
C SER A 628 27.47 3.47 -3.19
N PHE A 629 27.21 4.20 -4.26
CA PHE A 629 26.94 5.59 -4.18
C PHE A 629 25.47 5.61 -4.60
N GLY A 630 24.64 6.11 -3.67
CA GLY A 630 23.19 6.13 -3.77
C GLY A 630 22.65 7.14 -2.80
N ILE A 631 21.36 7.18 -2.49
CA ILE A 631 20.72 8.23 -1.69
C ILE A 631 19.86 7.53 -0.63
N ASP A 632 20.16 7.74 0.65
CA ASP A 632 19.39 7.06 1.66
C ASP A 632 18.72 8.06 2.61
N ARG A 633 18.47 9.26 2.11
CA ARG A 633 17.71 10.21 2.87
C ARG A 633 16.57 10.55 1.88
N PHE A 634 15.53 11.28 2.23
CA PHE A 634 14.53 11.66 1.24
C PHE A 634 15.09 12.87 0.45
N GLY A 635 14.42 13.23 -0.66
CA GLY A 635 14.92 14.17 -1.65
C GLY A 635 14.61 15.59 -1.33
N ALA A 636 14.19 16.40 -2.30
CA ALA A 636 14.04 17.85 -2.18
C ALA A 636 13.35 18.56 -3.34
N SER A 637 12.74 19.75 -3.12
CA SER A 637 12.13 20.56 -4.18
C SER A 637 13.16 21.46 -4.80
N GLY A 638 13.49 21.32 -6.06
CA GLY A 638 14.33 22.30 -6.73
C GLY A 638 14.36 21.93 -8.18
N LYS A 639 15.01 22.72 -9.05
CA LYS A 639 15.18 22.32 -10.45
C LYS A 639 15.96 21.00 -10.37
N ALA A 640 15.47 19.96 -11.09
CA ALA A 640 16.04 18.61 -11.09
C ALA A 640 17.54 18.64 -11.21
N PRO A 641 18.19 19.42 -12.12
CA PRO A 641 19.64 19.36 -12.25
C PRO A 641 20.28 19.84 -10.99
N GLU A 642 19.65 20.78 -10.25
CA GLU A 642 20.15 21.26 -8.95
C GLU A 642 20.04 20.19 -7.85
N VAL A 643 19.03 19.34 -7.89
CA VAL A 643 18.83 18.29 -6.89
C VAL A 643 19.85 17.16 -7.08
N PHE A 644 20.17 16.80 -8.33
CA PHE A 644 21.24 15.83 -8.62
C PHE A 644 22.58 16.33 -8.12
N LYS A 645 22.84 17.60 -8.51
CA LYS A 645 24.06 18.27 -8.16
C LYS A 645 24.22 18.37 -6.63
N PHE A 646 23.09 18.67 -5.97
CA PHE A 646 22.99 18.72 -4.53
C PHE A 646 23.44 17.41 -3.88
N PHE A 647 22.89 16.26 -4.30
CA PHE A 647 23.28 15.00 -3.72
C PHE A 647 24.63 14.51 -4.23
N GLY A 648 25.46 15.28 -4.91
CA GLY A 648 26.76 14.76 -5.35
C GLY A 648 26.76 13.94 -6.64
N PHE A 649 25.58 13.77 -7.29
CA PHE A 649 25.48 12.96 -8.50
C PHE A 649 25.79 13.83 -9.70
N THR A 650 27.09 13.83 -9.87
CA THR A 650 27.78 14.61 -10.87
C THR A 650 28.86 13.72 -11.53
N PRO A 651 29.36 13.90 -12.77
CA PRO A 651 30.40 13.08 -13.41
C PRO A 651 31.67 13.02 -12.61
N GLU A 652 32.03 14.18 -12.11
CA GLU A 652 33.21 14.26 -11.30
C GLU A 652 32.97 13.85 -9.83
N GLY A 653 31.70 13.81 -9.39
CA GLY A 653 31.31 13.40 -8.04
C GLY A 653 31.36 11.89 -7.90
N VAL A 654 30.91 11.21 -8.97
CA VAL A 654 30.94 9.77 -9.13
C VAL A 654 32.39 9.29 -9.28
N ALA A 655 33.19 9.99 -10.09
CA ALA A 655 34.56 9.59 -10.33
C ALA A 655 35.43 9.65 -9.06
N GLU A 656 35.39 10.72 -8.25
CA GLU A 656 36.09 10.85 -6.98
C GLU A 656 35.86 9.73 -6.00
N ARG A 657 34.57 9.38 -5.92
CA ARG A 657 34.11 8.23 -5.16
C ARG A 657 34.64 6.96 -5.72
N ALA A 658 34.65 6.77 -7.04
CA ALA A 658 35.26 5.61 -7.66
C ALA A 658 36.76 5.53 -7.31
N GLN A 659 37.51 6.63 -7.38
CA GLN A 659 38.90 6.72 -6.98
C GLN A 659 39.10 6.37 -5.54
N LYS A 660 38.33 6.89 -4.58
CA LYS A 660 38.42 6.50 -3.16
C LYS A 660 38.17 4.98 -3.00
N THR A 661 37.24 4.37 -3.74
CA THR A 661 37.00 2.92 -3.70
C THR A 661 38.27 2.19 -4.09
N ILE A 662 38.83 2.54 -5.23
CA ILE A 662 40.08 1.96 -5.70
C ILE A 662 41.15 2.03 -4.60
N ALA A 663 41.31 3.24 -4.07
CA ALA A 663 42.33 3.56 -3.07
C ALA A 663 42.16 2.80 -1.78
N PHE A 664 40.91 2.65 -1.34
CA PHE A 664 40.53 1.95 -0.13
C PHE A 664 40.95 0.50 -0.24
N TYR A 665 40.70 -0.07 -1.41
CA TYR A 665 40.89 -1.49 -1.59
C TYR A 665 42.23 -1.96 -2.06
N LYS A 666 42.97 -1.04 -2.66
CA LYS A 666 44.23 -1.33 -3.29
C LYS A 666 45.15 -2.23 -2.47
N GLY A 667 45.48 -3.38 -3.04
CA GLY A 667 46.34 -4.33 -2.38
C GLY A 667 45.54 -5.54 -1.90
N ASP A 668 44.31 -5.41 -1.38
CA ASP A 668 43.50 -6.54 -0.89
C ASP A 668 43.12 -7.40 -2.09
N LYS A 669 42.78 -8.69 -1.93
CA LYS A 669 42.25 -9.45 -3.07
C LYS A 669 40.72 -9.35 -2.93
N LEU A 670 39.91 -9.32 -4.01
CA LEU A 670 38.50 -9.11 -3.80
C LEU A 670 37.66 -10.21 -4.42
N ILE A 671 36.69 -10.77 -3.70
CA ILE A 671 35.77 -11.79 -4.23
C ILE A 671 34.54 -11.10 -4.81
N SER A 672 34.01 -11.50 -5.96
CA SER A 672 32.81 -10.93 -6.55
C SER A 672 31.62 -11.22 -5.66
N PRO A 673 30.66 -10.27 -5.39
CA PRO A 673 29.59 -10.41 -4.44
C PRO A 673 28.63 -11.53 -4.80
N LEU A 674 28.61 -11.92 -6.10
CA LEU A 674 27.83 -13.06 -6.64
C LEU A 674 28.09 -14.45 -6.01
N LYS A 675 29.31 -14.65 -5.53
CA LYS A 675 29.77 -15.87 -4.91
C LYS A 675 29.29 -16.21 -3.48
N LYS A 676 28.63 -17.37 -3.32
CA LYS A 676 28.19 -17.83 -2.02
C LYS A 676 28.86 -19.10 -1.50
N ALA A 677 28.94 -19.15 -0.16
CA ALA A 677 29.60 -20.20 0.60
C ALA A 677 28.86 -21.54 0.68
N PHE A 678 27.58 -21.35 0.83
CA PHE A 678 26.61 -22.40 0.85
C PHE A 678 25.61 -21.99 -0.20
N GLN B 1 -21.93 39.34 7.07
CA GLN B 1 -22.01 40.32 6.01
C GLN B 1 -20.53 40.38 5.62
N PHE B 2 -20.24 40.44 4.33
CA PHE B 2 -18.89 40.59 3.84
C PHE B 2 -19.06 41.89 3.11
N THR B 3 -17.92 42.50 2.87
CA THR B 3 -17.89 43.83 2.31
C THR B 3 -16.83 43.91 1.23
N ASP B 4 -16.62 45.13 0.71
CA ASP B 4 -15.64 45.35 -0.33
C ASP B 4 -14.26 44.80 -0.11
N ILE B 5 -13.85 44.89 1.15
CA ILE B 5 -12.53 44.42 1.55
C ILE B 5 -12.42 42.89 1.51
N ASP B 6 -13.54 42.25 1.76
CA ASP B 6 -13.53 40.81 1.71
C ASP B 6 -13.30 40.42 0.29
N LYS B 7 -13.87 41.20 -0.62
CA LYS B 7 -13.69 40.96 -2.02
C LYS B 7 -12.30 41.39 -2.45
N LEU B 8 -11.67 42.47 -1.96
CA LEU B 8 -10.29 42.81 -2.33
C LEU B 8 -9.32 41.75 -1.79
N ALA B 9 -9.57 41.23 -0.57
CA ALA B 9 -8.77 40.17 0.03
C ALA B 9 -8.84 38.93 -0.86
N VAL B 10 -10.02 38.47 -1.35
CA VAL B 10 -10.12 37.31 -2.24
C VAL B 10 -9.32 37.63 -3.51
N SER B 11 -9.41 38.79 -4.19
CA SER B 11 -8.56 39.09 -5.34
C SER B 11 -7.08 38.99 -5.05
N THR B 12 -6.60 39.58 -3.95
CA THR B 12 -5.21 39.47 -3.53
C THR B 12 -4.81 38.00 -3.34
N ILE B 13 -5.67 37.12 -2.82
CA ILE B 13 -5.32 35.74 -2.59
C ILE B 13 -5.12 35.06 -3.92
N ARG B 14 -6.02 35.38 -4.87
CA ARG B 14 -6.01 34.79 -6.19
C ARG B 14 -4.77 35.15 -6.99
N ILE B 15 -4.38 36.40 -7.01
CA ILE B 15 -3.24 36.84 -7.76
C ILE B 15 -1.87 36.52 -7.11
N LEU B 16 -1.74 36.49 -5.78
CA LEU B 16 -0.51 36.17 -5.13
C LEU B 16 -0.23 34.70 -5.36
N ALA B 17 -1.28 33.85 -5.30
CA ALA B 17 -1.15 32.42 -5.65
C ALA B 17 -0.78 32.28 -7.13
N VAL B 18 -1.24 33.16 -8.04
CA VAL B 18 -0.81 33.14 -9.44
C VAL B 18 0.59 33.73 -9.66
N ASP B 19 1.11 34.77 -9.01
CA ASP B 19 2.48 35.24 -9.22
C ASP B 19 3.65 34.33 -8.78
N THR B 20 3.33 33.54 -7.74
CA THR B 20 4.10 32.44 -7.16
C THR B 20 4.12 31.22 -8.12
N VAL B 21 3.07 30.82 -8.85
CA VAL B 21 3.30 29.67 -9.68
C VAL B 21 4.10 30.13 -10.89
N SER B 22 3.77 31.31 -11.37
CA SER B 22 4.41 31.81 -12.57
C SER B 22 5.93 32.04 -12.40
N LYS B 23 6.39 32.73 -11.36
CA LYS B 23 7.81 32.91 -11.03
C LYS B 23 8.49 31.57 -10.81
N ALA B 24 7.86 30.53 -10.23
CA ALA B 24 8.53 29.24 -10.05
C ALA B 24 8.59 28.50 -11.38
N ASN B 25 7.67 28.92 -12.25
CA ASN B 25 7.43 28.40 -13.57
C ASN B 25 7.30 26.92 -13.48
N SER B 26 6.43 26.61 -12.51
CA SER B 26 6.22 25.26 -12.00
C SER B 26 5.11 25.34 -10.99
N GLY B 27 4.09 24.51 -11.14
CA GLY B 27 3.09 24.39 -10.11
C GLY B 27 1.70 24.33 -10.65
N HIS B 28 0.75 24.32 -9.72
CA HIS B 28 -0.64 24.11 -10.07
C HIS B 28 -1.41 25.39 -9.76
N PRO B 29 -1.96 26.16 -10.72
CA PRO B 29 -2.56 27.46 -10.40
C PRO B 29 -4.07 27.48 -10.18
N GLY B 30 -4.66 26.50 -10.82
CA GLY B 30 -6.09 26.39 -10.91
C GLY B 30 -6.87 26.13 -9.65
N ALA B 31 -6.45 25.26 -8.73
CA ALA B 31 -7.28 25.12 -7.53
C ALA B 31 -7.08 26.29 -6.56
N PRO B 32 -5.90 26.90 -6.29
CA PRO B 32 -5.76 28.21 -5.66
C PRO B 32 -6.77 29.23 -6.17
N LEU B 33 -6.83 29.47 -7.50
CA LEU B 33 -7.75 30.41 -8.09
C LEU B 33 -9.21 30.15 -7.78
N GLY B 34 -9.74 28.96 -7.96
CA GLY B 34 -11.14 28.70 -7.62
C GLY B 34 -11.47 28.54 -6.14
N MET B 35 -10.61 28.01 -5.26
CA MET B 35 -10.90 27.86 -3.84
C MET B 35 -10.66 29.09 -2.95
N ALA B 36 -10.08 30.13 -3.57
CA ALA B 36 -9.76 31.35 -2.89
C ALA B 36 -10.92 32.00 -2.13
N PRO B 37 -12.18 32.15 -2.60
CA PRO B 37 -13.28 32.66 -1.79
C PRO B 37 -13.51 31.82 -0.53
N ALA B 38 -13.52 30.48 -0.52
CA ALA B 38 -13.74 29.73 0.70
C ALA B 38 -12.58 29.79 1.67
N ALA B 39 -11.34 29.91 1.19
CA ALA B 39 -10.15 30.08 2.02
C ALA B 39 -10.28 31.41 2.76
N HIS B 40 -10.65 32.49 2.06
CA HIS B 40 -10.94 33.72 2.77
C HIS B 40 -12.05 33.55 3.84
N VAL B 41 -13.20 33.01 3.46
CA VAL B 41 -14.32 32.88 4.37
C VAL B 41 -13.97 31.97 5.52
N LEU B 42 -13.56 30.73 5.30
CA LEU B 42 -13.18 29.83 6.39
C LEU B 42 -12.14 30.39 7.37
N TRP B 43 -11.03 30.84 6.79
CA TRP B 43 -9.90 31.25 7.59
C TRP B 43 -10.23 32.37 8.49
N SER B 44 -11.14 33.22 8.03
CA SER B 44 -11.52 34.39 8.81
C SER B 44 -12.39 34.06 10.00
N GLN B 45 -12.87 32.83 10.17
CA GLN B 45 -13.58 32.52 11.39
C GLN B 45 -12.93 31.37 12.19
N MET B 46 -11.67 31.05 11.82
CA MET B 46 -10.91 30.09 12.56
C MET B 46 -10.34 30.92 13.66
N ARG B 47 -10.17 30.26 14.79
CA ARG B 47 -9.61 30.87 15.94
C ARG B 47 -8.27 30.16 16.03
N MET B 48 -7.24 30.97 15.86
CA MET B 48 -5.85 30.53 15.72
C MET B 48 -4.98 31.71 16.08
N ASN B 49 -3.82 31.50 16.65
CA ASN B 49 -2.94 32.61 16.88
C ASN B 49 -1.71 32.48 15.97
N PRO B 50 -1.57 33.30 14.90
CA PRO B 50 -0.41 33.28 13.97
C PRO B 50 0.96 33.39 14.59
N THR B 51 1.05 33.92 15.82
CA THR B 51 2.27 33.99 16.62
C THR B 51 2.59 32.72 17.42
N ASN B 52 1.59 31.84 17.50
CA ASN B 52 1.73 30.64 18.23
C ASN B 52 1.00 29.51 17.53
N PRO B 53 1.74 28.93 16.57
CA PRO B 53 1.24 27.84 15.75
C PRO B 53 1.02 26.55 16.50
N ASP B 54 1.42 26.54 17.78
CA ASP B 54 1.42 25.35 18.61
C ASP B 54 0.37 25.39 19.65
N TRP B 55 -0.39 26.48 19.73
CA TRP B 55 -1.42 26.55 20.72
C TRP B 55 -2.31 25.29 20.56
N ILE B 56 -2.41 24.44 21.57
CA ILE B 56 -3.25 23.25 21.54
C ILE B 56 -4.73 23.47 21.13
N ASN B 57 -5.38 24.63 21.38
CA ASN B 57 -6.81 24.76 21.12
C ASN B 57 -7.13 25.63 19.92
N ARG B 58 -6.14 25.67 19.07
CA ARG B 58 -6.27 26.41 17.85
C ARG B 58 -7.18 25.58 16.96
N ASP B 59 -8.09 26.16 16.19
CA ASP B 59 -8.75 25.45 15.10
C ASP B 59 -7.66 25.04 14.10
N ARG B 60 -7.76 23.80 13.58
CA ARG B 60 -6.75 23.20 12.73
C ARG B 60 -7.22 22.97 11.32
N PHE B 61 -6.40 23.36 10.33
CA PHE B 61 -6.73 23.31 8.90
C PHE B 61 -5.75 22.41 8.18
N VAL B 62 -6.38 21.49 7.42
CA VAL B 62 -5.69 20.57 6.55
C VAL B 62 -6.05 20.86 5.07
N LEU B 63 -5.01 20.89 4.22
CA LEU B 63 -5.16 21.00 2.78
C LEU B 63 -4.94 19.59 2.21
N SER B 64 -5.93 18.69 2.17
CA SER B 64 -5.74 17.32 1.76
C SER B 64 -5.24 17.19 0.33
N ASN B 65 -5.61 18.14 -0.56
CA ASN B 65 -5.15 18.20 -1.93
C ASN B 65 -3.96 19.18 -1.96
N GLY B 66 -2.86 18.88 -1.25
CA GLY B 66 -1.66 19.70 -1.05
C GLY B 66 -0.97 20.24 -2.28
N HIS B 67 -1.31 19.76 -3.48
CA HIS B 67 -0.85 20.29 -4.76
C HIS B 67 -1.27 21.73 -4.88
N ALA B 68 -2.39 22.12 -4.24
CA ALA B 68 -2.91 23.47 -4.13
C ALA B 68 -2.16 24.37 -3.13
N VAL B 69 -1.02 23.94 -2.55
CA VAL B 69 -0.09 24.68 -1.66
C VAL B 69 0.19 26.20 -1.90
N ALA B 70 0.12 26.73 -3.14
CA ALA B 70 0.30 28.15 -3.42
C ALA B 70 -0.79 28.89 -2.70
N LEU B 71 -2.02 28.38 -2.58
CA LEU B 71 -3.04 29.05 -1.77
C LEU B 71 -2.65 29.01 -0.30
N LEU B 72 -2.06 27.93 0.23
CA LEU B 72 -1.76 27.81 1.64
C LEU B 72 -0.70 28.80 2.04
N TYR B 73 0.40 28.84 1.29
CA TYR B 73 1.46 29.81 1.52
C TYR B 73 0.91 31.23 1.38
N SER B 74 -0.02 31.51 0.44
CA SER B 74 -0.62 32.83 0.40
C SER B 74 -1.34 33.17 1.69
N MET B 75 -2.15 32.26 2.24
CA MET B 75 -2.93 32.50 3.45
C MET B 75 -2.05 32.68 4.65
N LEU B 76 -1.08 31.77 4.78
CA LEU B 76 -0.08 31.79 5.84
C LEU B 76 0.62 33.15 5.94
N HIS B 77 1.17 33.60 4.80
CA HIS B 77 1.76 34.92 4.66
C HIS B 77 0.76 35.98 5.05
N LEU B 78 -0.37 36.08 4.37
CA LEU B 78 -1.35 37.13 4.58
C LEU B 78 -1.94 37.21 5.99
N THR B 79 -2.23 36.11 6.70
CA THR B 79 -2.76 36.24 8.05
C THR B 79 -1.70 36.31 9.16
N GLY B 80 -0.40 36.46 8.81
CA GLY B 80 0.61 36.75 9.84
C GLY B 80 1.53 35.67 10.35
N TYR B 81 1.67 34.61 9.61
CA TYR B 81 2.61 33.59 9.94
C TYR B 81 4.00 34.00 9.44
N ASP B 82 5.06 33.37 9.94
CA ASP B 82 6.44 33.61 9.51
C ASP B 82 6.67 33.04 8.10
N LEU B 83 6.27 33.75 7.03
CA LEU B 83 6.55 33.33 5.65
C LEU B 83 6.51 34.65 4.91
N SER B 84 7.52 35.02 4.14
CA SER B 84 7.55 36.36 3.57
C SER B 84 7.33 36.37 2.07
N ILE B 85 7.18 37.55 1.47
CA ILE B 85 7.10 37.72 0.01
C ILE B 85 8.35 37.07 -0.57
N GLU B 86 9.49 37.13 0.12
CA GLU B 86 10.73 36.57 -0.41
C GLU B 86 10.71 35.06 -0.43
N ASP B 87 10.09 34.49 0.61
CA ASP B 87 9.88 33.05 0.69
C ASP B 87 9.00 32.62 -0.43
N LEU B 88 7.93 33.40 -0.62
CA LEU B 88 6.98 33.17 -1.69
C LEU B 88 7.71 33.27 -3.02
N LYS B 89 8.63 34.22 -3.17
CA LYS B 89 9.43 34.37 -4.38
C LYS B 89 10.47 33.27 -4.60
N GLN B 90 10.62 32.28 -3.70
CA GLN B 90 11.47 31.11 -3.95
C GLN B 90 10.76 29.76 -3.76
N PHE B 91 9.46 29.74 -4.05
CA PHE B 91 8.60 28.58 -4.12
C PHE B 91 9.28 27.52 -4.96
N ARG B 92 9.11 26.23 -4.69
CA ARG B 92 9.68 25.12 -5.46
C ARG B 92 11.17 25.11 -5.80
N GLN B 93 11.95 26.00 -5.18
CA GLN B 93 13.38 26.07 -5.41
C GLN B 93 14.18 25.39 -4.31
N LEU B 94 15.34 24.84 -4.73
CA LEU B 94 16.19 24.07 -3.85
C LEU B 94 16.62 24.93 -2.68
N GLY B 95 16.26 24.41 -1.52
CA GLY B 95 16.55 25.03 -0.24
C GLY B 95 15.47 25.98 0.30
N SER B 96 14.35 26.32 -0.34
CA SER B 96 13.47 27.30 0.22
C SER B 96 12.62 26.80 1.37
N ARG B 97 11.84 27.71 1.99
CA ARG B 97 10.90 27.29 3.01
C ARG B 97 9.63 27.00 2.26
N THR B 98 9.57 27.16 0.93
CA THR B 98 8.39 26.96 0.11
C THR B 98 8.50 25.79 -0.88
N PRO B 99 8.54 24.52 -0.43
CA PRO B 99 8.40 23.34 -1.25
C PRO B 99 7.15 23.31 -2.12
N GLY B 100 7.16 22.38 -3.07
CA GLY B 100 6.10 22.30 -4.05
C GLY B 100 4.88 21.57 -3.52
N HIS B 101 4.91 21.17 -2.26
CA HIS B 101 3.84 20.46 -1.57
C HIS B 101 4.10 20.75 -0.10
N PRO B 102 3.02 20.97 0.66
CA PRO B 102 3.15 21.25 2.09
C PRO B 102 3.88 20.15 2.90
N GLU B 103 4.78 20.51 3.81
CA GLU B 103 5.54 19.59 4.64
C GLU B 103 5.20 19.97 6.06
N PHE B 104 4.89 18.97 6.87
CA PHE B 104 4.54 19.15 8.27
C PHE B 104 5.34 20.17 9.06
N GLU B 105 6.63 20.11 8.72
CA GLU B 105 7.71 20.84 9.37
C GLU B 105 7.65 22.36 9.30
N LEU B 106 6.80 23.03 8.51
CA LEU B 106 6.75 24.50 8.44
C LEU B 106 5.67 24.98 9.40
N PRO B 107 5.92 26.08 10.11
CA PRO B 107 4.90 26.84 10.84
C PRO B 107 3.57 27.20 10.12
N GLY B 108 2.53 26.51 10.55
CA GLY B 108 1.19 26.78 10.05
C GLY B 108 0.69 25.63 9.22
N VAL B 109 1.61 24.72 8.85
CA VAL B 109 1.39 23.48 8.10
C VAL B 109 1.39 22.40 9.18
N GLU B 110 0.22 21.75 9.17
CA GLU B 110 -0.19 20.71 10.09
C GLU B 110 0.35 19.33 9.85
N VAL B 111 0.41 18.96 8.58
CA VAL B 111 0.78 17.61 8.19
C VAL B 111 1.47 17.73 6.85
N THR B 112 2.07 16.67 6.27
CA THR B 112 2.70 16.73 4.93
C THR B 112 1.64 16.20 3.99
N THR B 113 1.27 16.88 2.91
CA THR B 113 0.21 16.39 2.07
C THR B 113 0.64 16.55 0.65
N GLY B 114 -0.08 15.81 -0.18
CA GLY B 114 0.24 15.78 -1.57
C GLY B 114 0.02 14.40 -2.09
N PRO B 115 0.31 13.27 -1.45
CA PRO B 115 -0.37 12.02 -1.76
C PRO B 115 -1.87 12.26 -1.44
N LEU B 116 -2.74 11.80 -2.32
CA LEU B 116 -4.17 12.08 -2.15
C LEU B 116 -4.77 11.08 -1.16
N GLY B 117 -5.81 11.60 -0.51
CA GLY B 117 -6.54 10.86 0.50
C GLY B 117 -5.84 10.82 1.84
N GLN B 118 -4.55 11.20 1.87
CA GLN B 118 -3.76 11.24 3.10
C GLN B 118 -4.15 12.38 4.02
N GLY B 119 -4.53 13.54 3.49
CA GLY B 119 -4.89 14.67 4.32
C GLY B 119 -6.16 14.52 5.13
N ILE B 120 -7.21 14.09 4.44
CA ILE B 120 -8.52 13.85 5.03
C ILE B 120 -8.45 12.82 6.19
N SER B 121 -7.77 11.66 6.01
CA SER B 121 -7.52 10.64 7.03
C SER B 121 -6.65 11.20 8.15
N ASN B 122 -5.69 12.09 7.88
CA ASN B 122 -4.90 12.71 8.92
C ASN B 122 -5.83 13.59 9.79
N ALA B 123 -6.74 14.34 9.16
CA ALA B 123 -7.65 15.19 9.85
C ALA B 123 -8.65 14.43 10.65
N VAL B 124 -9.02 13.20 10.28
CA VAL B 124 -9.93 12.40 11.10
C VAL B 124 -9.21 12.09 12.38
N GLY B 125 -7.93 11.79 12.33
CA GLY B 125 -7.12 11.43 13.48
C GLY B 125 -7.09 12.56 14.48
N MET B 126 -6.83 13.73 13.91
CA MET B 126 -6.86 14.97 14.67
C MET B 126 -8.21 15.13 15.35
N ALA B 127 -9.34 15.06 14.69
CA ALA B 127 -10.65 15.14 15.30
C ALA B 127 -10.86 14.12 16.43
N MET B 128 -10.29 12.91 16.32
CA MET B 128 -10.31 11.90 17.36
C MET B 128 -9.45 12.30 18.51
N ALA B 129 -8.17 12.68 18.36
CA ALA B 129 -7.35 13.23 19.44
C ALA B 129 -8.01 14.42 20.12
N GLN B 130 -8.72 15.35 19.47
CA GLN B 130 -9.39 16.43 20.19
C GLN B 130 -10.49 15.92 21.12
N ALA B 131 -11.34 15.07 20.57
CA ALA B 131 -12.49 14.52 21.26
C ALA B 131 -12.08 13.80 22.55
N ASN B 132 -10.94 13.13 22.42
CA ASN B 132 -10.41 12.48 23.57
C ASN B 132 -9.83 13.49 24.57
N LEU B 133 -9.10 14.55 24.14
CA LEU B 133 -8.48 15.48 25.08
C LEU B 133 -9.56 16.15 25.89
N ALA B 134 -10.61 16.60 25.21
CA ALA B 134 -11.77 17.19 25.83
C ALA B 134 -12.35 16.29 26.93
N ALA B 135 -12.72 15.05 26.62
CA ALA B 135 -13.28 14.11 27.59
C ALA B 135 -12.36 13.72 28.72
N THR B 136 -11.08 13.91 28.55
CA THR B 136 -10.10 13.62 29.59
C THR B 136 -9.74 14.83 30.50
N TYR B 137 -9.81 16.08 30.03
CA TYR B 137 -9.34 17.17 30.84
C TYR B 137 -10.37 18.19 31.12
N ASN B 138 -11.31 18.32 30.23
CA ASN B 138 -12.29 19.35 30.44
C ASN B 138 -13.08 19.02 31.68
N LYS B 139 -13.02 20.02 32.55
CA LYS B 139 -13.77 20.00 33.80
C LYS B 139 -14.83 21.10 33.72
N PRO B 140 -15.97 21.13 34.43
CA PRO B 140 -16.84 22.28 34.47
C PRO B 140 -16.06 23.50 34.96
N GLY B 141 -16.17 24.55 34.14
CA GLY B 141 -15.49 25.81 34.37
C GLY B 141 -14.28 25.92 33.45
N PHE B 142 -13.70 24.77 33.11
CA PHE B 142 -12.48 24.66 32.36
C PHE B 142 -12.58 23.88 31.03
N THR B 143 -13.06 24.55 29.98
CA THR B 143 -13.07 24.00 28.64
C THR B 143 -11.69 24.30 28.06
N LEU B 144 -10.72 23.48 28.35
CA LEU B 144 -9.43 23.69 27.73
C LEU B 144 -9.45 23.27 26.24
N SER B 145 -10.31 22.32 25.84
CA SER B 145 -10.36 21.72 24.52
C SER B 145 -11.72 21.83 23.86
N ASP B 146 -11.73 22.36 22.62
CA ASP B 146 -12.93 22.43 21.85
C ASP B 146 -12.71 22.79 20.39
N ASN B 147 -11.49 22.87 19.87
CA ASN B 147 -11.25 23.29 18.50
C ASN B 147 -11.87 22.45 17.36
N TYR B 148 -12.04 23.05 16.17
CA TYR B 148 -12.53 22.34 14.99
C TYR B 148 -11.35 21.93 14.12
N THR B 149 -11.67 21.03 13.21
CA THR B 149 -10.74 20.54 12.25
C THR B 149 -11.46 20.80 10.95
N TYR B 150 -10.77 21.57 10.11
CA TYR B 150 -11.23 22.02 8.83
C TYR B 150 -10.41 21.34 7.78
N VAL B 151 -11.02 20.77 6.76
CA VAL B 151 -10.26 20.04 5.76
C VAL B 151 -10.74 20.58 4.45
N PHE B 152 -9.77 20.83 3.54
CA PHE B 152 -10.06 21.21 2.16
C PHE B 152 -9.69 19.98 1.35
N LEU B 153 -10.56 19.52 0.45
CA LEU B 153 -10.26 18.37 -0.39
C LEU B 153 -10.82 18.49 -1.82
N GLY B 154 -10.35 17.57 -2.67
CA GLY B 154 -10.77 17.49 -4.07
C GLY B 154 -11.27 16.10 -4.48
N ASP B 155 -11.64 16.00 -5.77
CA ASP B 155 -12.09 14.75 -6.39
C ASP B 155 -11.04 13.65 -6.18
N GLY B 156 -9.76 13.97 -6.44
CA GLY B 156 -8.65 13.04 -6.30
C GLY B 156 -8.57 12.41 -4.92
N CYS B 157 -8.90 13.15 -3.88
CA CYS B 157 -8.90 12.61 -2.55
C CYS B 157 -10.06 11.65 -2.43
N LEU B 158 -11.19 12.02 -3.02
CA LEU B 158 -12.39 11.23 -2.93
C LEU B 158 -12.38 9.93 -3.74
N GLN B 159 -11.38 9.70 -4.62
CA GLN B 159 -11.27 8.46 -5.39
C GLN B 159 -10.37 7.41 -4.70
N GLU B 160 -9.51 7.91 -3.79
CA GLU B 160 -8.63 7.07 -3.03
C GLU B 160 -9.34 6.39 -1.86
N GLY B 161 -9.32 5.05 -1.86
CA GLY B 161 -9.93 4.20 -0.85
C GLY B 161 -9.62 4.57 0.59
N ILE B 162 -8.46 5.16 0.90
CA ILE B 162 -8.14 5.55 2.27
C ILE B 162 -9.16 6.58 2.77
N SER B 163 -9.65 7.50 1.91
CA SER B 163 -10.63 8.49 2.28
C SER B 163 -11.92 7.85 2.70
N SER B 164 -12.24 6.75 2.01
CA SER B 164 -13.45 5.99 2.23
C SER B 164 -13.36 5.31 3.58
N GLU B 165 -12.23 4.62 3.80
CA GLU B 165 -11.91 3.93 5.03
C GLU B 165 -12.12 4.86 6.22
N ALA B 166 -11.47 6.03 6.07
CA ALA B 166 -11.44 7.14 6.98
C ALA B 166 -12.80 7.72 7.23
N SER B 167 -13.62 7.99 6.20
CA SER B 167 -14.93 8.60 6.34
C SER B 167 -15.97 7.69 6.91
N SER B 168 -15.74 6.39 6.74
CA SER B 168 -16.65 5.44 7.32
C SER B 168 -16.39 5.50 8.83
N LEU B 169 -15.14 5.36 9.27
CA LEU B 169 -14.80 5.38 10.67
C LEU B 169 -15.24 6.68 11.32
N ALA B 170 -15.01 7.81 10.65
CA ALA B 170 -15.45 9.09 11.15
C ALA B 170 -16.98 9.18 11.30
N GLY B 171 -17.75 8.69 10.32
CA GLY B 171 -19.20 8.66 10.48
C GLY B 171 -19.61 7.71 11.64
N HIS B 172 -18.89 6.61 11.83
CA HIS B 172 -19.21 5.70 12.91
C HIS B 172 -18.99 6.39 14.24
N LEU B 173 -17.87 7.04 14.33
CA LEU B 173 -17.47 7.73 15.53
C LEU B 173 -18.16 9.03 15.82
N LYS B 174 -19.05 9.46 14.93
CA LYS B 174 -19.84 10.66 15.13
C LYS B 174 -19.04 11.94 15.38
N LEU B 175 -17.93 12.07 14.66
CA LEU B 175 -17.03 13.18 14.86
C LEU B 175 -17.54 14.48 14.26
N GLY B 176 -18.44 15.16 14.96
CA GLY B 176 -19.03 16.45 14.61
C GLY B 176 -18.09 17.66 14.58
N ASN B 177 -16.90 17.75 15.19
CA ASN B 177 -16.04 18.90 14.89
C ASN B 177 -15.19 18.80 13.62
N LEU B 178 -15.33 17.80 12.77
CA LEU B 178 -14.59 17.69 11.53
C LEU B 178 -15.52 18.21 10.46
N ILE B 179 -15.08 19.25 9.73
CA ILE B 179 -15.86 19.88 8.68
C ILE B 179 -14.94 19.94 7.47
N ALA B 180 -15.35 19.14 6.52
CA ALA B 180 -14.69 18.97 5.26
C ALA B 180 -15.35 19.79 4.12
N ILE B 181 -14.66 20.67 3.38
CA ILE B 181 -15.21 21.37 2.20
C ILE B 181 -14.52 20.74 0.97
N TYR B 182 -15.35 20.36 0.00
CA TYR B 182 -14.89 19.73 -1.20
C TYR B 182 -15.06 20.60 -2.45
N ASP B 183 -13.93 20.68 -3.18
CA ASP B 183 -13.78 21.44 -4.41
C ASP B 183 -14.35 20.66 -5.58
N ASP B 184 -15.62 20.91 -5.78
CA ASP B 184 -16.38 20.32 -6.85
C ASP B 184 -16.14 21.05 -8.16
N ASN B 185 -14.88 20.93 -8.58
CA ASN B 185 -14.46 21.60 -9.78
C ASN B 185 -14.62 20.84 -11.07
N LYS B 186 -15.10 19.57 -11.08
CA LYS B 186 -15.29 18.67 -12.25
C LYS B 186 -14.10 18.29 -13.17
N ILE B 187 -12.90 18.62 -12.69
CA ILE B 187 -11.65 18.38 -13.36
C ILE B 187 -10.69 17.71 -12.37
N THR B 188 -9.97 16.86 -13.08
CA THR B 188 -8.79 16.18 -12.61
C THR B 188 -7.85 16.15 -13.83
N ILE B 189 -6.60 15.66 -13.74
CA ILE B 189 -5.58 15.67 -14.81
C ILE B 189 -6.00 15.15 -16.19
N ASP B 190 -6.75 14.06 -16.27
CA ASP B 190 -7.12 13.53 -17.56
C ASP B 190 -8.28 14.24 -18.20
N GLY B 191 -9.14 14.91 -17.46
CA GLY B 191 -10.23 15.61 -18.03
C GLY B 191 -11.36 15.69 -17.04
N ALA B 192 -12.54 15.60 -17.64
CA ALA B 192 -13.74 15.67 -16.87
C ALA B 192 -13.81 14.48 -15.96
N THR B 193 -14.27 14.76 -14.74
CA THR B 193 -14.46 13.72 -13.74
C THR B 193 -15.34 12.62 -14.33
N SER B 194 -16.40 12.99 -15.06
CA SER B 194 -17.33 12.04 -15.70
C SER B 194 -16.70 10.92 -16.46
N ILE B 195 -15.52 11.16 -17.02
CA ILE B 195 -14.79 10.13 -17.74
C ILE B 195 -14.34 8.91 -16.89
N SER B 196 -14.49 9.02 -15.56
CA SER B 196 -14.28 7.95 -14.61
C SER B 196 -15.09 8.17 -13.33
N PHE B 197 -15.02 9.31 -12.71
CA PHE B 197 -15.67 9.50 -11.44
C PHE B 197 -17.01 10.14 -11.72
N ASP B 198 -18.14 9.44 -11.62
CA ASP B 198 -19.44 10.09 -11.79
C ASP B 198 -20.53 9.66 -10.80
N GLU B 199 -20.03 9.11 -9.71
CA GLU B 199 -20.85 8.63 -8.64
C GLU B 199 -21.49 9.83 -7.90
N ASP B 200 -22.21 9.46 -6.82
CA ASP B 200 -22.90 10.34 -5.94
C ASP B 200 -22.20 10.38 -4.57
N VAL B 201 -21.22 11.27 -4.49
CA VAL B 201 -20.45 11.60 -3.30
C VAL B 201 -21.42 11.91 -2.16
N ALA B 202 -22.29 12.94 -2.23
CA ALA B 202 -23.34 13.24 -1.25
C ALA B 202 -24.16 12.04 -0.77
N LYS B 203 -24.72 11.22 -1.65
CA LYS B 203 -25.46 10.08 -1.17
C LYS B 203 -24.50 9.04 -0.56
N ARG B 204 -23.31 8.83 -1.10
CA ARG B 204 -22.29 7.98 -0.49
C ARG B 204 -21.86 8.50 0.91
N TYR B 205 -21.73 9.82 1.11
CA TYR B 205 -21.41 10.39 2.41
C TYR B 205 -22.49 10.30 3.48
N GLU B 206 -23.74 10.39 3.08
CA GLU B 206 -24.87 10.23 3.95
C GLU B 206 -25.02 8.77 4.36
N ALA B 207 -24.52 7.81 3.58
CA ALA B 207 -24.50 6.40 3.99
C ALA B 207 -23.47 6.19 5.11
N TYR B 208 -22.43 7.05 5.23
CA TYR B 208 -21.45 6.95 6.32
C TYR B 208 -21.98 7.56 7.61
N GLY B 209 -22.93 8.50 7.50
CA GLY B 209 -23.48 9.24 8.63
C GLY B 209 -22.93 10.67 8.71
N TRP B 210 -22.44 11.21 7.61
CA TRP B 210 -21.97 12.56 7.63
C TRP B 210 -23.17 13.43 7.16
N GLU B 211 -23.17 14.72 7.46
CA GLU B 211 -24.16 15.63 6.93
C GLU B 211 -23.55 16.22 5.67
N VAL B 212 -24.28 16.35 4.55
CA VAL B 212 -23.75 16.96 3.32
C VAL B 212 -24.43 18.31 3.11
N LEU B 213 -23.73 19.42 3.16
CA LEU B 213 -24.33 20.71 2.86
C LEU B 213 -23.83 21.03 1.46
N TYR B 214 -24.50 21.86 0.65
CA TYR B 214 -24.04 22.12 -0.72
C TYR B 214 -23.82 23.61 -0.90
N VAL B 215 -22.79 24.07 -1.61
CA VAL B 215 -22.69 25.49 -1.91
C VAL B 215 -22.59 25.43 -3.43
N GLU B 216 -23.65 25.93 -4.08
CA GLU B 216 -23.68 25.86 -5.52
C GLU B 216 -22.81 26.91 -6.16
N ASN B 217 -22.63 28.12 -5.58
CA ASN B 217 -21.78 29.08 -6.25
C ASN B 217 -20.59 29.47 -5.41
N GLY B 218 -19.64 28.56 -5.41
CA GLY B 218 -18.41 28.71 -4.67
C GLY B 218 -17.51 29.80 -5.23
N ASN B 219 -17.79 30.26 -6.46
CA ASN B 219 -16.98 31.28 -7.10
C ASN B 219 -17.19 32.67 -6.56
N GLU B 220 -18.44 32.95 -6.20
CA GLU B 220 -18.75 34.24 -5.57
C GLU B 220 -19.68 34.23 -4.36
N ASP B 221 -20.33 33.18 -3.89
CA ASP B 221 -21.21 33.32 -2.75
C ASP B 221 -20.52 33.24 -1.38
N LEU B 222 -19.83 34.32 -0.95
CA LEU B 222 -19.21 34.42 0.38
C LEU B 222 -20.23 34.17 1.48
N ALA B 223 -21.41 34.81 1.40
CA ALA B 223 -22.50 34.55 2.35
C ALA B 223 -23.00 33.09 2.40
N GLY B 224 -22.93 32.28 1.35
CA GLY B 224 -23.44 30.92 1.39
C GLY B 224 -22.38 29.98 1.93
N ILE B 225 -21.16 30.27 1.49
CA ILE B 225 -19.99 29.56 1.98
C ILE B 225 -19.95 29.73 3.50
N ALA B 226 -20.21 30.95 3.98
CA ALA B 226 -20.22 31.26 5.40
C ALA B 226 -21.33 30.59 6.21
N LYS B 227 -22.52 30.59 5.59
CA LYS B 227 -23.72 29.96 6.13
C LYS B 227 -23.61 28.46 6.27
N ALA B 228 -22.90 27.82 5.32
CA ALA B 228 -22.72 26.39 5.34
C ALA B 228 -21.89 26.04 6.56
N ILE B 229 -20.72 26.66 6.73
CA ILE B 229 -19.85 26.41 7.87
C ILE B 229 -20.62 26.76 9.14
N ALA B 230 -21.41 27.83 9.21
CA ALA B 230 -22.21 28.11 10.39
C ALA B 230 -23.08 26.92 10.80
N GLN B 231 -23.85 26.47 9.82
CA GLN B 231 -24.80 25.39 9.95
C GLN B 231 -24.08 24.11 10.30
N ALA B 232 -22.97 23.87 9.64
CA ALA B 232 -22.18 22.69 9.90
C ALA B 232 -21.82 22.67 11.41
N LYS B 233 -21.52 23.82 12.05
CA LYS B 233 -21.07 23.86 13.43
C LYS B 233 -22.06 23.41 14.49
N LEU B 234 -23.29 23.22 14.00
CA LEU B 234 -24.43 22.72 14.76
C LEU B 234 -24.57 21.19 14.66
N SER B 235 -24.21 20.50 13.58
CA SER B 235 -24.27 19.04 13.53
C SER B 235 -23.20 18.49 14.51
N LYS B 236 -23.35 18.53 15.84
CA LYS B 236 -22.30 18.02 16.75
C LYS B 236 -22.18 16.52 16.67
N ASP B 237 -23.26 15.79 16.42
CA ASP B 237 -23.34 14.33 16.27
C ASP B 237 -22.86 13.74 14.93
N LYS B 238 -22.59 14.51 13.87
CA LYS B 238 -22.23 13.90 12.61
C LYS B 238 -21.27 14.81 11.95
N PRO B 239 -20.16 14.36 11.37
CA PRO B 239 -19.23 15.24 10.68
C PRO B 239 -19.86 15.91 9.46
N THR B 240 -19.32 17.00 8.88
CA THR B 240 -19.90 17.53 7.64
C THR B 240 -19.01 17.60 6.42
N LEU B 241 -19.53 17.13 5.30
CA LEU B 241 -18.91 17.39 4.04
C LEU B 241 -19.77 18.49 3.40
N ILE B 242 -19.16 19.57 2.92
CA ILE B 242 -19.82 20.65 2.23
C ILE B 242 -19.31 20.55 0.80
N LYS B 243 -20.21 20.16 -0.08
CA LYS B 243 -19.97 20.00 -1.52
C LYS B 243 -20.00 21.38 -2.14
N MET B 244 -18.88 21.96 -2.53
CA MET B 244 -18.90 23.33 -2.96
C MET B 244 -18.51 23.42 -4.43
N THR B 245 -19.37 23.89 -5.35
CA THR B 245 -19.00 23.96 -6.76
C THR B 245 -18.21 25.22 -7.14
N THR B 246 -17.14 25.03 -7.91
CA THR B 246 -16.26 26.11 -8.31
C THR B 246 -15.80 25.80 -9.75
N THR B 247 -15.26 26.80 -10.49
CA THR B 247 -14.66 26.63 -11.81
C THR B 247 -13.13 26.57 -11.61
N ILE B 248 -12.39 25.50 -11.96
CA ILE B 248 -10.94 25.49 -11.80
C ILE B 248 -10.33 26.62 -12.65
N GLY B 249 -9.39 27.36 -12.05
CA GLY B 249 -8.74 28.45 -12.74
C GLY B 249 -9.67 29.63 -12.93
N TYR B 250 -10.69 29.85 -12.11
CA TYR B 250 -11.55 31.02 -12.20
C TYR B 250 -10.78 32.32 -12.43
N GLY B 251 -11.26 33.11 -13.39
CA GLY B 251 -10.61 34.38 -13.73
C GLY B 251 -9.63 34.23 -14.90
N SER B 252 -9.18 33.01 -15.16
CA SER B 252 -8.30 32.75 -16.27
C SER B 252 -9.12 32.62 -17.56
N LEU B 253 -8.45 32.96 -18.66
CA LEU B 253 -8.96 32.78 -19.98
C LEU B 253 -9.25 31.31 -20.25
N HIS B 254 -8.57 30.33 -19.64
CA HIS B 254 -8.79 28.90 -19.93
C HIS B 254 -9.30 28.13 -18.71
N ALA B 255 -10.08 28.89 -17.92
CA ALA B 255 -10.66 28.50 -16.65
C ALA B 255 -11.65 27.39 -16.95
N GLY B 256 -11.63 26.32 -16.18
CA GLY B 256 -12.53 25.24 -16.43
C GLY B 256 -11.92 24.15 -17.29
N SER B 257 -10.72 24.37 -17.85
CA SER B 257 -10.06 23.29 -18.54
C SER B 257 -9.10 22.66 -17.54
N HIS B 258 -8.76 21.41 -17.85
CA HIS B 258 -7.77 20.70 -17.08
C HIS B 258 -6.43 21.34 -17.36
N SER B 259 -6.24 22.17 -18.41
CA SER B 259 -4.96 22.83 -18.61
C SER B 259 -4.60 23.74 -17.44
N VAL B 260 -5.54 24.41 -16.76
CA VAL B 260 -5.17 25.23 -15.62
C VAL B 260 -4.79 24.41 -14.38
N HIS B 261 -4.98 23.10 -14.37
CA HIS B 261 -4.60 22.29 -13.24
C HIS B 261 -3.12 22.40 -12.87
N GLY B 262 -2.15 22.00 -13.70
CA GLY B 262 -0.79 21.90 -13.21
C GLY B 262 0.33 22.57 -13.97
N ALA B 263 0.10 23.60 -14.75
CA ALA B 263 1.23 24.27 -15.37
C ALA B 263 1.04 25.74 -14.99
N PRO B 264 2.06 26.60 -14.93
CA PRO B 264 1.91 28.05 -14.83
C PRO B 264 1.09 28.67 -15.94
N LEU B 265 0.33 29.72 -15.61
CA LEU B 265 -0.49 30.40 -16.60
C LEU B 265 0.39 31.17 -17.59
N LYS B 266 -0.17 31.47 -18.76
CA LYS B 266 0.58 32.24 -19.72
C LYS B 266 0.63 33.69 -19.31
N ALA B 267 1.75 34.36 -19.52
CA ALA B 267 1.94 35.77 -19.17
C ALA B 267 0.77 36.67 -19.47
N ASP B 268 0.34 36.57 -20.72
CA ASP B 268 -0.82 37.24 -21.28
C ASP B 268 -2.08 36.95 -20.46
N ASP B 269 -2.23 35.72 -20.01
CA ASP B 269 -3.38 35.28 -19.25
C ASP B 269 -3.29 35.82 -17.82
N VAL B 270 -2.09 35.99 -17.29
CA VAL B 270 -1.90 36.49 -15.95
C VAL B 270 -2.13 37.98 -15.99
N LYS B 271 -1.73 38.69 -17.04
CA LYS B 271 -1.93 40.13 -17.11
C LYS B 271 -3.40 40.48 -17.19
N GLN B 272 -4.17 39.85 -18.09
CA GLN B 272 -5.59 40.09 -18.16
C GLN B 272 -6.24 39.82 -16.81
N LEU B 273 -5.88 38.73 -16.10
CA LEU B 273 -6.44 38.36 -14.83
C LEU B 273 -6.29 39.51 -13.84
N LYS B 274 -5.10 40.08 -13.77
CA LYS B 274 -4.85 41.18 -12.87
C LYS B 274 -5.75 42.36 -13.17
N SER B 275 -5.74 42.89 -14.39
CA SER B 275 -6.66 43.95 -14.81
C SER B 275 -8.10 43.65 -14.42
N LYS B 276 -8.52 42.42 -14.69
CA LYS B 276 -9.84 41.87 -14.43
C LYS B 276 -10.24 42.08 -13.01
N PHE B 277 -9.28 41.94 -12.11
CA PHE B 277 -9.56 42.11 -10.71
C PHE B 277 -9.16 43.50 -10.21
N GLY B 278 -8.66 44.33 -11.12
CA GLY B 278 -8.35 45.70 -10.80
C GLY B 278 -6.98 45.89 -10.21
N PHE B 279 -6.12 44.94 -10.53
CA PHE B 279 -4.74 45.00 -10.16
C PHE B 279 -3.99 45.38 -11.43
N ASN B 280 -2.83 46.01 -11.22
CA ASN B 280 -1.97 46.44 -12.31
C ASN B 280 -1.31 45.21 -12.93
N PRO B 281 -1.36 44.99 -14.24
CA PRO B 281 -0.95 43.73 -14.83
C PRO B 281 0.52 43.52 -14.91
N ASP B 282 1.24 44.60 -14.70
CA ASP B 282 2.69 44.64 -14.77
C ASP B 282 3.30 44.71 -13.38
N LYS B 283 2.61 44.33 -12.33
CA LYS B 283 3.20 44.40 -11.03
C LYS B 283 2.90 43.10 -10.31
N SER B 284 4.01 42.46 -9.89
CA SER B 284 3.99 41.21 -9.15
C SER B 284 4.23 41.33 -7.65
N PHE B 285 3.50 40.46 -6.95
CA PHE B 285 3.55 40.26 -5.51
C PHE B 285 3.18 41.53 -4.71
N VAL B 286 2.02 42.03 -5.13
CA VAL B 286 1.49 43.28 -4.59
C VAL B 286 0.42 43.01 -3.53
N VAL B 287 0.62 43.41 -2.25
CA VAL B 287 -0.43 43.18 -1.26
C VAL B 287 -0.94 44.53 -0.78
N PRO B 288 -2.13 44.95 -1.18
CA PRO B 288 -2.86 46.07 -0.58
C PRO B 288 -2.78 46.19 0.93
N GLN B 289 -2.38 47.34 1.44
CA GLN B 289 -2.34 47.54 2.87
C GLN B 289 -3.69 47.25 3.53
N GLU B 290 -4.84 47.58 2.94
CA GLU B 290 -6.13 47.32 3.57
C GLU B 290 -6.31 45.84 3.82
N VAL B 291 -5.57 45.03 3.10
CA VAL B 291 -5.66 43.59 3.25
C VAL B 291 -4.83 43.19 4.44
N TYR B 292 -3.57 43.69 4.53
CA TYR B 292 -2.76 43.38 5.69
C TYR B 292 -3.45 43.82 6.94
N ASP B 293 -3.99 45.04 6.87
CA ASP B 293 -4.77 45.62 7.96
C ASP B 293 -6.02 44.74 8.26
N HIS B 294 -6.73 44.21 7.25
CA HIS B 294 -7.97 43.53 7.51
C HIS B 294 -7.76 42.33 8.40
N TYR B 295 -6.81 41.48 7.99
CA TYR B 295 -6.44 40.25 8.69
C TYR B 295 -5.79 40.45 10.04
N GLN B 296 -5.02 41.51 10.17
CA GLN B 296 -4.46 41.88 11.45
C GLN B 296 -5.62 42.04 12.44
N LYS B 297 -6.59 42.86 12.05
CA LYS B 297 -7.78 43.18 12.81
C LYS B 297 -8.74 42.02 12.96
N THR B 298 -9.02 41.22 11.91
CA THR B 298 -10.02 40.18 12.07
C THR B 298 -9.54 38.81 12.52
N ILE B 299 -8.22 38.52 12.46
CA ILE B 299 -7.65 37.19 12.69
C ILE B 299 -6.47 37.20 13.67
N LEU B 300 -5.42 37.97 13.39
CA LEU B 300 -4.30 37.91 14.28
C LEU B 300 -4.58 38.61 15.61
N LYS B 301 -5.07 39.85 15.72
CA LYS B 301 -5.31 40.47 17.00
C LYS B 301 -6.35 39.77 17.85
N PRO B 302 -7.50 39.27 17.35
CA PRO B 302 -8.41 38.39 18.09
C PRO B 302 -7.77 37.11 18.63
N GLY B 303 -6.98 36.44 17.79
CA GLY B 303 -6.32 35.18 18.10
C GLY B 303 -5.33 35.29 19.23
N VAL B 304 -4.50 36.33 19.20
CA VAL B 304 -3.63 36.55 20.31
C VAL B 304 -4.55 36.82 21.52
N GLU B 305 -5.70 37.55 21.54
CA GLU B 305 -6.56 37.65 22.75
C GLU B 305 -7.07 36.25 23.15
N ALA B 306 -7.53 35.42 22.21
CA ALA B 306 -7.97 34.05 22.44
C ALA B 306 -6.94 33.11 23.16
N ASN B 307 -5.67 33.19 22.80
CA ASN B 307 -4.62 32.37 23.36
C ASN B 307 -4.24 32.86 24.78
N ASN B 308 -4.46 34.18 25.00
CA ASN B 308 -4.21 34.81 26.28
C ASN B 308 -5.23 34.31 27.29
N LYS B 309 -6.51 34.54 27.01
CA LYS B 309 -7.60 34.06 27.83
C LYS B 309 -7.51 32.54 28.04
N TRP B 310 -7.07 31.71 27.06
CA TRP B 310 -6.95 30.27 27.27
C TRP B 310 -5.86 30.01 28.33
N ASN B 311 -4.70 30.66 28.25
CA ASN B 311 -3.68 30.48 29.25
C ASN B 311 -4.12 30.78 30.68
N LYS B 312 -4.75 31.93 30.92
CA LYS B 312 -5.29 32.29 32.23
C LYS B 312 -6.19 31.20 32.83
N LEU B 313 -7.04 30.58 32.03
CA LEU B 313 -7.90 29.49 32.45
C LEU B 313 -7.04 28.25 32.73
N PHE B 314 -5.99 27.97 31.96
CA PHE B 314 -5.22 26.79 32.22
C PHE B 314 -4.42 27.02 33.52
N SER B 315 -3.92 28.22 33.86
CA SER B 315 -3.17 28.39 35.11
C SER B 315 -4.12 28.27 36.30
N GLU B 316 -5.33 28.75 36.14
CA GLU B 316 -6.31 28.49 37.14
C GLU B 316 -6.54 26.99 37.29
N TYR B 317 -6.79 26.29 36.17
CA TYR B 317 -7.13 24.86 36.15
C TYR B 317 -6.16 24.04 36.99
N GLN B 318 -4.87 24.30 36.84
CA GLN B 318 -3.83 23.60 37.55
C GLN B 318 -3.83 23.88 39.05
N LYS B 319 -4.35 25.03 39.48
CA LYS B 319 -4.53 25.27 40.90
C LYS B 319 -5.68 24.39 41.38
N LYS B 320 -6.77 24.43 40.62
CA LYS B 320 -7.95 23.67 40.96
C LYS B 320 -7.78 22.17 40.85
N PHE B 321 -7.14 21.67 39.81
CA PHE B 321 -7.06 20.24 39.56
C PHE B 321 -5.55 20.01 39.43
N PRO B 322 -4.75 19.94 40.51
CA PRO B 322 -3.32 19.80 40.46
C PRO B 322 -2.83 18.64 39.58
N GLU B 323 -3.34 17.42 39.84
CA GLU B 323 -2.85 16.21 39.16
C GLU B 323 -3.00 16.28 37.66
N LEU B 324 -4.23 16.60 37.31
CA LEU B 324 -4.62 16.72 35.94
C LEU B 324 -3.84 17.85 35.28
N GLY B 325 -3.65 19.03 35.91
CA GLY B 325 -2.87 20.11 35.34
C GLY B 325 -1.40 19.72 35.17
N ALA B 326 -0.78 19.03 36.13
CA ALA B 326 0.61 18.64 36.01
C ALA B 326 0.82 17.67 34.85
N GLU B 327 -0.05 16.66 34.75
CA GLU B 327 -0.09 15.69 33.68
C GLU B 327 -0.24 16.41 32.35
N LEU B 328 -1.17 17.34 32.23
CA LEU B 328 -1.40 17.97 30.98
C LEU B 328 -0.23 18.89 30.65
N ALA B 329 0.30 19.67 31.58
CA ALA B 329 1.41 20.57 31.28
C ALA B 329 2.62 19.73 30.87
N ARG B 330 2.77 18.50 31.36
CA ARG B 330 3.84 17.57 30.94
C ARG B 330 3.68 17.07 29.50
N ARG B 331 2.47 16.71 29.12
CA ARG B 331 2.14 16.30 27.78
C ARG B 331 2.42 17.45 26.81
N LEU B 332 2.03 18.67 27.24
CA LEU B 332 2.28 19.89 26.46
C LEU B 332 3.78 20.20 26.39
N SER B 333 4.54 19.97 27.46
CA SER B 333 5.95 20.19 27.41
C SER B 333 6.62 19.05 26.66
N GLY B 334 5.85 18.02 26.25
CA GLY B 334 6.33 16.90 25.47
C GLY B 334 7.14 15.92 26.29
N GLN B 335 7.14 15.97 27.62
CA GLN B 335 7.86 14.95 28.39
C GLN B 335 7.11 13.66 28.67
N LEU B 336 7.82 12.54 28.59
CA LEU B 336 7.31 11.29 29.12
C LEU B 336 7.54 11.39 30.63
N PRO B 337 6.77 10.75 31.50
CA PRO B 337 7.03 10.69 32.90
C PRO B 337 8.43 10.21 33.26
N ALA B 338 8.92 10.92 34.28
CA ALA B 338 10.17 10.58 34.95
C ALA B 338 10.12 9.16 35.54
N ASN B 339 11.13 8.52 34.98
CA ASN B 339 11.41 7.14 35.25
C ASN B 339 10.23 6.25 34.94
N TRP B 340 9.49 6.61 33.89
CA TRP B 340 8.37 5.78 33.49
C TRP B 340 8.91 4.37 33.17
N GLU B 341 10.13 4.38 32.62
CA GLU B 341 10.89 3.23 32.18
C GLU B 341 10.98 2.15 33.24
N SER B 342 10.99 2.51 34.53
CA SER B 342 11.13 1.52 35.58
C SER B 342 10.01 0.48 35.62
N LYS B 343 8.85 0.79 35.05
CA LYS B 343 7.73 -0.13 35.04
C LYS B 343 7.87 -1.23 33.96
N LEU B 344 8.93 -1.16 33.16
CA LEU B 344 9.14 -2.13 32.11
C LEU B 344 9.70 -3.47 32.55
N PRO B 345 9.13 -4.53 32.00
CA PRO B 345 9.44 -5.92 32.39
C PRO B 345 10.82 -6.46 32.04
N THR B 346 11.49 -7.04 33.03
CA THR B 346 12.73 -7.73 32.77
C THR B 346 12.57 -9.21 33.07
N TYR B 347 13.39 -10.04 32.42
CA TYR B 347 13.24 -11.47 32.47
C TYR B 347 14.59 -12.12 32.65
N THR B 348 14.62 -13.40 33.04
CA THR B 348 15.84 -14.17 33.08
C THR B 348 15.51 -15.42 32.27
N ALA B 349 16.52 -16.22 32.03
CA ALA B 349 16.36 -17.45 31.29
C ALA B 349 15.70 -18.55 32.12
N LYS B 350 15.30 -18.32 33.38
CA LYS B 350 14.52 -19.36 34.07
C LYS B 350 13.06 -19.18 33.65
N ASP B 351 12.74 -17.96 33.19
CA ASP B 351 11.40 -17.63 32.83
C ASP B 351 11.08 -18.38 31.55
N SER B 352 9.79 -18.46 31.26
CA SER B 352 9.39 -19.35 30.20
C SER B 352 9.28 -18.78 28.79
N ALA B 353 9.25 -19.75 27.85
CA ALA B 353 9.03 -19.45 26.47
C ALA B 353 7.62 -18.87 26.29
N VAL B 354 7.66 -17.72 25.61
CA VAL B 354 6.51 -16.89 25.36
C VAL B 354 6.77 -16.42 23.95
N ALA B 355 5.74 -16.28 23.13
CA ALA B 355 5.84 -15.62 21.83
C ALA B 355 6.07 -14.16 22.16
N THR B 356 6.86 -13.36 21.40
CA THR B 356 7.02 -11.95 21.74
C THR B 356 5.72 -11.13 21.62
N ARG B 357 4.69 -11.64 20.94
CA ARG B 357 3.31 -11.12 20.94
C ARG B 357 2.63 -11.15 22.34
N LYS B 358 2.80 -12.15 23.20
CA LYS B 358 2.18 -12.15 24.53
C LYS B 358 2.88 -11.15 25.43
N LEU B 359 4.20 -11.18 25.28
CA LEU B 359 5.11 -10.33 26.03
C LEU B 359 4.76 -8.89 25.77
N SER B 360 4.32 -8.59 24.54
CA SER B 360 3.89 -7.27 24.12
C SER B 360 2.73 -6.77 25.00
N GLU B 361 1.76 -7.70 25.10
CA GLU B 361 0.51 -7.49 25.80
C GLU B 361 0.80 -7.07 27.24
N THR B 362 1.76 -7.74 27.86
CA THR B 362 2.30 -7.44 29.18
C THR B 362 3.01 -6.10 29.29
N VAL B 363 3.75 -5.53 28.35
CA VAL B 363 4.29 -4.17 28.47
C VAL B 363 3.08 -3.24 28.50
N LEU B 364 2.13 -3.36 27.56
CA LEU B 364 0.88 -2.59 27.48
C LEU B 364 0.13 -2.62 28.78
N GLU B 365 -0.05 -3.83 29.24
CA GLU B 365 -0.61 -4.09 30.54
C GLU B 365 0.20 -3.41 31.66
N ASP B 366 1.53 -3.34 31.56
CA ASP B 366 2.33 -2.71 32.58
C ASP B 366 2.67 -1.26 32.34
N VAL B 367 2.28 -0.52 31.30
CA VAL B 367 2.60 0.89 31.20
C VAL B 367 1.41 1.74 30.82
N TYR B 368 0.21 1.28 30.47
CA TYR B 368 -0.85 2.20 30.06
C TYR B 368 -1.17 3.23 31.11
N ASN B 369 -1.24 2.80 32.35
CA ASN B 369 -1.62 3.72 33.39
C ASN B 369 -0.49 4.70 33.77
N GLN B 370 0.69 4.41 33.25
CA GLN B 370 1.86 5.22 33.48
C GLN B 370 1.77 6.40 32.54
N LEU B 371 1.30 6.04 31.34
CA LEU B 371 1.28 6.93 30.20
C LEU B 371 -0.12 7.24 29.71
N PRO B 372 -0.89 8.19 30.26
CA PRO B 372 -2.23 8.58 29.82
C PRO B 372 -2.36 9.08 28.39
N GLU B 373 -1.23 9.41 27.77
CA GLU B 373 -1.23 9.82 26.39
C GLU B 373 -1.26 8.63 25.47
N LEU B 374 -1.09 7.38 25.93
CA LEU B 374 -1.05 6.17 25.11
C LEU B 374 -2.46 5.74 24.73
N ILE B 375 -2.75 5.74 23.46
CA ILE B 375 -4.08 5.39 22.99
C ILE B 375 -3.75 4.31 21.95
N GLY B 376 -4.46 3.17 21.97
CA GLY B 376 -4.07 2.10 21.09
C GLY B 376 -5.20 1.52 20.30
N GLY B 377 -4.97 0.61 19.36
CA GLY B 377 -6.07 -0.01 18.70
C GLY B 377 -5.61 -1.12 17.78
N SER B 378 -6.60 -1.82 17.20
CA SER B 378 -6.29 -2.86 16.26
C SER B 378 -7.16 -2.72 15.01
N ALA B 379 -6.69 -3.23 13.86
CA ALA B 379 -7.52 -3.20 12.68
C ALA B 379 -8.14 -4.57 12.66
N ASP B 380 -9.17 -4.76 13.52
CA ASP B 380 -9.91 -6.02 13.62
C ASP B 380 -9.09 -7.25 13.99
N LEU B 381 -7.99 -7.11 14.71
CA LEU B 381 -7.22 -8.25 15.15
C LEU B 381 -6.88 -8.22 16.61
N THR B 382 -7.63 -7.50 17.45
CA THR B 382 -7.41 -7.39 18.90
C THR B 382 -7.09 -8.69 19.58
N PRO B 383 -7.83 -9.79 19.35
CA PRO B 383 -7.47 -11.07 19.91
C PRO B 383 -6.19 -11.67 19.32
N SER B 384 -5.76 -11.37 18.08
CA SER B 384 -4.54 -11.94 17.52
C SER B 384 -3.35 -11.08 17.81
N ASN B 385 -3.54 -9.78 18.02
CA ASN B 385 -2.43 -8.89 18.28
C ASN B 385 -2.17 -8.70 19.74
N LEU B 386 -3.28 -8.85 20.50
CA LEU B 386 -3.37 -8.74 21.95
C LEU B 386 -3.00 -7.31 22.36
N THR B 387 -3.67 -6.38 21.68
CA THR B 387 -3.41 -4.96 21.86
C THR B 387 -4.24 -4.31 22.95
N ARG B 388 -5.25 -4.98 23.49
CA ARG B 388 -6.06 -4.41 24.57
C ARG B 388 -5.46 -4.79 25.91
N TRP B 389 -5.24 -3.83 26.80
CA TRP B 389 -4.90 -4.15 28.16
C TRP B 389 -6.29 -4.42 28.76
N LYS B 390 -6.39 -5.13 29.88
CA LYS B 390 -7.70 -5.55 30.36
C LYS B 390 -8.68 -4.54 30.89
N GLU B 391 -8.16 -3.57 31.63
CA GLU B 391 -8.98 -2.53 32.22
C GLU B 391 -9.22 -1.38 31.21
N ALA B 392 -9.35 -1.64 29.90
CA ALA B 392 -9.47 -0.59 28.88
C ALA B 392 -10.92 -0.22 28.57
N LEU B 393 -11.15 1.02 28.13
CA LEU B 393 -12.50 1.48 27.76
C LEU B 393 -12.36 1.83 26.29
N ASP B 394 -13.34 1.52 25.46
CA ASP B 394 -13.22 1.81 24.05
C ASP B 394 -13.61 3.21 23.70
N PHE B 395 -12.78 3.65 22.77
CA PHE B 395 -12.92 4.97 22.23
C PHE B 395 -14.17 4.83 21.34
N GLN B 396 -15.31 5.42 21.78
CA GLN B 396 -16.56 5.39 21.06
C GLN B 396 -17.38 6.64 21.33
N PRO B 397 -18.48 6.92 20.59
CA PRO B 397 -19.50 7.90 20.95
C PRO B 397 -20.24 7.48 22.21
N PRO B 398 -20.64 8.32 23.19
CA PRO B 398 -21.35 7.90 24.41
C PRO B 398 -22.70 7.20 24.20
N SER B 399 -23.26 7.56 23.02
CA SER B 399 -24.45 7.00 22.41
C SER B 399 -24.27 5.51 22.18
N SER B 400 -23.03 5.02 21.97
CA SER B 400 -22.85 3.63 21.62
C SER B 400 -23.19 2.63 22.71
N GLY B 401 -22.82 2.92 23.98
CA GLY B 401 -22.99 1.96 25.06
C GLY B 401 -21.84 0.95 25.11
N SER B 402 -20.88 1.02 24.16
CA SER B 402 -19.64 0.23 24.10
C SER B 402 -18.49 1.10 24.66
N GLY B 403 -18.65 2.41 24.76
CA GLY B 403 -17.64 3.21 25.37
C GLY B 403 -18.02 4.64 25.29
N ASN B 404 -16.98 5.42 25.32
CA ASN B 404 -17.14 6.83 25.17
C ASN B 404 -15.76 7.36 24.77
N TYR B 405 -15.71 8.64 24.40
CA TYR B 405 -14.48 9.30 23.96
C TYR B 405 -13.39 9.56 25.01
N SER B 406 -13.55 9.16 26.27
CA SER B 406 -12.47 9.18 27.22
C SER B 406 -11.72 7.87 27.02
N GLY B 407 -12.32 6.87 26.32
CA GLY B 407 -11.66 5.63 26.10
C GLY B 407 -10.45 5.85 25.22
N ARG B 408 -9.46 5.02 25.50
CA ARG B 408 -8.13 5.01 24.90
C ARG B 408 -7.86 3.76 24.06
N TYR B 409 -8.86 2.97 23.65
CA TYR B 409 -8.63 1.87 22.71
C TYR B 409 -9.63 1.90 21.55
N ILE B 410 -9.11 2.07 20.32
CA ILE B 410 -9.89 2.23 19.11
C ILE B 410 -9.93 0.94 18.31
N ARG B 411 -11.08 0.72 17.68
CA ARG B 411 -11.35 -0.48 16.89
C ARG B 411 -11.46 0.10 15.49
N TYR B 412 -10.39 -0.06 14.75
CA TYR B 412 -10.26 0.58 13.45
C TYR B 412 -11.00 -0.04 12.30
N GLY B 413 -11.44 -1.30 12.40
CA GLY B 413 -12.13 -2.03 11.37
C GLY B 413 -11.09 -2.70 10.49
N ILE B 414 -11.45 -3.34 9.38
CA ILE B 414 -10.44 -3.88 8.47
C ILE B 414 -10.22 -2.69 7.52
N ARG B 415 -9.40 -1.78 8.06
CA ARG B 415 -9.04 -0.49 7.50
C ARG B 415 -7.56 -0.16 7.81
N GLU B 416 -6.56 -0.89 7.33
CA GLU B 416 -5.13 -0.62 7.61
C GLU B 416 -4.50 0.72 7.19
N HIS B 417 -4.75 1.21 5.96
CA HIS B 417 -4.16 2.45 5.50
C HIS B 417 -4.72 3.60 6.30
N ALA B 418 -6.06 3.64 6.44
CA ALA B 418 -6.71 4.62 7.29
C ALA B 418 -6.11 4.65 8.73
N MET B 419 -5.91 3.50 9.42
CA MET B 419 -5.23 3.47 10.71
C MET B 419 -3.87 4.19 10.61
N GLY B 420 -3.07 3.95 9.56
CA GLY B 420 -1.79 4.60 9.37
C GLY B 420 -1.84 6.15 9.47
N ALA B 421 -2.77 6.74 8.72
CA ALA B 421 -2.96 8.17 8.66
C ALA B 421 -3.80 8.79 9.80
N ILE B 422 -4.65 8.00 10.48
CA ILE B 422 -5.41 8.48 11.61
C ILE B 422 -4.34 8.55 12.69
N MET B 423 -3.54 7.54 13.00
CA MET B 423 -2.46 7.63 13.95
C MET B 423 -1.46 8.74 13.63
N ASN B 424 -1.26 9.03 12.36
CA ASN B 424 -0.38 10.13 12.01
C ASN B 424 -1.04 11.45 12.37
N GLY B 425 -2.37 11.55 12.29
CA GLY B 425 -3.09 12.76 12.72
C GLY B 425 -3.28 12.87 14.24
N ILE B 426 -3.48 11.75 14.93
CA ILE B 426 -3.58 11.75 16.39
C ILE B 426 -2.23 12.18 17.01
N SER B 427 -1.14 11.63 16.46
CA SER B 427 0.21 11.99 16.81
C SER B 427 0.32 13.48 16.58
N ALA B 428 0.02 13.92 15.33
CA ALA B 428 0.09 15.33 14.99
C ALA B 428 -0.73 16.34 15.84
N PHE B 429 -1.70 15.97 16.70
CA PHE B 429 -2.49 16.95 17.45
C PHE B 429 -1.68 17.68 18.53
N GLY B 430 -0.74 16.91 19.06
CA GLY B 430 0.11 17.38 20.13
C GLY B 430 -0.28 16.65 21.39
N ALA B 431 -0.32 17.38 22.51
CA ALA B 431 -0.57 16.86 23.86
C ALA B 431 0.13 15.53 24.09
N ASN B 432 1.36 15.43 23.55
CA ASN B 432 2.25 14.25 23.56
C ASN B 432 1.62 12.90 23.21
N TYR B 433 0.60 12.87 22.36
CA TYR B 433 -0.10 11.67 22.00
C TYR B 433 0.83 10.60 21.46
N LYS B 434 0.65 9.42 22.05
CA LYS B 434 1.39 8.25 21.64
C LYS B 434 0.46 7.16 21.07
N PRO B 435 0.05 7.22 19.78
CA PRO B 435 -0.81 6.20 19.18
C PRO B 435 -0.06 4.93 18.83
N TYR B 436 -0.67 3.75 18.96
CA TYR B 436 -0.10 2.53 18.45
C TYR B 436 -1.27 1.76 17.83
N GLY B 437 -0.95 1.17 16.68
CA GLY B 437 -1.91 0.42 15.91
C GLY B 437 -1.41 -0.97 15.61
N GLY B 438 -2.27 -1.94 15.82
CA GLY B 438 -1.92 -3.33 15.55
C GLY B 438 -2.54 -3.88 14.27
N THR B 439 -1.71 -4.70 13.64
CA THR B 439 -2.13 -5.49 12.51
C THR B 439 -1.04 -6.56 12.35
N PHE B 440 -1.20 -7.38 11.31
CA PHE B 440 -0.27 -8.43 10.96
C PHE B 440 0.82 -7.78 10.12
N LEU B 441 2.10 -8.10 10.32
CA LEU B 441 3.20 -7.57 9.52
C LEU B 441 2.99 -7.63 7.97
N ASN B 442 2.47 -8.68 7.35
CA ASN B 442 2.19 -8.63 5.93
C ASN B 442 1.22 -7.53 5.49
N PHE B 443 0.28 -7.05 6.33
CA PHE B 443 -0.69 -6.08 5.86
C PHE B 443 -0.44 -4.66 6.31
N VAL B 444 0.75 -4.49 6.88
CA VAL B 444 1.30 -3.15 7.11
C VAL B 444 1.56 -2.62 5.69
N SER B 445 1.78 -3.54 4.72
CA SER B 445 2.00 -3.22 3.34
C SER B 445 0.79 -2.60 2.72
N TYR B 446 -0.41 -2.86 3.27
CA TYR B 446 -1.67 -2.24 2.83
C TYR B 446 -1.74 -0.75 3.20
N ALA B 447 -0.84 -0.31 4.08
CA ALA B 447 -0.86 0.98 4.69
C ALA B 447 0.36 1.80 4.38
N ALA B 448 1.21 1.31 3.46
CA ALA B 448 2.42 2.02 2.98
C ALA B 448 2.30 3.47 2.57
N GLY B 449 1.25 4.01 1.92
CA GLY B 449 1.16 5.46 1.67
C GLY B 449 1.16 6.26 2.99
N ALA B 450 0.56 5.69 4.05
CA ALA B 450 0.57 6.33 5.33
C ALA B 450 1.91 6.11 6.01
N VAL B 451 2.39 4.85 6.09
CA VAL B 451 3.65 4.51 6.79
C VAL B 451 4.82 5.35 6.24
N ARG B 452 4.92 5.61 4.92
CA ARG B 452 5.98 6.43 4.34
C ARG B 452 6.04 7.84 4.89
N LEU B 453 4.87 8.42 5.13
CA LEU B 453 4.80 9.79 5.60
C LEU B 453 5.10 9.98 7.08
N SER B 454 4.99 8.86 7.82
CA SER B 454 5.38 8.84 9.22
C SER B 454 6.89 9.07 9.23
N ALA B 455 7.64 8.40 8.35
CA ALA B 455 9.07 8.62 8.20
C ALA B 455 9.40 10.02 7.71
N LEU B 456 8.79 10.51 6.62
CA LEU B 456 9.04 11.83 6.05
C LEU B 456 8.71 13.03 6.94
N SER B 457 7.48 13.15 7.46
CA SER B 457 7.09 14.19 8.37
C SER B 457 7.78 13.96 9.69
N GLY B 458 8.07 12.69 10.07
CA GLY B 458 8.68 12.35 11.35
C GLY B 458 7.61 12.15 12.43
N HIS B 459 6.48 11.47 12.16
CA HIS B 459 5.45 11.29 13.19
C HIS B 459 5.82 10.02 13.91
N PRO B 460 6.09 9.97 15.23
CA PRO B 460 6.60 8.80 15.94
C PRO B 460 5.55 7.77 16.34
N VAL B 461 4.81 7.27 15.34
CA VAL B 461 3.72 6.31 15.57
C VAL B 461 4.25 4.86 15.64
N ILE B 462 3.53 3.98 16.35
CA ILE B 462 3.98 2.61 16.60
C ILE B 462 3.01 1.65 15.94
N TRP B 463 3.51 0.77 15.08
CA TRP B 463 2.69 -0.33 14.58
C TRP B 463 3.18 -1.61 15.26
N VAL B 464 2.29 -2.31 15.95
CA VAL B 464 2.56 -3.54 16.64
C VAL B 464 2.13 -4.54 15.59
N ALA B 465 3.13 -5.04 14.88
CA ALA B 465 2.96 -5.94 13.77
C ALA B 465 3.29 -7.37 14.17
N THR B 466 2.24 -8.08 14.54
CA THR B 466 2.43 -9.45 14.95
C THR B 466 2.49 -10.35 13.72
N HIS B 467 2.82 -11.65 13.95
CA HIS B 467 2.82 -12.72 12.95
C HIS B 467 3.80 -12.46 11.79
N ASP B 468 5.01 -12.20 12.27
CA ASP B 468 6.17 -11.81 11.46
C ASP B 468 6.81 -12.74 10.41
N SER B 469 6.43 -14.03 10.23
CA SER B 469 7.16 -14.94 9.39
C SER B 469 6.36 -16.20 9.07
N ILE B 470 7.02 -17.21 8.47
CA ILE B 470 6.47 -18.56 8.25
C ILE B 470 6.09 -19.20 9.58
N GLY B 471 6.48 -18.64 10.74
CA GLY B 471 5.98 -19.08 12.04
C GLY B 471 4.46 -19.09 12.11
N VAL B 472 3.81 -18.28 11.28
CA VAL B 472 2.35 -18.23 11.09
C VAL B 472 1.73 -19.60 10.73
N GLY B 473 2.46 -20.34 9.88
CA GLY B 473 2.12 -21.70 9.49
C GLY B 473 0.97 -21.85 8.51
N GLU B 474 -0.03 -22.62 8.91
CA GLU B 474 -1.16 -23.02 8.07
C GLU B 474 -1.90 -22.02 7.24
N ASP B 475 -1.89 -20.75 7.62
CA ASP B 475 -2.53 -19.73 6.82
C ASP B 475 -1.78 -19.50 5.51
N GLY B 476 -0.50 -19.88 5.48
CA GLY B 476 0.30 -19.89 4.27
C GLY B 476 0.71 -18.53 3.67
N PRO B 477 1.15 -18.48 2.39
CA PRO B 477 1.87 -17.38 1.81
C PRO B 477 1.15 -16.05 1.63
N THR B 478 -0.18 -15.99 1.59
CA THR B 478 -0.87 -14.68 1.50
C THR B 478 -0.77 -13.85 2.80
N HIS B 479 -0.36 -14.55 3.87
CA HIS B 479 -0.30 -14.07 5.24
C HIS B 479 1.10 -14.25 5.81
N GLN B 480 2.18 -14.54 5.05
CA GLN B 480 3.49 -14.79 5.64
C GLN B 480 4.40 -13.76 5.01
N PRO B 481 5.01 -12.86 5.77
CA PRO B 481 5.92 -11.80 5.27
C PRO B 481 7.23 -12.34 4.69
N ILE B 482 7.77 -11.77 3.58
CA ILE B 482 9.02 -12.20 2.94
C ILE B 482 9.82 -10.90 2.81
N GLU B 483 9.48 -10.11 1.82
CA GLU B 483 10.02 -8.79 1.50
C GLU B 483 9.66 -7.62 2.45
N THR B 484 8.88 -7.79 3.51
CA THR B 484 8.39 -6.71 4.33
C THR B 484 9.35 -5.88 5.15
N LEU B 485 10.25 -6.57 5.87
CA LEU B 485 11.21 -5.86 6.73
C LEU B 485 12.20 -5.15 5.87
N ALA B 486 12.68 -5.86 4.86
CA ALA B 486 13.53 -5.38 3.77
C ALA B 486 13.01 -4.09 3.10
N HIS B 487 11.70 -4.01 2.82
CA HIS B 487 11.09 -2.76 2.37
C HIS B 487 11.24 -1.64 3.42
N PHE B 488 10.67 -1.81 4.62
CA PHE B 488 10.72 -0.72 5.56
C PHE B 488 12.13 -0.36 6.00
N ARG B 489 13.08 -1.29 5.95
CA ARG B 489 14.49 -1.00 6.23
C ARG B 489 15.06 -0.14 5.10
N SER B 490 14.49 -0.08 3.90
CA SER B 490 14.99 0.78 2.86
C SER B 490 14.37 2.16 2.88
N LEU B 491 13.44 2.42 3.79
CA LEU B 491 12.81 3.72 3.91
C LEU B 491 13.52 4.55 5.00
N PRO B 492 14.03 5.74 4.64
CA PRO B 492 14.68 6.62 5.61
C PRO B 492 13.80 6.91 6.83
N ASN B 493 14.35 6.86 8.01
CA ASN B 493 13.66 7.23 9.21
C ASN B 493 12.48 6.45 9.72
N ILE B 494 12.66 5.19 10.05
CA ILE B 494 11.65 4.44 10.78
C ILE B 494 12.45 3.34 11.50
N GLN B 495 12.22 3.08 12.79
CA GLN B 495 12.83 1.96 13.52
C GLN B 495 12.05 0.70 13.09
N VAL B 496 12.72 -0.41 12.83
CA VAL B 496 12.05 -1.68 12.48
C VAL B 496 12.61 -2.72 13.48
N TRP B 497 12.01 -2.81 14.66
CA TRP B 497 12.51 -3.64 15.75
C TRP B 497 11.93 -5.03 15.64
N ARG B 498 12.74 -6.09 15.67
CA ARG B 498 12.27 -7.47 15.67
C ARG B 498 12.89 -8.16 16.93
N PRO B 499 12.32 -7.88 18.13
CA PRO B 499 12.80 -8.37 19.41
C PRO B 499 12.75 -9.89 19.53
N ALA B 500 13.77 -10.44 20.17
CA ALA B 500 13.91 -11.88 20.32
C ALA B 500 13.27 -12.37 21.58
N ASP B 501 13.29 -11.61 22.67
CA ASP B 501 12.79 -12.12 23.94
C ASP B 501 12.22 -11.00 24.80
N GLY B 502 11.74 -11.27 26.01
CA GLY B 502 11.06 -10.31 26.86
C GLY B 502 11.83 -9.03 27.01
N ASN B 503 13.10 -9.10 27.37
CA ASN B 503 13.90 -7.91 27.55
C ASN B 503 14.15 -7.21 26.23
N GLU B 504 14.17 -7.92 25.10
CA GLU B 504 14.28 -7.26 23.81
C GLU B 504 12.98 -6.55 23.39
N VAL B 505 11.78 -6.97 23.87
CA VAL B 505 10.50 -6.30 23.61
C VAL B 505 10.50 -5.03 24.46
N SER B 506 10.88 -5.06 25.74
CA SER B 506 10.94 -3.85 26.57
C SER B 506 11.91 -2.77 26.05
N ALA B 507 12.98 -3.12 25.33
CA ALA B 507 13.88 -2.13 24.76
C ALA B 507 13.27 -1.56 23.47
N ALA B 508 12.53 -2.39 22.73
CA ALA B 508 11.77 -1.97 21.56
C ALA B 508 10.75 -0.97 22.05
N TYR B 509 9.89 -1.25 23.04
CA TYR B 509 9.02 -0.22 23.57
C TYR B 509 9.71 1.01 24.16
N LYS B 510 10.77 0.90 24.95
CA LYS B 510 11.49 2.05 25.48
C LYS B 510 11.93 3.02 24.42
N ASN B 511 12.59 2.49 23.40
CA ASN B 511 13.10 3.33 22.33
C ASN B 511 11.97 3.88 21.48
N SER B 512 10.99 3.08 21.10
CA SER B 512 9.81 3.53 20.39
C SER B 512 9.07 4.74 20.99
N LEU B 513 8.79 4.72 22.29
CA LEU B 513 8.14 5.78 23.01
C LEU B 513 9.03 6.97 23.34
N GLU B 514 10.32 6.79 23.60
CA GLU B 514 11.15 7.95 23.87
C GLU B 514 11.39 8.79 22.62
N SER B 515 11.16 8.18 21.45
CA SER B 515 11.30 8.80 20.14
C SER B 515 10.40 10.03 19.93
N LYS B 516 10.95 11.13 19.45
CA LYS B 516 10.12 12.26 19.10
C LYS B 516 9.92 12.40 17.60
N HIS B 517 10.75 11.81 16.74
CA HIS B 517 10.65 12.13 15.32
C HIS B 517 10.71 10.91 14.42
N THR B 518 10.77 9.70 14.96
CA THR B 518 10.99 8.55 14.12
C THR B 518 9.90 7.55 14.43
N PRO B 519 9.08 7.15 13.46
CA PRO B 519 8.12 6.08 13.65
C PRO B 519 8.77 4.74 14.03
N SER B 520 7.98 3.71 14.28
CA SER B 520 8.50 2.40 14.66
C SER B 520 7.50 1.31 14.28
N ILE B 521 8.08 0.19 13.80
CA ILE B 521 7.31 -1.00 13.58
C ILE B 521 7.92 -2.05 14.49
N ILE B 522 7.11 -2.72 15.31
CA ILE B 522 7.63 -3.80 16.15
C ILE B 522 7.09 -5.14 15.60
N ALA B 523 7.95 -6.00 15.05
CA ALA B 523 7.55 -7.22 14.37
C ALA B 523 7.61 -8.33 15.39
N LEU B 524 6.49 -8.95 15.68
CA LEU B 524 6.33 -9.89 16.78
C LEU B 524 5.95 -11.33 16.43
N SER B 525 6.49 -12.35 17.12
CA SER B 525 6.23 -13.75 16.79
C SER B 525 4.83 -14.15 17.20
N ARG B 526 4.28 -15.05 16.40
CA ARG B 526 3.04 -15.71 16.75
C ARG B 526 3.44 -16.76 17.79
N GLN B 527 4.50 -17.54 17.48
CA GLN B 527 5.09 -18.67 18.21
C GLN B 527 5.99 -18.45 19.45
N ASN B 528 6.16 -19.48 20.27
CA ASN B 528 6.90 -19.34 21.50
C ASN B 528 8.40 -19.40 21.29
N LEU B 529 9.02 -18.37 21.84
CA LEU B 529 10.45 -18.23 21.77
C LEU B 529 10.91 -18.32 23.24
N PRO B 530 12.08 -18.88 23.62
CA PRO B 530 12.63 -18.83 24.98
C PRO B 530 13.22 -17.49 25.36
N GLN B 531 13.59 -17.37 26.64
CA GLN B 531 14.25 -16.20 27.22
C GLN B 531 15.77 -16.43 27.08
N LEU B 532 16.44 -15.56 26.32
CA LEU B 532 17.84 -15.71 25.99
C LEU B 532 18.72 -15.43 27.16
N GLU B 533 19.84 -16.12 27.22
CA GLU B 533 20.76 -15.84 28.27
C GLU B 533 21.70 -14.80 27.68
N GLY B 534 21.56 -13.55 28.14
CA GLY B 534 22.47 -12.51 27.68
C GLY B 534 21.84 -11.18 27.26
N SER B 535 20.54 -11.17 27.02
CA SER B 535 19.86 -9.96 26.60
C SER B 535 19.54 -8.96 27.72
N SER B 536 19.95 -7.71 27.75
CA SER B 536 19.38 -6.86 28.75
C SER B 536 18.60 -5.82 27.96
N ILE B 537 17.91 -4.92 28.68
CA ILE B 537 17.21 -3.83 28.02
C ILE B 537 18.28 -2.91 27.51
N GLU B 538 19.29 -2.72 28.32
CA GLU B 538 20.34 -1.76 28.06
C GLU B 538 21.12 -2.10 26.81
N SER B 539 21.52 -3.34 26.62
CA SER B 539 22.25 -3.64 25.43
C SER B 539 21.28 -3.73 24.28
N ALA B 540 20.04 -4.26 24.41
CA ALA B 540 19.14 -4.34 23.27
C ALA B 540 18.77 -2.94 22.72
N SER B 541 18.71 -1.98 23.64
CA SER B 541 18.51 -0.58 23.31
C SER B 541 19.60 -0.04 22.38
N LYS B 542 20.82 -0.53 22.29
CA LYS B 542 21.81 0.03 21.39
C LYS B 542 21.56 -0.47 19.97
N GLY B 543 20.48 -1.24 19.76
CA GLY B 543 20.04 -1.58 18.44
C GLY B 543 20.61 -2.85 17.98
N GLY B 544 21.84 -3.17 18.33
CA GLY B 544 22.48 -4.44 18.00
C GLY B 544 23.60 -4.68 19.03
N TYR B 545 23.85 -5.91 19.46
CA TYR B 545 24.80 -6.18 20.50
C TYR B 545 25.26 -7.63 20.37
N VAL B 546 26.32 -8.03 21.09
CA VAL B 546 26.91 -9.35 21.18
C VAL B 546 26.15 -10.05 22.30
N LEU B 547 25.36 -11.05 21.95
CA LEU B 547 24.64 -11.77 22.97
C LEU B 547 25.52 -12.85 23.59
N GLN B 548 26.38 -13.56 22.87
CA GLN B 548 27.27 -14.55 23.42
C GLN B 548 28.55 -14.34 22.69
N ASP B 549 29.63 -14.41 23.42
CA ASP B 549 30.92 -14.11 22.88
C ASP B 549 31.82 -15.27 23.22
N VAL B 550 32.85 -15.43 22.41
CA VAL B 550 33.83 -16.43 22.67
C VAL B 550 35.11 -15.71 22.44
N ALA B 551 36.21 -16.17 22.98
CA ALA B 551 37.47 -15.55 22.57
C ALA B 551 37.79 -16.27 21.25
N ASN B 552 38.23 -15.43 20.31
CA ASN B 552 38.62 -15.80 18.95
C ASN B 552 37.61 -16.66 18.18
N PRO B 553 36.44 -16.08 17.86
CA PRO B 553 35.41 -16.76 17.13
C PRO B 553 35.86 -17.21 15.76
N ASP B 554 35.46 -18.37 15.34
CA ASP B 554 35.65 -18.78 13.97
C ASP B 554 34.61 -18.08 13.09
N ILE B 555 33.45 -17.77 13.66
CA ILE B 555 32.41 -17.13 12.88
C ILE B 555 31.56 -16.21 13.76
N ILE B 556 30.89 -15.22 13.20
CA ILE B 556 29.95 -14.38 13.96
C ILE B 556 28.64 -14.60 13.22
N LEU B 557 27.65 -15.07 13.96
CA LEU B 557 26.32 -15.38 13.44
C LEU B 557 25.45 -14.22 13.87
N VAL B 558 24.80 -13.53 12.95
CA VAL B 558 24.04 -12.34 13.30
C VAL B 558 22.60 -12.72 13.05
N ALA B 559 21.68 -12.52 13.96
CA ALA B 559 20.33 -13.00 13.75
C ALA B 559 19.34 -12.03 14.33
N THR B 560 18.07 -12.09 13.97
CA THR B 560 17.12 -11.19 14.58
C THR B 560 15.95 -12.06 15.00
N GLY B 561 15.16 -11.53 15.94
CA GLY B 561 13.91 -12.13 16.37
C GLY B 561 13.90 -13.64 16.59
N SER B 562 13.00 -14.43 15.97
CA SER B 562 13.02 -15.88 16.24
C SER B 562 14.31 -16.66 15.89
N GLU B 563 15.26 -16.06 15.13
CA GLU B 563 16.47 -16.77 14.71
C GLU B 563 17.68 -16.68 15.61
N VAL B 564 17.68 -15.73 16.53
CA VAL B 564 18.71 -15.60 17.54
C VAL B 564 18.69 -16.91 18.36
N SER B 565 17.57 -17.45 18.88
CA SER B 565 17.69 -18.67 19.67
C SER B 565 18.21 -19.87 18.88
N LEU B 566 17.77 -19.99 17.62
CA LEU B 566 18.27 -20.96 16.68
C LEU B 566 19.77 -20.87 16.57
N SER B 567 20.33 -19.65 16.46
CA SER B 567 21.78 -19.41 16.41
C SER B 567 22.50 -19.78 17.72
N VAL B 568 21.89 -19.52 18.88
CA VAL B 568 22.41 -19.93 20.16
C VAL B 568 22.44 -21.47 20.16
N GLU B 569 21.38 -22.19 19.75
CA GLU B 569 21.42 -23.64 19.54
C GLU B 569 22.40 -24.13 18.47
N ALA B 570 22.54 -23.42 17.36
CA ALA B 570 23.44 -23.79 16.29
C ALA B 570 24.86 -23.65 16.78
N ALA B 571 25.09 -22.66 17.68
CA ALA B 571 26.37 -22.34 18.27
C ALA B 571 26.71 -23.41 19.26
N LYS B 572 25.65 -23.95 19.90
CA LYS B 572 25.83 -25.04 20.83
C LYS B 572 26.26 -26.22 19.97
N THR B 573 25.64 -26.57 18.86
CA THR B 573 26.16 -27.64 18.05
C THR B 573 27.57 -27.43 17.57
N LEU B 574 27.93 -26.20 17.20
CA LEU B 574 29.24 -25.96 16.58
C LEU B 574 30.38 -26.12 17.53
N ALA B 575 30.11 -25.81 18.78
CA ALA B 575 31.08 -25.90 19.85
C ALA B 575 31.47 -27.33 20.03
N ALA B 576 30.45 -28.18 19.96
CA ALA B 576 30.61 -29.61 20.10
C ALA B 576 31.59 -30.14 19.07
N LYS B 577 31.69 -29.49 17.90
CA LYS B 577 32.62 -29.85 16.84
C LYS B 577 33.78 -28.86 16.80
N ASN B 578 34.04 -28.19 17.93
CA ASN B 578 35.08 -27.19 18.12
C ASN B 578 35.19 -25.97 17.21
N ILE B 579 34.03 -25.39 16.82
CA ILE B 579 34.02 -24.11 16.13
C ILE B 579 33.40 -23.16 17.13
N LYS B 580 34.15 -22.05 17.25
CA LYS B 580 33.85 -20.97 18.14
C LYS B 580 32.98 -19.91 17.49
N ALA B 581 31.71 -19.78 17.84
CA ALA B 581 30.85 -18.79 17.22
C ALA B 581 30.48 -17.67 18.19
N ARG B 582 30.56 -16.41 17.79
CA ARG B 582 30.00 -15.37 18.59
C ARG B 582 28.59 -15.18 18.02
N VAL B 583 27.59 -14.95 18.88
CA VAL B 583 26.20 -14.72 18.46
C VAL B 583 25.83 -13.28 18.75
N VAL B 584 25.60 -12.53 17.65
CA VAL B 584 25.19 -11.12 17.66
C VAL B 584 23.72 -11.05 17.40
N SER B 585 23.01 -10.38 18.28
CA SER B 585 21.58 -10.21 18.16
C SER B 585 21.43 -8.82 17.62
N LEU B 586 20.82 -8.64 16.44
CA LEU B 586 20.65 -7.33 15.83
C LEU B 586 19.18 -6.82 15.80
N PRO B 587 18.54 -6.34 16.91
CA PRO B 587 17.08 -6.12 16.96
C PRO B 587 16.50 -4.95 16.14
N ASP B 588 17.33 -3.90 15.89
CA ASP B 588 16.93 -2.82 15.02
C ASP B 588 18.06 -2.20 14.20
N PHE B 589 17.95 -2.39 12.88
CA PHE B 589 18.93 -1.89 11.93
C PHE B 589 19.19 -0.39 12.12
N PHE B 590 18.13 0.38 12.39
CA PHE B 590 18.16 1.82 12.54
C PHE B 590 18.88 2.30 13.77
N THR B 591 18.48 1.82 14.95
CA THR B 591 19.15 2.17 16.21
C THR B 591 20.61 1.76 16.17
N PHE B 592 20.88 0.57 15.63
CA PHE B 592 22.24 0.08 15.47
C PHE B 592 23.07 1.07 14.67
N ASP B 593 22.64 1.36 13.46
CA ASP B 593 23.22 2.37 12.61
C ASP B 593 23.47 3.73 13.25
N LYS B 594 22.69 4.07 14.28
CA LYS B 594 22.88 5.30 14.97
C LYS B 594 23.99 5.17 16.00
N GLN B 595 24.58 4.01 16.23
CA GLN B 595 25.63 3.91 17.24
C GLN B 595 26.91 4.44 16.63
N PRO B 596 27.89 4.88 17.41
CA PRO B 596 29.19 5.21 16.90
C PRO B 596 29.88 4.01 16.26
N LEU B 597 30.66 4.28 15.22
CA LEU B 597 31.33 3.22 14.48
C LEU B 597 32.27 2.40 15.36
N GLU B 598 32.93 2.97 16.37
CA GLU B 598 33.74 2.26 17.37
C GLU B 598 32.88 1.09 17.88
N TYR B 599 31.64 1.39 18.27
CA TYR B 599 30.79 0.39 18.84
C TYR B 599 30.38 -0.60 17.76
N ARG B 600 29.91 -0.13 16.61
CA ARG B 600 29.42 -1.02 15.56
C ARG B 600 30.51 -2.00 15.15
N LEU B 601 31.70 -1.51 14.84
CA LEU B 601 32.89 -2.30 14.55
C LEU B 601 33.32 -3.20 15.69
N SER B 602 32.95 -2.93 16.93
CA SER B 602 33.31 -3.90 17.90
C SER B 602 32.30 -5.04 17.78
N VAL B 603 31.06 -4.76 17.34
CA VAL B 603 30.05 -5.81 17.27
C VAL B 603 30.36 -6.67 16.07
N LEU B 604 30.64 -6.06 14.93
CA LEU B 604 30.95 -6.78 13.71
C LEU B 604 32.29 -6.27 13.19
N PRO B 605 33.37 -6.87 13.67
CA PRO B 605 34.72 -6.52 13.26
C PRO B 605 35.26 -7.04 11.94
N ASP B 606 36.57 -6.82 11.72
CA ASP B 606 37.35 -7.32 10.58
C ASP B 606 37.95 -8.65 10.97
N ASN B 607 38.15 -9.45 9.95
CA ASN B 607 38.81 -10.73 9.97
C ASN B 607 37.96 -11.86 10.48
N VAL B 608 36.66 -11.77 10.71
CA VAL B 608 35.90 -12.99 11.02
C VAL B 608 34.86 -13.08 9.91
N PRO B 609 34.47 -14.23 9.35
CA PRO B 609 33.24 -14.38 8.56
C PRO B 609 31.97 -14.06 9.34
N ILE B 610 31.01 -13.44 8.66
CA ILE B 610 29.75 -13.12 9.31
C ILE B 610 28.68 -13.74 8.39
N MET B 611 27.77 -14.50 8.98
CA MET B 611 26.66 -15.10 8.27
C MET B 611 25.42 -14.69 9.09
N SER B 612 24.42 -14.16 8.39
CA SER B 612 23.21 -13.69 9.01
C SER B 612 22.18 -14.78 8.94
N VAL B 613 21.26 -14.81 9.92
CA VAL B 613 20.17 -15.78 10.00
C VAL B 613 18.85 -15.04 10.31
N GLU B 614 17.92 -15.05 9.36
CA GLU B 614 16.57 -14.49 9.51
C GLU B 614 15.70 -15.11 8.40
N VAL B 615 14.51 -15.67 8.73
CA VAL B 615 13.63 -16.35 7.76
C VAL B 615 12.80 -15.46 6.81
N LEU B 616 13.44 -14.44 6.25
CA LEU B 616 12.80 -13.52 5.32
C LEU B 616 13.81 -13.11 4.22
N ALA B 617 13.56 -12.13 3.34
CA ALA B 617 14.45 -11.78 2.22
C ALA B 617 15.88 -11.50 2.61
N THR B 618 16.85 -12.02 1.86
CA THR B 618 18.27 -11.83 2.15
C THR B 618 18.86 -10.55 1.61
N THR B 619 18.11 -9.78 0.86
CA THR B 619 18.65 -8.70 0.09
C THR B 619 19.30 -7.61 0.92
N CYS B 620 18.53 -7.09 1.87
CA CYS B 620 18.94 -6.06 2.84
C CYS B 620 20.19 -6.36 3.72
N TRP B 621 20.65 -7.62 3.74
CA TRP B 621 21.65 -8.06 4.68
C TRP B 621 23.14 -7.90 4.36
N GLY B 622 23.48 -7.57 3.13
CA GLY B 622 24.87 -7.36 2.75
C GLY B 622 25.58 -6.20 3.46
N LYS B 623 24.95 -5.43 4.37
CA LYS B 623 25.65 -4.31 4.99
C LYS B 623 26.24 -4.60 6.38
N TYR B 624 26.20 -5.89 6.74
CA TYR B 624 26.58 -6.42 8.03
C TYR B 624 27.16 -7.82 7.85
N ALA B 625 26.47 -8.67 7.08
CA ALA B 625 26.89 -10.02 6.87
C ALA B 625 27.62 -10.25 5.56
N HIS B 626 28.53 -11.26 5.61
CA HIS B 626 29.36 -11.76 4.50
C HIS B 626 28.55 -12.77 3.73
N GLN B 627 27.84 -13.68 4.42
CA GLN B 627 26.94 -14.63 3.77
C GLN B 627 25.59 -14.52 4.50
N SER B 628 24.45 -14.90 3.92
CA SER B 628 23.19 -14.74 4.58
C SER B 628 22.28 -15.96 4.47
N PHE B 629 21.68 -16.53 5.52
CA PHE B 629 20.82 -17.67 5.34
C PHE B 629 19.45 -17.05 5.61
N GLY B 630 18.59 -16.95 4.59
CA GLY B 630 17.29 -16.28 4.69
C GLY B 630 16.31 -16.93 3.75
N ILE B 631 15.12 -16.38 3.47
CA ILE B 631 14.18 -16.94 2.51
C ILE B 631 13.79 -15.90 1.47
N ASP B 632 14.09 -16.22 0.21
CA ASP B 632 13.79 -15.38 -0.94
C ASP B 632 12.78 -16.01 -1.92
N ARG B 633 11.87 -16.87 -1.44
CA ARG B 633 10.75 -17.30 -2.24
C ARG B 633 9.58 -17.18 -1.29
N PHE B 634 8.34 -17.24 -1.79
CA PHE B 634 7.17 -17.12 -0.96
C PHE B 634 7.03 -18.28 0.05
N GLY B 635 6.09 -18.25 1.00
CA GLY B 635 6.02 -19.25 2.07
C GLY B 635 5.25 -20.50 1.69
N ALA B 636 4.67 -21.14 2.70
CA ALA B 636 4.05 -22.44 2.49
C ALA B 636 3.00 -22.71 3.55
N SER B 637 1.89 -23.36 3.21
CA SER B 637 0.90 -23.74 4.24
C SER B 637 1.48 -24.99 4.92
N GLY B 638 1.45 -25.13 6.24
CA GLY B 638 1.97 -26.32 6.87
C GLY B 638 2.02 -26.01 8.33
N LYS B 639 2.21 -26.99 9.21
CA LYS B 639 2.39 -26.63 10.62
C LYS B 639 3.73 -25.86 10.63
N ALA B 640 3.87 -24.69 11.28
CA ALA B 640 5.10 -23.90 11.30
C ALA B 640 6.42 -24.59 11.65
N PRO B 641 6.57 -25.60 12.52
CA PRO B 641 7.82 -26.33 12.68
C PRO B 641 8.23 -27.02 11.39
N GLU B 642 7.21 -27.58 10.70
CA GLU B 642 7.39 -28.28 9.44
C GLU B 642 7.82 -27.32 8.34
N VAL B 643 7.30 -26.08 8.38
CA VAL B 643 7.63 -25.02 7.42
C VAL B 643 9.07 -24.54 7.68
N PHE B 644 9.51 -24.29 8.92
CA PHE B 644 10.90 -23.94 9.19
C PHE B 644 11.87 -25.04 8.75
N LYS B 645 11.62 -26.30 9.09
CA LYS B 645 12.41 -27.45 8.70
C LYS B 645 12.47 -27.63 7.17
N PHE B 646 11.37 -27.38 6.47
CA PHE B 646 11.28 -27.38 5.02
C PHE B 646 12.34 -26.45 4.52
N PHE B 647 12.26 -25.20 4.95
CA PHE B 647 13.20 -24.20 4.48
C PHE B 647 14.62 -24.41 5.03
N GLY B 648 14.85 -25.27 6.02
CA GLY B 648 16.19 -25.63 6.49
C GLY B 648 16.63 -24.85 7.70
N PHE B 649 15.68 -24.21 8.38
CA PHE B 649 16.04 -23.38 9.50
C PHE B 649 15.90 -24.19 10.74
N THR B 650 16.89 -25.08 10.92
CA THR B 650 16.98 -25.97 12.06
C THR B 650 18.38 -25.78 12.60
N PRO B 651 18.75 -26.15 13.87
CA PRO B 651 20.06 -25.86 14.49
C PRO B 651 21.23 -26.39 13.68
N GLU B 652 21.16 -27.68 13.39
CA GLU B 652 22.16 -28.32 12.58
C GLU B 652 22.22 -27.75 11.15
N GLY B 653 21.10 -27.29 10.57
CA GLY B 653 21.06 -26.76 9.21
C GLY B 653 21.76 -25.43 9.13
N VAL B 654 21.57 -24.62 10.16
CA VAL B 654 22.24 -23.33 10.25
C VAL B 654 23.74 -23.67 10.46
N ALA B 655 24.07 -24.56 11.40
CA ALA B 655 25.44 -24.83 11.74
C ALA B 655 26.28 -25.18 10.52
N GLU B 656 25.67 -26.01 9.67
CA GLU B 656 26.24 -26.50 8.41
C GLU B 656 26.60 -25.36 7.46
N ARG B 657 25.72 -24.37 7.34
CA ARG B 657 26.02 -23.21 6.55
C ARG B 657 27.15 -22.41 7.15
N ALA B 658 27.31 -22.38 8.48
CA ALA B 658 28.42 -21.71 9.14
C ALA B 658 29.74 -22.39 8.84
N GLN B 659 29.71 -23.73 8.90
CA GLN B 659 30.83 -24.56 8.51
C GLN B 659 31.19 -24.32 7.05
N LYS B 660 30.25 -24.30 6.10
CA LYS B 660 30.54 -23.96 4.70
C LYS B 660 31.08 -22.50 4.50
N THR B 661 30.62 -21.56 5.32
CA THR B 661 31.16 -20.21 5.28
C THR B 661 32.62 -20.20 5.75
N ILE B 662 32.95 -20.91 6.83
CA ILE B 662 34.32 -20.98 7.29
C ILE B 662 35.27 -21.51 6.19
N ALA B 663 34.84 -22.63 5.61
CA ALA B 663 35.61 -23.32 4.58
C ALA B 663 35.83 -22.46 3.33
N PHE B 664 34.79 -21.72 2.95
CA PHE B 664 34.80 -20.86 1.78
C PHE B 664 35.78 -19.71 1.92
N TYR B 665 36.01 -19.23 3.15
CA TYR B 665 36.82 -18.04 3.33
C TYR B 665 38.16 -18.31 3.96
N LYS B 666 38.40 -19.59 4.26
CA LYS B 666 39.59 -19.95 5.00
C LYS B 666 40.81 -19.53 4.20
N GLY B 667 41.56 -18.63 4.85
CA GLY B 667 42.80 -18.09 4.32
C GLY B 667 42.55 -16.86 3.47
N ASP B 668 41.52 -16.07 3.79
CA ASP B 668 41.23 -14.80 3.16
C ASP B 668 41.18 -13.86 4.34
N LYS B 669 41.70 -12.64 4.25
CA LYS B 669 41.51 -11.74 5.39
C LYS B 669 40.17 -11.07 5.07
N LEU B 670 39.36 -10.74 6.11
CA LEU B 670 38.03 -10.19 5.90
C LEU B 670 37.81 -8.81 6.50
N ILE B 671 37.09 -8.00 5.72
CA ILE B 671 36.81 -6.60 6.07
C ILE B 671 35.34 -6.54 6.47
N SER B 672 35.00 -5.88 7.56
CA SER B 672 33.63 -5.79 8.02
C SER B 672 32.78 -5.12 6.94
N PRO B 673 31.60 -5.67 6.59
CA PRO B 673 30.60 -5.02 5.74
C PRO B 673 30.30 -3.57 6.12
N LEU B 674 30.59 -3.19 7.38
CA LEU B 674 30.40 -1.82 7.87
C LEU B 674 31.32 -0.75 7.30
N LYS B 675 32.49 -1.11 6.75
CA LYS B 675 33.50 -0.14 6.36
C LYS B 675 33.24 0.25 4.94
N LYS B 676 33.09 1.57 4.89
CA LYS B 676 32.71 2.30 3.70
C LYS B 676 33.89 3.13 3.20
N ALA B 677 34.02 3.25 1.88
CA ALA B 677 35.14 3.95 1.28
C ALA B 677 34.85 5.42 0.96
N PHE B 678 33.64 5.94 1.02
CA PHE B 678 33.38 7.35 0.74
C PHE B 678 32.08 7.79 1.46
CA CA C . -18.42 -11.34 8.61
N1' N3T D . -6.37 -7.70 6.50
C2' N3T D . -6.27 -8.18 5.25
CM2 N3T D . -5.88 -7.27 4.15
C3' N3T D . -6.57 -9.51 5.01
C4' N3T D . -6.73 -10.34 6.14
N4' N3T D . -7.03 -11.59 5.87
C5' N3T D . -6.90 -9.81 7.42
C6' N3T D . -6.69 -8.51 7.56
C7' N3T D . -7.46 -10.64 8.55
N3 N3T D . -8.95 -10.88 8.41
C2 N3T D . -9.49 -11.97 7.84
S1 N3T D . -11.18 -12.02 7.96
C5 N3T D . -11.14 -10.55 8.85
C4 N3T D . -9.84 -10.12 9.03
CM4 N3T D . -9.37 -9.02 9.95
C6 N3T D . -12.37 -10.02 9.55
C7 N3T D . -13.70 -10.64 9.30
O7 N3T D . -14.12 -10.30 7.96
PA N3T D . -15.39 -11.01 7.36
O1A N3T D . -15.34 -10.98 5.87
O2A N3T D . -16.67 -10.41 7.94
O3A N3T D . -15.45 -12.55 7.85
PB N3T D . -16.52 -13.40 8.70
O1B N3T D . -17.78 -12.80 8.19
O2B N3T D . -16.31 -13.02 10.10
O3B N3T D . -16.26 -14.80 8.41
CA CA E . -10.42 18.53 -9.40
N1' N3T F . -1.27 9.60 -6.89
C2' N3T F . -1.48 10.00 -5.61
CM2 N3T F . -1.64 8.98 -4.57
C3' N3T F . -1.18 11.32 -5.25
C4' N3T F . -0.94 12.20 -6.32
N4' N3T F . -0.60 13.40 -5.99
C5' N3T F . -1.22 11.82 -7.66
C6' N3T F . -1.15 10.51 -7.91
C7' N3T F . -1.14 12.84 -8.79
N3 N3T F . -2.28 13.88 -8.79
C2 N3T F . -2.27 15.05 -8.11
S1 N3T F . -3.71 15.90 -8.30
C5 N3T F . -4.33 14.60 -9.27
C4 N3T F . -3.38 13.68 -9.51
CM4 N3T F . -3.52 12.44 -10.37
C6 N3T F . -5.73 14.57 -9.80
C7 N3T F . -6.46 15.84 -9.90
O7 N3T F . -6.70 16.01 -8.51
PA N3T F . -7.77 16.97 -7.97
O1A N3T F . -7.83 16.69 -6.50
O2A N3T F . -9.06 16.82 -8.72
O3A N3T F . -7.30 18.48 -8.24
PB N3T F . -7.77 19.72 -9.13
O1B N3T F . -7.08 20.89 -8.59
O2B N3T F . -9.24 19.61 -8.93
O3B N3T F . -7.33 19.27 -10.45
#